data_1KS6
#
_entry.id   1KS6
#
_entity_poly.entity_id   1
_entity_poly.type   'polypeptide(L)'
_entity_poly.pdbx_seq_one_letter_code
;QLPRLCKFCDVKATTCSNQDQCTSNCNITSICEKNNEVCAAVWRRNDENVTLETICHDPQKRLYGHMLDDSSSEQCVMKE
KKDDGGLMFMCSCTGEECNDVLIFSAI
;
_entity_poly.pdbx_strand_id   A
#
# COMPACT_ATOMS: atom_id res chain seq x y z
N GLN A 1 -18.95 13.82 1.88
CA GLN A 1 -17.90 13.67 0.88
C GLN A 1 -18.02 12.31 0.21
N LEU A 2 -17.02 11.95 -0.59
CA LEU A 2 -17.02 10.69 -1.29
C LEU A 2 -16.88 9.55 -0.29
N PRO A 3 -17.30 8.34 -0.70
CA PRO A 3 -17.25 7.15 0.11
C PRO A 3 -15.80 6.68 0.26
N ARG A 4 -15.54 5.44 -0.13
CA ARG A 4 -14.21 4.88 -0.03
C ARG A 4 -13.72 4.46 -1.42
N LEU A 5 -12.56 4.99 -1.83
CA LEU A 5 -12.00 4.67 -3.12
C LEU A 5 -10.51 4.39 -2.98
N CYS A 6 -10.05 3.30 -3.59
CA CYS A 6 -8.65 2.92 -3.54
C CYS A 6 -8.25 2.23 -4.83
N LYS A 7 -6.95 2.25 -5.14
CA LYS A 7 -6.45 1.62 -6.35
C LYS A 7 -6.47 0.09 -6.18
N PHE A 8 -6.92 -0.60 -7.22
CA PHE A 8 -6.98 -2.06 -7.20
C PHE A 8 -6.19 -2.63 -8.35
N CYS A 9 -4.87 -2.77 -8.18
CA CYS A 9 -4.02 -3.31 -9.21
C CYS A 9 -3.22 -4.48 -8.65
N ASP A 10 -2.94 -5.47 -9.51
CA ASP A 10 -2.19 -6.64 -9.11
C ASP A 10 -0.74 -6.27 -8.87
N VAL A 11 0.02 -7.17 -8.23
CA VAL A 11 1.41 -6.92 -7.93
C VAL A 11 2.24 -7.14 -9.19
N LYS A 12 2.85 -6.07 -9.70
CA LYS A 12 3.68 -6.14 -10.89
C LYS A 12 4.95 -5.35 -10.70
N ALA A 13 5.96 -5.62 -11.53
CA ALA A 13 7.23 -4.92 -11.44
C ALA A 13 7.00 -3.43 -11.41
N THR A 14 7.34 -2.80 -10.28
CA THR A 14 7.16 -1.37 -10.12
C THR A 14 8.51 -0.67 -10.17
N THR A 15 8.49 0.66 -10.35
CA THR A 15 9.72 1.43 -10.43
C THR A 15 9.76 2.44 -9.28
N CYS A 16 8.95 2.20 -8.25
CA CYS A 16 8.89 3.09 -7.11
C CYS A 16 10.00 2.74 -6.13
N SER A 17 10.67 3.77 -5.59
CA SER A 17 11.76 3.56 -4.65
C SER A 17 11.30 3.95 -3.24
N ASN A 18 12.09 3.59 -2.24
CA ASN A 18 11.77 3.90 -0.86
C ASN A 18 11.99 5.39 -0.60
N GLN A 19 11.16 6.24 -1.21
CA GLN A 19 11.26 7.67 -1.04
C GLN A 19 10.17 8.16 -0.11
N ASP A 20 10.39 9.33 0.51
CA ASP A 20 9.42 9.90 1.43
C ASP A 20 8.03 9.76 0.85
N GLN A 21 7.91 9.86 -0.48
CA GLN A 21 6.63 9.76 -1.15
C GLN A 21 6.79 8.98 -2.44
N CYS A 22 5.94 7.97 -2.65
CA CYS A 22 5.99 7.15 -3.84
C CYS A 22 4.58 6.90 -4.35
N THR A 23 4.47 6.46 -5.60
CA THR A 23 3.17 6.17 -6.19
C THR A 23 3.04 4.69 -6.47
N SER A 24 1.80 4.20 -6.54
CA SER A 24 1.53 2.80 -6.80
C SER A 24 1.65 2.52 -8.29
N ASN A 25 1.52 3.56 -9.11
CA ASN A 25 1.61 3.42 -10.55
C ASN A 25 0.35 2.76 -11.09
N CYS A 26 -0.57 2.40 -10.18
CA CYS A 26 -1.81 1.75 -10.57
C CYS A 26 -2.67 2.72 -11.36
N ASN A 27 -3.68 2.21 -12.07
CA ASN A 27 -4.57 3.03 -12.86
C ASN A 27 -5.98 2.48 -12.79
N ILE A 28 -6.37 1.98 -11.62
CA ILE A 28 -7.70 1.44 -11.42
C ILE A 28 -8.34 2.04 -10.17
N THR A 29 -9.66 2.22 -10.21
CA THR A 29 -10.37 2.79 -9.09
C THR A 29 -11.44 1.82 -8.61
N SER A 30 -11.18 1.14 -7.48
CA SER A 30 -12.11 0.18 -6.93
C SER A 30 -12.95 0.86 -5.85
N ILE A 31 -14.27 0.66 -5.92
CA ILE A 31 -15.18 1.24 -4.95
C ILE A 31 -15.20 0.40 -3.68
N CYS A 32 -15.15 1.05 -2.52
CA CYS A 32 -15.17 0.34 -1.25
C CYS A 32 -16.22 0.95 -0.34
N GLU A 33 -17.39 1.29 -0.91
CA GLU A 33 -18.47 1.89 -0.16
C GLU A 33 -19.41 0.80 0.34
N LYS A 34 -19.25 -0.42 -0.19
CA LYS A 34 -20.08 -1.54 0.20
C LYS A 34 -19.59 -2.12 1.52
N ASN A 35 -18.84 -1.32 2.29
CA ASN A 35 -18.31 -1.75 3.56
C ASN A 35 -17.26 -0.76 4.05
N ASN A 36 -16.66 -1.06 5.21
CA ASN A 36 -15.64 -0.20 5.78
C ASN A 36 -14.29 -0.48 5.13
N GLU A 37 -14.33 -1.08 3.93
CA GLU A 37 -13.12 -1.40 3.21
C GLU A 37 -12.14 -0.24 3.31
N VAL A 38 -10.84 -0.54 3.14
CA VAL A 38 -9.80 0.47 3.21
C VAL A 38 -8.82 0.28 2.07
N CYS A 39 -7.95 1.27 1.85
CA CYS A 39 -6.96 1.19 0.79
C CYS A 39 -5.67 0.60 1.34
N ALA A 40 -5.18 -0.47 0.72
CA ALA A 40 -3.96 -1.12 1.13
C ALA A 40 -2.99 -1.20 -0.02
N ALA A 41 -1.78 -0.66 0.16
CA ALA A 41 -0.76 -0.68 -0.88
C ALA A 41 0.55 -1.18 -0.31
N VAL A 42 1.04 -2.31 -0.83
CA VAL A 42 2.29 -2.88 -0.36
C VAL A 42 3.31 -2.89 -1.50
N TRP A 43 4.48 -2.30 -1.25
CA TRP A 43 5.52 -2.23 -2.25
C TRP A 43 6.72 -3.06 -1.80
N ARG A 44 7.06 -4.08 -2.58
CA ARG A 44 8.18 -4.95 -2.26
C ARG A 44 9.29 -4.76 -3.29
N ARG A 45 10.53 -5.00 -2.87
CA ARG A 45 11.68 -4.87 -3.75
C ARG A 45 12.68 -5.99 -3.49
N ASN A 46 12.77 -6.93 -4.43
CA ASN A 46 13.69 -8.04 -4.30
C ASN A 46 14.82 -7.90 -5.30
N ASP A 47 16.06 -8.02 -4.83
CA ASP A 47 17.23 -7.91 -5.69
C ASP A 47 17.03 -6.77 -6.67
N GLU A 48 16.62 -7.09 -7.89
CA GLU A 48 16.41 -6.08 -8.92
C GLU A 48 14.99 -6.18 -9.45
N ASN A 49 14.10 -6.83 -8.69
CA ASN A 49 12.72 -6.99 -9.10
C ASN A 49 11.80 -6.43 -8.02
N VAL A 50 11.34 -5.19 -8.23
CA VAL A 50 10.46 -4.54 -7.29
C VAL A 50 9.01 -4.68 -7.75
N THR A 51 8.16 -5.24 -6.89
CA THR A 51 6.76 -5.43 -7.23
C THR A 51 5.89 -4.60 -6.28
N LEU A 52 4.85 -3.97 -6.82
CA LEU A 52 3.94 -3.17 -6.03
C LEU A 52 2.51 -3.65 -6.22
N GLU A 53 1.79 -3.82 -5.12
CA GLU A 53 0.41 -4.27 -5.16
C GLU A 53 -0.50 -3.24 -4.53
N THR A 54 -1.66 -3.01 -5.14
CA THR A 54 -2.62 -2.05 -4.62
C THR A 54 -4.03 -2.62 -4.71
N ILE A 55 -4.75 -2.61 -3.58
CA ILE A 55 -6.11 -3.12 -3.53
C ILE A 55 -6.76 -2.71 -2.21
N CYS A 56 -8.06 -2.98 -2.08
CA CYS A 56 -8.80 -2.64 -0.89
C CYS A 56 -8.69 -3.78 0.12
N HIS A 57 -7.65 -3.74 0.97
CA HIS A 57 -7.45 -4.76 1.96
C HIS A 57 -7.61 -4.17 3.36
N ASP A 58 -8.25 -4.92 4.25
CA ASP A 58 -8.47 -4.47 5.61
C ASP A 58 -7.16 -4.58 6.40
N PRO A 59 -6.81 -3.51 7.12
CA PRO A 59 -5.62 -3.45 7.94
C PRO A 59 -5.79 -4.31 9.17
N GLN A 60 -6.56 -5.39 9.05
CA GLN A 60 -6.80 -6.30 10.15
C GLN A 60 -5.89 -7.51 10.04
N LYS A 61 -5.90 -8.16 8.86
CA LYS A 61 -5.08 -9.32 8.62
C LYS A 61 -3.70 -8.90 8.14
N ARG A 62 -2.66 -9.56 8.66
CA ARG A 62 -1.30 -9.26 8.28
C ARG A 62 -1.00 -9.82 6.90
N LEU A 63 -0.72 -8.94 5.93
CA LEU A 63 -0.44 -9.36 4.58
C LEU A 63 1.06 -9.65 4.44
N TYR A 64 1.39 -10.72 3.71
CA TYR A 64 2.77 -11.11 3.51
C TYR A 64 3.49 -11.17 4.85
N GLY A 65 2.74 -11.38 5.92
CA GLY A 65 3.31 -11.46 7.25
C GLY A 65 3.62 -10.06 7.77
N HIS A 66 3.00 -9.04 7.18
CA HIS A 66 3.21 -7.67 7.58
C HIS A 66 1.91 -7.07 8.09
N MET A 67 2.01 -6.08 8.99
CA MET A 67 0.84 -5.44 9.55
C MET A 67 0.90 -3.94 9.25
N LEU A 68 -0.15 -3.42 8.62
CA LEU A 68 -0.22 -2.01 8.29
C LEU A 68 -0.34 -1.18 9.56
N ASP A 69 0.30 -0.01 9.58
CA ASP A 69 0.25 0.86 10.74
C ASP A 69 0.04 2.30 10.29
N ASP A 70 -1.15 2.60 9.78
CA ASP A 70 -1.47 3.94 9.31
C ASP A 70 -2.80 3.91 8.56
N SER A 71 -3.65 2.93 8.87
CA SER A 71 -4.94 2.80 8.23
C SER A 71 -5.87 3.89 8.74
N SER A 72 -5.77 4.21 10.04
CA SER A 72 -6.60 5.22 10.65
C SER A 72 -6.03 6.60 10.35
N SER A 73 -4.75 6.65 9.96
CA SER A 73 -4.10 7.91 9.66
C SER A 73 -4.50 8.37 8.26
N GLU A 74 -4.44 9.68 8.04
CA GLU A 74 -4.81 10.25 6.75
C GLU A 74 -3.66 10.07 5.76
N GLN A 75 -2.47 9.74 6.27
CA GLN A 75 -1.30 9.54 5.45
C GLN A 75 -0.78 8.12 5.61
N CYS A 76 -0.69 7.39 4.50
CA CYS A 76 -0.21 6.02 4.53
C CYS A 76 1.32 6.01 4.48
N VAL A 77 1.93 5.29 5.42
CA VAL A 77 3.38 5.21 5.49
C VAL A 77 3.81 3.77 5.21
N MET A 78 4.91 3.61 4.48
CA MET A 78 5.44 2.30 4.16
C MET A 78 6.16 1.71 5.36
N LYS A 79 5.68 0.57 5.84
CA LYS A 79 6.28 -0.10 6.99
C LYS A 79 7.22 -1.19 6.51
N GLU A 80 8.44 -1.22 7.07
CA GLU A 80 9.42 -2.22 6.71
C GLU A 80 9.27 -3.45 7.59
N LYS A 81 8.87 -4.57 6.98
CA LYS A 81 8.68 -5.81 7.71
C LYS A 81 9.80 -6.80 7.37
N LYS A 82 10.06 -7.75 8.26
CA LYS A 82 11.10 -8.73 8.04
C LYS A 82 10.87 -9.44 6.71
N ASP A 83 11.66 -9.07 5.70
CA ASP A 83 11.55 -9.67 4.38
C ASP A 83 12.88 -10.27 3.98
N ASP A 84 12.93 -11.59 3.85
CA ASP A 84 14.15 -12.28 3.46
C ASP A 84 14.17 -12.48 1.95
N GLY A 85 15.27 -12.05 1.32
CA GLY A 85 15.41 -12.17 -0.12
C GLY A 85 15.02 -10.87 -0.80
N GLY A 86 14.43 -9.95 -0.03
CA GLY A 86 14.01 -8.67 -0.57
C GLY A 86 13.27 -7.88 0.50
N LEU A 87 12.89 -6.63 0.16
CA LEU A 87 12.17 -5.78 1.08
C LEU A 87 10.71 -5.69 0.67
N MET A 88 9.82 -5.69 1.67
CA MET A 88 8.39 -5.62 1.41
C MET A 88 7.75 -4.61 2.36
N PHE A 89 7.17 -3.55 1.80
CA PHE A 89 6.52 -2.53 2.60
C PHE A 89 5.02 -2.54 2.35
N MET A 90 4.24 -2.53 3.41
CA MET A 90 2.78 -2.55 3.30
C MET A 90 2.19 -1.44 4.15
N CYS A 91 1.25 -0.69 3.57
CA CYS A 91 0.60 0.40 4.27
C CYS A 91 -0.87 0.47 3.87
N SER A 92 -1.71 0.96 4.79
CA SER A 92 -3.13 1.07 4.53
C SER A 92 -3.63 2.46 4.93
N CYS A 93 -4.84 2.80 4.51
CA CYS A 93 -5.43 4.09 4.83
C CYS A 93 -6.85 4.16 4.31
N THR A 94 -7.77 4.65 5.15
CA THR A 94 -9.17 4.76 4.76
C THR A 94 -9.34 5.94 3.80
N GLY A 95 -8.26 6.68 3.55
CA GLY A 95 -8.30 7.81 2.66
C GLY A 95 -8.59 7.36 1.23
N GLU A 96 -8.56 8.30 0.28
CA GLU A 96 -8.82 7.99 -1.11
C GLU A 96 -7.51 7.80 -1.84
N GLU A 97 -7.29 6.60 -2.41
CA GLU A 97 -6.09 6.30 -3.13
C GLU A 97 -4.87 6.54 -2.24
N CYS A 98 -5.11 7.02 -1.02
CA CYS A 98 -4.05 7.30 -0.09
C CYS A 98 -3.05 6.14 -0.09
N ASN A 99 -3.55 4.93 -0.33
CA ASN A 99 -2.70 3.75 -0.36
C ASN A 99 -1.80 3.79 -1.59
N ASP A 100 -2.38 4.12 -2.74
CA ASP A 100 -1.64 4.19 -3.98
C ASP A 100 -0.31 4.90 -3.75
N VAL A 101 -0.29 5.84 -2.80
CA VAL A 101 0.91 6.58 -2.48
C VAL A 101 1.63 5.92 -1.31
N LEU A 102 2.76 5.27 -1.60
CA LEU A 102 3.54 4.60 -0.57
C LEU A 102 4.64 5.52 -0.08
N ILE A 103 4.51 6.01 1.16
CA ILE A 103 5.49 6.88 1.76
C ILE A 103 6.59 6.07 2.42
N PHE A 104 7.84 6.35 2.07
CA PHE A 104 8.98 5.64 2.63
C PHE A 104 9.84 6.61 3.44
N SER A 105 9.92 6.38 4.75
CA SER A 105 10.72 7.23 5.62
C SER A 105 11.54 6.36 6.56
N ALA A 106 12.84 6.64 6.63
CA ALA A 106 13.75 5.88 7.48
C ALA A 106 13.34 6.07 8.93
N ILE A 107 13.58 7.28 9.47
CA ILE A 107 13.24 7.59 10.85
C ILE A 107 13.61 6.41 11.74
N GLN A 1 -21.04 12.89 -1.97
CA GLN A 1 -21.92 11.80 -2.38
C GLN A 1 -21.10 10.57 -2.72
N LEU A 2 -19.78 10.64 -2.50
CA LEU A 2 -18.90 9.55 -2.80
C LEU A 2 -18.37 8.94 -1.49
N PRO A 3 -18.44 7.61 -1.39
CA PRO A 3 -18.00 6.86 -0.22
C PRO A 3 -16.48 6.86 -0.17
N ARG A 4 -15.90 5.71 0.19
CA ARG A 4 -14.46 5.59 0.29
C ARG A 4 -13.93 4.85 -0.93
N LEU A 5 -12.90 5.43 -1.58
CA LEU A 5 -12.30 4.82 -2.75
C LEU A 5 -10.84 4.47 -2.46
N CYS A 6 -10.34 3.43 -3.13
CA CYS A 6 -8.97 2.99 -2.95
C CYS A 6 -8.44 2.42 -4.25
N LYS A 7 -7.11 2.36 -4.38
CA LYS A 7 -6.48 1.83 -5.57
C LYS A 7 -6.52 0.31 -5.54
N PHE A 8 -6.99 -0.30 -6.64
CA PHE A 8 -7.07 -1.74 -6.74
C PHE A 8 -6.34 -2.22 -7.99
N CYS A 9 -5.01 -2.30 -7.89
CA CYS A 9 -4.21 -2.74 -9.01
C CYS A 9 -3.39 -3.96 -8.61
N ASP A 10 -3.14 -4.87 -9.56
CA ASP A 10 -2.38 -6.07 -9.30
C ASP A 10 -0.92 -5.72 -9.06
N VAL A 11 -0.16 -6.67 -8.53
CA VAL A 11 1.25 -6.46 -8.26
C VAL A 11 2.05 -6.58 -9.55
N LYS A 12 2.65 -5.47 -9.99
CA LYS A 12 3.43 -5.46 -11.21
C LYS A 12 4.78 -4.78 -10.95
N ALA A 13 5.75 -5.03 -11.84
CA ALA A 13 7.07 -4.45 -11.70
C ALA A 13 6.96 -2.93 -11.57
N THR A 14 7.33 -2.41 -10.40
CA THR A 14 7.26 -0.98 -10.16
C THR A 14 8.66 -0.38 -10.21
N THR A 15 8.74 0.93 -10.41
CA THR A 15 10.01 1.63 -10.49
C THR A 15 10.15 2.59 -9.32
N CYS A 16 9.38 2.35 -8.25
CA CYS A 16 9.42 3.20 -7.08
C CYS A 16 10.47 2.69 -6.10
N SER A 17 11.24 3.60 -5.51
CA SER A 17 12.27 3.24 -4.56
C SER A 17 11.84 3.63 -3.16
N ASN A 18 12.48 3.02 -2.16
CA ASN A 18 12.16 3.30 -0.77
C ASN A 18 12.52 4.74 -0.43
N GLN A 19 11.81 5.69 -1.04
CA GLN A 19 12.06 7.10 -0.80
C GLN A 19 10.99 7.66 0.13
N ASP A 20 11.29 8.80 0.77
CA ASP A 20 10.35 9.43 1.67
C ASP A 20 8.95 9.41 1.08
N GLN A 21 8.87 9.55 -0.25
CA GLN A 21 7.59 9.56 -0.93
C GLN A 21 7.72 8.80 -2.25
N CYS A 22 6.81 7.86 -2.48
CA CYS A 22 6.81 7.07 -3.70
C CYS A 22 5.40 6.91 -4.22
N THR A 23 5.26 6.53 -5.49
CA THR A 23 3.96 6.35 -6.11
C THR A 23 3.76 4.88 -6.46
N SER A 24 2.50 4.43 -6.44
CA SER A 24 2.17 3.05 -6.76
C SER A 24 2.14 2.87 -8.28
N ASN A 25 1.95 3.97 -9.01
CA ASN A 25 1.89 3.92 -10.46
C ASN A 25 0.57 3.31 -10.90
N CYS A 26 -0.18 2.75 -9.95
CA CYS A 26 -1.47 2.14 -10.24
C CYS A 26 -2.49 3.21 -10.56
N ASN A 27 -3.44 2.90 -11.44
CA ASN A 27 -4.46 3.84 -11.83
C ASN A 27 -5.82 3.16 -11.82
N ILE A 28 -6.25 2.70 -10.64
CA ILE A 28 -7.52 2.02 -10.51
C ILE A 28 -8.29 2.60 -9.32
N THR A 29 -9.61 2.67 -9.44
CA THR A 29 -10.45 3.21 -8.38
C THR A 29 -11.48 2.17 -7.97
N SER A 30 -11.24 1.50 -6.83
CA SER A 30 -12.15 0.50 -6.33
C SER A 30 -13.05 1.09 -5.25
N ILE A 31 -14.36 0.87 -5.37
CA ILE A 31 -15.31 1.39 -4.41
C ILE A 31 -15.51 0.38 -3.28
N CYS A 32 -15.13 0.76 -2.06
CA CYS A 32 -15.27 -0.10 -0.92
C CYS A 32 -16.36 0.43 0.01
N GLU A 33 -17.46 0.90 -0.58
CA GLU A 33 -18.57 1.43 0.20
C GLU A 33 -19.43 0.29 0.73
N LYS A 34 -19.18 -0.93 0.23
CA LYS A 34 -19.92 -2.09 0.65
C LYS A 34 -19.38 -2.60 1.99
N ASN A 35 -18.54 -1.78 2.64
CA ASN A 35 -17.96 -2.15 3.91
C ASN A 35 -17.00 -1.06 4.37
N ASN A 36 -16.44 -1.22 5.58
CA ASN A 36 -15.52 -0.26 6.13
C ASN A 36 -14.12 -0.49 5.56
N GLU A 37 -14.06 -1.16 4.41
CA GLU A 37 -12.79 -1.45 3.77
C GLU A 37 -11.93 -0.19 3.74
N VAL A 38 -10.63 -0.36 3.49
CA VAL A 38 -9.71 0.75 3.44
C VAL A 38 -8.72 0.54 2.28
N CYS A 39 -7.96 1.59 1.95
CA CYS A 39 -6.99 1.53 0.88
C CYS A 39 -5.64 1.12 1.45
N ALA A 40 -5.06 0.04 0.90
CA ALA A 40 -3.78 -0.46 1.35
C ALA A 40 -2.91 -0.79 0.14
N ALA A 41 -1.68 -0.29 0.15
CA ALA A 41 -0.75 -0.53 -0.93
C ALA A 41 0.59 -1.02 -0.38
N VAL A 42 1.03 -2.20 -0.83
CA VAL A 42 2.28 -2.76 -0.37
C VAL A 42 3.26 -2.83 -1.53
N TRP A 43 4.42 -2.20 -1.36
CA TRP A 43 5.45 -2.19 -2.39
C TRP A 43 6.59 -3.13 -2.00
N ARG A 44 6.82 -4.15 -2.82
CA ARG A 44 7.88 -5.11 -2.55
C ARG A 44 9.02 -4.90 -3.54
N ARG A 45 10.24 -5.23 -3.12
CA ARG A 45 11.41 -5.08 -3.96
C ARG A 45 12.36 -6.24 -3.75
N ASN A 46 12.45 -7.14 -4.75
CA ASN A 46 13.31 -8.30 -4.66
C ASN A 46 14.46 -8.15 -5.64
N ASP A 47 15.70 -8.36 -5.16
CA ASP A 47 16.87 -8.25 -5.99
C ASP A 47 16.74 -7.04 -6.90
N GLU A 48 16.35 -7.26 -8.15
CA GLU A 48 16.21 -6.18 -9.11
C GLU A 48 14.78 -6.18 -9.67
N ASN A 49 13.87 -6.88 -8.98
CA ASN A 49 12.49 -6.95 -9.41
C ASN A 49 11.58 -6.38 -8.33
N VAL A 50 11.19 -5.12 -8.48
CA VAL A 50 10.33 -4.47 -7.52
C VAL A 50 8.89 -4.49 -8.02
N THR A 51 7.97 -4.97 -7.18
CA THR A 51 6.56 -5.04 -7.55
C THR A 51 5.73 -4.31 -6.52
N LEU A 52 4.69 -3.59 -6.99
CA LEU A 52 3.82 -2.85 -6.11
C LEU A 52 2.38 -3.31 -6.30
N GLU A 53 1.68 -3.55 -5.19
CA GLU A 53 0.30 -4.00 -5.24
C GLU A 53 -0.59 -3.02 -4.47
N THR A 54 -1.78 -2.76 -5.02
CA THR A 54 -2.71 -1.84 -4.39
C THR A 54 -4.11 -2.43 -4.43
N ILE A 55 -4.78 -2.47 -3.27
CA ILE A 55 -6.12 -3.00 -3.17
C ILE A 55 -6.72 -2.66 -1.82
N CYS A 56 -7.99 -3.03 -1.60
CA CYS A 56 -8.66 -2.76 -0.35
C CYS A 56 -8.29 -3.83 0.67
N HIS A 57 -7.19 -3.58 1.39
CA HIS A 57 -6.73 -4.52 2.39
C HIS A 57 -6.99 -3.97 3.79
N ASP A 58 -7.45 -4.83 4.70
CA ASP A 58 -7.74 -4.43 6.06
C ASP A 58 -6.45 -4.24 6.83
N PRO A 59 -6.33 -3.11 7.54
CA PRO A 59 -5.17 -2.77 8.34
C PRO A 59 -5.13 -3.63 9.59
N GLN A 60 -6.16 -4.48 9.77
CA GLN A 60 -6.23 -5.35 10.92
C GLN A 60 -5.80 -6.76 10.52
N LYS A 61 -5.69 -7.00 9.21
CA LYS A 61 -5.29 -8.30 8.71
C LYS A 61 -3.79 -8.32 8.46
N ARG A 62 -3.17 -9.50 8.58
CA ARG A 62 -1.76 -9.65 8.37
C ARG A 62 -1.48 -9.96 6.90
N LEU A 63 -0.87 -9.01 6.19
CA LEU A 63 -0.56 -9.20 4.78
C LEU A 63 0.91 -9.54 4.63
N TYR A 64 1.22 -10.52 3.77
CA TYR A 64 2.59 -10.94 3.53
C TYR A 64 3.26 -11.24 4.86
N GLY A 65 2.47 -11.52 5.89
CA GLY A 65 3.01 -11.82 7.21
C GLY A 65 3.35 -10.54 7.94
N HIS A 66 2.94 -9.40 7.38
CA HIS A 66 3.21 -8.11 7.98
C HIS A 66 1.90 -7.38 8.28
N MET A 67 1.83 -6.73 9.44
CA MET A 67 0.64 -6.01 9.83
C MET A 67 0.98 -4.55 10.07
N LEU A 68 0.21 -3.65 9.44
CA LEU A 68 0.43 -2.22 9.59
C LEU A 68 -0.75 -1.59 10.31
N ASP A 69 -0.51 -0.47 10.97
CA ASP A 69 -1.55 0.23 11.69
C ASP A 69 -1.64 1.67 11.22
N ASP A 70 -2.52 2.47 11.83
CA ASP A 70 -2.70 3.85 11.46
C ASP A 70 -3.55 3.95 10.20
N SER A 71 -4.66 3.20 10.18
CA SER A 71 -5.55 3.21 9.03
C SER A 71 -6.21 4.58 8.91
N SER A 72 -6.39 5.26 10.04
CA SER A 72 -7.01 6.58 10.04
C SER A 72 -6.02 7.62 9.51
N SER A 73 -4.80 7.17 9.23
CA SER A 73 -3.77 8.06 8.72
C SER A 73 -4.01 8.34 7.25
N GLU A 74 -4.10 9.63 6.89
CA GLU A 74 -4.33 10.03 5.51
C GLU A 74 -3.04 9.89 4.72
N GLN A 75 -1.91 9.83 5.42
CA GLN A 75 -0.62 9.71 4.78
C GLN A 75 -0.15 8.27 4.84
N CYS A 76 -0.16 7.59 3.69
CA CYS A 76 0.27 6.20 3.63
C CYS A 76 1.78 6.11 3.82
N VAL A 77 2.22 5.28 4.75
CA VAL A 77 3.63 5.10 5.03
C VAL A 77 4.04 3.66 4.77
N MET A 78 5.23 3.47 4.21
CA MET A 78 5.73 2.15 3.91
C MET A 78 6.41 1.56 5.13
N LYS A 79 5.90 0.43 5.62
CA LYS A 79 6.47 -0.23 6.78
C LYS A 79 7.33 -1.40 6.35
N GLU A 80 8.58 -1.43 6.80
CA GLU A 80 9.50 -2.49 6.47
C GLU A 80 9.19 -3.74 7.29
N LYS A 81 8.83 -4.83 6.62
CA LYS A 81 8.51 -6.07 7.28
C LYS A 81 9.53 -7.14 6.91
N LYS A 82 9.76 -8.08 7.83
CA LYS A 82 10.71 -9.15 7.60
C LYS A 82 10.38 -9.86 6.29
N ASP A 83 11.16 -9.56 5.24
CA ASP A 83 10.95 -10.16 3.94
C ASP A 83 12.22 -10.84 3.48
N ASP A 84 12.16 -12.16 3.27
CA ASP A 84 13.31 -12.92 2.84
C ASP A 84 13.31 -13.02 1.31
N GLY A 85 14.44 -12.66 0.69
CA GLY A 85 14.56 -12.71 -0.75
C GLY A 85 14.30 -11.34 -1.35
N GLY A 86 13.80 -10.41 -0.52
CA GLY A 86 13.52 -9.07 -0.98
C GLY A 86 12.81 -8.28 0.12
N LEU A 87 12.60 -6.98 -0.12
CA LEU A 87 11.95 -6.12 0.84
C LEU A 87 10.50 -5.92 0.44
N MET A 88 9.59 -5.90 1.43
CA MET A 88 8.17 -5.72 1.17
C MET A 88 7.60 -4.73 2.17
N PHE A 89 7.09 -3.60 1.67
CA PHE A 89 6.52 -2.57 2.52
C PHE A 89 5.02 -2.47 2.25
N MET A 90 4.22 -2.47 3.31
CA MET A 90 2.79 -2.38 3.18
C MET A 90 2.28 -1.13 3.90
N CYS A 91 1.28 -0.46 3.30
CA CYS A 91 0.71 0.73 3.88
C CYS A 91 -0.79 0.76 3.65
N SER A 92 -1.53 1.44 4.53
CA SER A 92 -2.97 1.53 4.42
C SER A 92 -3.42 2.95 4.73
N CYS A 93 -4.67 3.27 4.39
CA CYS A 93 -5.21 4.58 4.63
C CYS A 93 -6.66 4.64 4.15
N THR A 94 -7.54 5.25 4.94
CA THR A 94 -8.94 5.36 4.59
C THR A 94 -9.13 6.45 3.54
N GLY A 95 -8.07 7.23 3.30
CA GLY A 95 -8.12 8.30 2.34
C GLY A 95 -8.46 7.75 0.95
N GLU A 96 -8.33 8.59 -0.07
CA GLU A 96 -8.63 8.18 -1.44
C GLU A 96 -7.34 7.80 -2.15
N GLU A 97 -7.25 6.55 -2.60
CA GLU A 97 -6.08 6.07 -3.30
C GLU A 97 -4.83 6.57 -2.61
N CYS A 98 -4.94 6.93 -1.33
CA CYS A 98 -3.82 7.42 -0.56
C CYS A 98 -2.74 6.35 -0.48
N ASN A 99 -3.11 5.09 -0.73
CA ASN A 99 -2.17 3.99 -0.69
C ASN A 99 -1.21 4.09 -1.86
N ASP A 100 -1.67 4.67 -2.97
CA ASP A 100 -0.85 4.83 -4.14
C ASP A 100 0.47 5.49 -3.79
N VAL A 101 0.43 6.41 -2.82
CA VAL A 101 1.61 7.12 -2.38
C VAL A 101 2.26 6.36 -1.23
N LEU A 102 3.35 5.63 -1.54
CA LEU A 102 4.06 4.87 -0.54
C LEU A 102 5.24 5.67 -0.02
N ILE A 103 5.15 6.11 1.24
CA ILE A 103 6.20 6.88 1.86
C ILE A 103 7.19 5.95 2.55
N PHE A 104 8.47 6.06 2.20
CA PHE A 104 9.51 5.23 2.78
C PHE A 104 10.43 6.08 3.63
N SER A 105 10.45 5.82 4.94
CA SER A 105 11.28 6.57 5.86
C SER A 105 11.98 5.61 6.81
N ALA A 106 13.32 5.69 6.87
CA ALA A 106 14.10 4.84 7.74
C ALA A 106 13.96 5.29 9.18
N ILE A 107 12.82 5.91 9.50
CA ILE A 107 12.56 6.40 10.84
C ILE A 107 11.19 5.96 11.29
N GLN A 1 -22.05 6.68 -0.32
CA GLN A 1 -21.99 7.00 -1.73
C GLN A 1 -20.57 6.80 -2.25
N LEU A 2 -19.84 5.85 -1.65
CA LEU A 2 -18.49 5.55 -2.05
C LEU A 2 -17.61 6.78 -1.83
N PRO A 3 -17.68 7.35 -0.63
CA PRO A 3 -16.92 8.52 -0.23
C PRO A 3 -15.46 8.14 -0.05
N ARG A 4 -15.13 6.88 -0.35
CA ARG A 4 -13.77 6.41 -0.20
C ARG A 4 -13.31 5.78 -1.51
N LEU A 5 -12.09 6.12 -1.94
CA LEU A 5 -11.53 5.60 -3.17
C LEU A 5 -10.09 5.15 -2.95
N CYS A 6 -9.69 4.07 -3.62
CA CYS A 6 -8.34 3.55 -3.49
C CYS A 6 -7.91 2.90 -4.79
N LYS A 7 -6.60 2.92 -5.06
CA LYS A 7 -6.07 2.34 -6.28
C LYS A 7 -6.10 0.81 -6.18
N PHE A 8 -6.77 0.17 -7.14
CA PHE A 8 -6.88 -1.27 -7.16
C PHE A 8 -6.10 -1.83 -8.34
N CYS A 9 -4.78 -1.96 -8.16
CA CYS A 9 -3.92 -2.48 -9.21
C CYS A 9 -3.17 -3.70 -8.69
N ASP A 10 -2.93 -4.68 -9.57
CA ASP A 10 -2.23 -5.88 -9.21
C ASP A 10 -0.77 -5.58 -8.97
N VAL A 11 -0.04 -6.52 -8.36
CA VAL A 11 1.37 -6.34 -8.08
C VAL A 11 2.18 -6.56 -9.35
N LYS A 12 2.85 -5.51 -9.82
CA LYS A 12 3.66 -5.58 -11.03
C LYS A 12 4.98 -4.87 -10.80
N ALA A 13 5.97 -5.17 -11.64
CA ALA A 13 7.29 -4.55 -11.54
C ALA A 13 7.14 -3.05 -11.46
N THR A 14 7.47 -2.47 -10.31
CA THR A 14 7.37 -1.04 -10.11
C THR A 14 8.77 -0.43 -10.02
N THR A 15 8.88 0.86 -10.36
CA THR A 15 10.16 1.55 -10.32
C THR A 15 10.20 2.46 -9.11
N CYS A 16 9.33 2.22 -8.14
CA CYS A 16 9.28 3.02 -6.93
C CYS A 16 10.32 2.54 -5.94
N SER A 17 11.10 3.47 -5.37
CA SER A 17 12.13 3.13 -4.43
C SER A 17 11.69 3.55 -3.02
N ASN A 18 12.43 3.08 -2.02
CA ASN A 18 12.12 3.41 -0.63
C ASN A 18 12.35 4.90 -0.39
N GLN A 19 11.55 5.75 -1.05
CA GLN A 19 11.66 7.18 -0.91
C GLN A 19 10.59 7.69 0.04
N ASP A 20 10.86 8.82 0.70
CA ASP A 20 9.92 9.41 1.64
C ASP A 20 8.52 9.38 1.04
N GLN A 21 8.44 9.47 -0.30
CA GLN A 21 7.16 9.46 -0.98
C GLN A 21 7.27 8.64 -2.27
N CYS A 22 6.37 7.68 -2.45
CA CYS A 22 6.37 6.85 -3.63
C CYS A 22 4.95 6.67 -4.14
N THR A 23 4.80 6.27 -5.40
CA THR A 23 3.49 6.06 -6.00
C THR A 23 3.31 4.58 -6.31
N SER A 24 2.04 4.15 -6.40
CA SER A 24 1.72 2.77 -6.70
C SER A 24 1.79 2.53 -8.19
N ASN A 25 1.64 3.61 -8.97
CA ASN A 25 1.69 3.52 -10.42
C ASN A 25 0.43 2.86 -10.94
N CYS A 26 -0.53 2.61 -10.04
CA CYS A 26 -1.79 1.99 -10.41
C CYS A 26 -2.58 2.92 -11.30
N ASN A 27 -3.59 2.38 -12.00
CA ASN A 27 -4.41 3.17 -12.89
C ASN A 27 -5.87 2.75 -12.75
N ILE A 28 -6.24 2.27 -11.55
CA ILE A 28 -7.60 1.84 -11.29
C ILE A 28 -8.13 2.54 -10.05
N THR A 29 -9.44 2.79 -10.01
CA THR A 29 -10.06 3.46 -8.88
C THR A 29 -11.17 2.59 -8.32
N SER A 30 -10.89 1.91 -7.20
CA SER A 30 -11.86 1.04 -6.56
C SER A 30 -12.57 1.80 -5.45
N ILE A 31 -13.90 1.76 -5.47
CA ILE A 31 -14.71 2.44 -4.46
C ILE A 31 -15.00 1.48 -3.32
N CYS A 32 -14.84 1.97 -2.08
CA CYS A 32 -15.10 1.16 -0.91
C CYS A 32 -16.32 1.69 -0.17
N GLU A 33 -17.48 1.69 -0.85
CA GLU A 33 -18.70 2.17 -0.25
C GLU A 33 -19.17 1.21 0.83
N LYS A 34 -18.48 0.08 0.96
CA LYS A 34 -18.82 -0.92 1.95
C LYS A 34 -18.34 -0.48 3.32
N ASN A 35 -17.55 0.60 3.35
CA ASN A 35 -17.01 1.12 4.60
C ASN A 35 -16.04 0.12 5.20
N ASN A 36 -16.34 -1.18 5.04
CA ASN A 36 -15.49 -2.22 5.58
C ASN A 36 -14.31 -2.45 4.65
N GLU A 37 -13.99 -1.46 3.82
CA GLU A 37 -12.89 -1.55 2.90
C GLU A 37 -12.03 -0.29 2.96
N VAL A 38 -10.73 -0.46 3.20
CA VAL A 38 -9.82 0.66 3.28
C VAL A 38 -8.78 0.57 2.17
N CYS A 39 -8.02 1.65 1.98
CA CYS A 39 -7.01 1.68 0.95
C CYS A 39 -5.68 1.21 1.52
N ALA A 40 -5.09 0.19 0.89
CA ALA A 40 -3.83 -0.35 1.34
C ALA A 40 -2.92 -0.61 0.13
N ALA A 41 -1.66 -0.19 0.24
CA ALA A 41 -0.70 -0.38 -0.84
C ALA A 41 0.59 -0.95 -0.28
N VAL A 42 1.06 -2.05 -0.87
CA VAL A 42 2.27 -2.69 -0.44
C VAL A 42 3.30 -2.69 -1.57
N TRP A 43 4.52 -2.27 -1.26
CA TRP A 43 5.57 -2.21 -2.25
C TRP A 43 6.71 -3.15 -1.86
N ARG A 44 6.99 -4.14 -2.70
CA ARG A 44 8.04 -5.10 -2.42
C ARG A 44 9.19 -4.90 -3.40
N ARG A 45 10.41 -5.22 -2.98
CA ARG A 45 11.58 -5.07 -3.82
C ARG A 45 12.52 -6.25 -3.61
N ASN A 46 12.60 -7.14 -4.58
CA ASN A 46 13.47 -8.30 -4.50
C ASN A 46 14.63 -8.16 -5.49
N ASP A 47 15.85 -8.40 -5.01
CA ASP A 47 17.02 -8.30 -5.85
C ASP A 47 16.90 -7.09 -6.76
N GLU A 48 16.49 -7.31 -8.01
CA GLU A 48 16.36 -6.24 -8.97
C GLU A 48 14.93 -6.22 -9.52
N ASN A 49 14.02 -6.93 -8.84
CA ASN A 49 12.64 -6.99 -9.26
C ASN A 49 11.74 -6.42 -8.18
N VAL A 50 11.35 -5.15 -8.32
CA VAL A 50 10.49 -4.49 -7.37
C VAL A 50 9.06 -4.50 -7.86
N THR A 51 8.14 -5.03 -7.03
CA THR A 51 6.74 -5.10 -7.40
C THR A 51 5.91 -4.33 -6.39
N LEU A 52 4.93 -3.57 -6.88
CA LEU A 52 4.06 -2.78 -6.02
C LEU A 52 2.61 -3.19 -6.24
N GLU A 53 1.87 -3.38 -5.14
CA GLU A 53 0.48 -3.77 -5.23
C GLU A 53 -0.40 -2.72 -4.53
N THR A 54 -1.55 -2.41 -5.13
CA THR A 54 -2.46 -1.44 -4.56
C THR A 54 -3.89 -1.94 -4.68
N ILE A 55 -4.60 -1.95 -3.54
CA ILE A 55 -5.98 -2.40 -3.52
C ILE A 55 -6.63 -1.99 -2.20
N CYS A 56 -7.97 -1.95 -2.18
CA CYS A 56 -8.69 -1.57 -0.98
C CYS A 56 -8.66 -2.72 0.02
N HIS A 57 -7.60 -2.77 0.84
CA HIS A 57 -7.45 -3.81 1.83
C HIS A 57 -7.62 -3.23 3.23
N ASP A 58 -8.19 -4.02 4.14
CA ASP A 58 -8.42 -3.58 5.50
C ASP A 58 -7.13 -3.75 6.31
N PRO A 59 -6.76 -2.71 7.06
CA PRO A 59 -5.57 -2.70 7.89
C PRO A 59 -5.78 -3.59 9.10
N GLN A 60 -6.75 -4.51 9.00
CA GLN A 60 -7.05 -5.42 10.10
C GLN A 60 -6.41 -6.78 9.82
N LYS A 61 -6.43 -7.21 8.56
CA LYS A 61 -5.86 -8.48 8.18
C LYS A 61 -4.36 -8.32 7.92
N ARG A 62 -3.59 -9.39 8.15
CA ARG A 62 -2.16 -9.36 7.94
C ARG A 62 -1.84 -9.77 6.51
N LEU A 63 -1.20 -8.88 5.76
CA LEU A 63 -0.84 -9.15 4.38
C LEU A 63 0.64 -9.50 4.30
N TYR A 64 0.96 -10.50 3.46
CA TYR A 64 2.33 -10.93 3.30
C TYR A 64 2.96 -11.22 4.66
N GLY A 65 2.11 -11.48 5.66
CA GLY A 65 2.58 -11.77 7.00
C GLY A 65 2.97 -10.48 7.70
N HIS A 66 2.59 -9.34 7.12
CA HIS A 66 2.91 -8.05 7.69
C HIS A 66 1.62 -7.31 8.05
N MET A 67 1.67 -6.49 9.10
CA MET A 67 0.51 -5.74 9.54
C MET A 67 0.83 -4.25 9.51
N LEU A 68 -0.03 -3.47 8.85
CA LEU A 68 0.16 -2.03 8.75
C LEU A 68 -0.70 -1.33 9.80
N ASP A 69 -0.13 -0.30 10.44
CA ASP A 69 -0.84 0.45 11.45
C ASP A 69 -0.70 1.94 11.18
N ASP A 70 -1.70 2.53 10.53
CA ASP A 70 -1.69 3.94 10.21
C ASP A 70 -2.78 4.25 9.20
N SER A 71 -3.85 3.46 9.22
CA SER A 71 -4.96 3.65 8.30
C SER A 71 -5.65 4.97 8.61
N SER A 72 -5.75 5.32 9.89
CA SER A 72 -6.38 6.55 10.31
C SER A 72 -5.47 7.73 10.02
N SER A 73 -4.25 7.44 9.54
CA SER A 73 -3.29 8.47 9.22
C SER A 73 -3.65 9.12 7.90
N GLU A 74 -3.49 10.45 7.82
CA GLU A 74 -3.80 11.19 6.62
C GLU A 74 -2.75 10.91 5.55
N GLN A 75 -1.68 10.20 5.94
CA GLN A 75 -0.61 9.88 5.03
C GLN A 75 -0.22 8.42 5.20
N CYS A 76 -0.15 7.68 4.09
CA CYS A 76 0.20 6.28 4.12
C CYS A 76 1.72 6.14 4.19
N VAL A 77 2.21 5.37 5.18
CA VAL A 77 3.63 5.16 5.35
C VAL A 77 3.97 3.70 5.12
N MET A 78 5.11 3.43 4.48
CA MET A 78 5.55 2.08 4.20
C MET A 78 6.30 1.53 5.38
N LYS A 79 5.80 0.43 5.97
CA LYS A 79 6.43 -0.19 7.11
C LYS A 79 7.24 -1.40 6.66
N GLU A 80 8.53 -1.42 7.01
CA GLU A 80 9.40 -2.52 6.64
C GLU A 80 9.03 -3.76 7.44
N LYS A 81 8.70 -4.85 6.74
CA LYS A 81 8.34 -6.09 7.38
C LYS A 81 9.36 -7.17 7.06
N LYS A 82 9.51 -8.14 7.96
CA LYS A 82 10.46 -9.22 7.77
C LYS A 82 10.20 -9.90 6.43
N ASP A 83 11.02 -9.59 5.42
CA ASP A 83 10.89 -10.16 4.10
C ASP A 83 12.19 -10.83 3.69
N ASP A 84 12.16 -12.15 3.49
CA ASP A 84 13.33 -12.89 3.10
C ASP A 84 13.39 -13.00 1.58
N GLY A 85 14.52 -12.62 0.99
CA GLY A 85 14.69 -12.68 -0.45
C GLY A 85 14.42 -11.31 -1.07
N GLY A 86 13.87 -10.39 -0.28
CA GLY A 86 13.57 -9.06 -0.75
C GLY A 86 12.84 -8.27 0.34
N LEU A 87 12.63 -6.97 0.09
CA LEU A 87 11.94 -6.12 1.03
C LEU A 87 10.50 -5.92 0.61
N MET A 88 9.59 -5.94 1.57
CA MET A 88 8.17 -5.77 1.29
C MET A 88 7.56 -4.80 2.30
N PHE A 89 7.05 -3.67 1.80
CA PHE A 89 6.43 -2.67 2.64
C PHE A 89 4.94 -2.58 2.35
N MET A 90 4.12 -2.60 3.40
CA MET A 90 2.68 -2.52 3.25
C MET A 90 2.14 -1.34 4.05
N CYS A 91 1.13 -0.67 3.51
CA CYS A 91 0.52 0.47 4.17
C CYS A 91 -0.98 0.45 3.93
N SER A 92 -1.72 1.23 4.74
CA SER A 92 -3.16 1.31 4.61
C SER A 92 -3.64 2.71 4.98
N CYS A 93 -4.90 3.01 4.66
CA CYS A 93 -5.47 4.30 4.96
C CYS A 93 -6.83 4.44 4.29
N THR A 94 -7.81 4.96 5.02
CA THR A 94 -9.15 5.14 4.49
C THR A 94 -9.17 6.34 3.55
N GLY A 95 -8.07 7.07 3.48
CA GLY A 95 -7.97 8.23 2.62
C GLY A 95 -8.23 7.84 1.17
N GLU A 96 -8.13 8.81 0.26
CA GLU A 96 -8.35 8.56 -1.14
C GLU A 96 -7.02 8.32 -1.85
N GLU A 97 -6.87 7.12 -2.44
CA GLU A 97 -5.64 6.77 -3.13
C GLU A 97 -4.46 6.90 -2.20
N CYS A 98 -4.70 7.42 -0.99
CA CYS A 98 -3.64 7.60 0.00
C CYS A 98 -2.74 6.37 0.01
N ASN A 99 -3.33 5.20 -0.25
CA ASN A 99 -2.58 3.97 -0.26
C ASN A 99 -1.64 3.94 -1.46
N ASP A 100 -2.17 4.26 -2.65
CA ASP A 100 -1.39 4.28 -3.86
C ASP A 100 -0.04 4.93 -3.60
N VAL A 101 0.02 5.81 -2.59
CA VAL A 101 1.25 6.50 -2.25
C VAL A 101 1.88 5.82 -1.03
N LEU A 102 3.06 5.21 -1.24
CA LEU A 102 3.76 4.54 -0.16
C LEU A 102 4.96 5.38 0.28
N ILE A 103 4.88 5.95 1.48
CA ILE A 103 5.95 6.76 2.01
C ILE A 103 6.99 5.88 2.67
N PHE A 104 8.25 6.02 2.23
CA PHE A 104 9.33 5.22 2.79
C PHE A 104 10.25 6.11 3.62
N SER A 105 10.30 5.85 4.92
CA SER A 105 11.13 6.63 5.83
C SER A 105 11.89 5.68 6.75
N ALA A 106 13.22 5.83 6.78
CA ALA A 106 14.06 5.00 7.63
C ALA A 106 14.13 5.58 9.03
N ILE A 107 14.83 6.71 9.17
CA ILE A 107 14.97 7.38 10.44
C ILE A 107 15.21 6.35 11.53
N GLN A 1 -19.89 13.75 -3.40
CA GLN A 1 -19.71 12.99 -2.17
C GLN A 1 -18.23 12.67 -1.98
N LEU A 2 -17.90 12.03 -0.86
CA LEU A 2 -16.53 11.67 -0.56
C LEU A 2 -16.44 10.18 -0.26
N PRO A 3 -16.66 9.36 -1.28
CA PRO A 3 -16.62 7.91 -1.19
C PRO A 3 -15.18 7.46 -1.04
N ARG A 4 -14.99 6.18 -0.68
CA ARG A 4 -13.66 5.63 -0.50
C ARG A 4 -13.20 4.96 -1.80
N LEU A 5 -12.14 5.50 -2.40
CA LEU A 5 -11.60 4.95 -3.64
C LEU A 5 -10.13 4.61 -3.46
N CYS A 6 -9.71 3.48 -4.02
CA CYS A 6 -8.33 3.05 -3.92
C CYS A 6 -7.95 2.26 -5.18
N LYS A 7 -6.64 2.13 -5.42
CA LYS A 7 -6.16 1.42 -6.58
C LYS A 7 -6.18 -0.08 -6.31
N PHE A 8 -6.89 -0.83 -7.17
CA PHE A 8 -6.99 -2.27 -7.02
C PHE A 8 -6.29 -2.96 -8.18
N CYS A 9 -4.96 -3.08 -8.09
CA CYS A 9 -4.19 -3.72 -9.13
C CYS A 9 -3.30 -4.81 -8.52
N ASP A 10 -3.01 -5.84 -9.30
CA ASP A 10 -2.19 -6.94 -8.85
C ASP A 10 -0.76 -6.47 -8.67
N VAL A 11 0.07 -7.29 -8.02
CA VAL A 11 1.46 -6.96 -7.80
C VAL A 11 2.26 -7.19 -9.09
N LYS A 12 2.78 -6.11 -9.67
CA LYS A 12 3.55 -6.19 -10.89
C LYS A 12 4.78 -5.30 -10.79
N ALA A 13 5.77 -5.56 -11.65
CA ALA A 13 6.99 -4.78 -11.66
C ALA A 13 6.66 -3.30 -11.53
N THR A 14 7.30 -2.63 -10.56
CA THR A 14 7.07 -1.21 -10.34
C THR A 14 8.38 -0.45 -10.43
N THR A 15 8.30 0.87 -10.55
CA THR A 15 9.48 1.70 -10.65
C THR A 15 9.54 2.66 -9.46
N CYS A 16 8.81 2.32 -8.39
CA CYS A 16 8.78 3.15 -7.20
C CYS A 16 9.85 2.68 -6.23
N SER A 17 10.57 3.63 -5.61
CA SER A 17 11.61 3.31 -4.67
C SER A 17 11.14 3.64 -3.25
N ASN A 18 11.83 3.10 -2.25
CA ASN A 18 11.49 3.34 -0.87
C ASN A 18 11.83 4.78 -0.49
N GLN A 19 11.13 5.74 -1.12
CA GLN A 19 11.35 7.14 -0.84
C GLN A 19 10.23 7.68 0.03
N ASP A 20 10.46 8.85 0.65
CA ASP A 20 9.47 9.47 1.50
C ASP A 20 8.08 9.25 0.93
N GLN A 21 7.85 9.74 -0.29
CA GLN A 21 6.56 9.59 -0.94
C GLN A 21 6.73 8.84 -2.25
N CYS A 22 5.87 7.84 -2.48
CA CYS A 22 5.93 7.05 -3.71
C CYS A 22 4.53 6.82 -4.23
N THR A 23 4.42 6.45 -5.50
CA THR A 23 3.13 6.19 -6.12
C THR A 23 3.00 4.71 -6.46
N SER A 24 1.75 4.23 -6.54
CA SER A 24 1.50 2.84 -6.86
C SER A 24 1.59 2.62 -8.36
N ASN A 25 1.41 3.70 -9.13
CA ASN A 25 1.48 3.63 -10.59
C ASN A 25 0.25 2.91 -11.12
N CYS A 26 -0.65 2.52 -10.22
CA CYS A 26 -1.87 1.83 -10.61
C CYS A 26 -2.76 2.78 -11.40
N ASN A 27 -3.73 2.21 -12.12
CA ASN A 27 -4.66 3.00 -12.91
C ASN A 27 -6.07 2.47 -12.76
N ILE A 28 -6.30 1.69 -11.69
CA ILE A 28 -7.61 1.12 -11.43
C ILE A 28 -8.25 1.83 -10.24
N THR A 29 -9.58 1.96 -10.28
CA THR A 29 -10.30 2.62 -9.21
C THR A 29 -11.35 1.68 -8.63
N SER A 30 -11.05 1.13 -7.45
CA SER A 30 -11.97 0.21 -6.79
C SER A 30 -12.81 0.97 -5.79
N ILE A 31 -14.13 0.74 -5.82
CA ILE A 31 -15.05 1.39 -4.91
C ILE A 31 -15.03 0.69 -3.56
N CYS A 32 -14.94 1.47 -2.48
CA CYS A 32 -14.91 0.92 -1.14
C CYS A 32 -15.52 1.92 -0.16
N GLU A 33 -16.40 2.78 -0.66
CA GLU A 33 -17.05 3.78 0.17
C GLU A 33 -18.02 3.11 1.12
N LYS A 34 -18.25 1.80 0.93
CA LYS A 34 -19.14 1.05 1.78
C LYS A 34 -18.46 0.71 3.09
N ASN A 35 -17.38 1.42 3.41
CA ASN A 35 -16.64 1.20 4.64
C ASN A 35 -16.51 -0.30 4.89
N ASN A 36 -16.61 -1.09 3.82
CA ASN A 36 -16.49 -2.54 3.93
C ASN A 36 -15.03 -2.95 3.88
N GLU A 37 -14.13 -1.96 3.92
CA GLU A 37 -12.71 -2.23 3.87
C GLU A 37 -11.94 -0.91 3.80
N VAL A 38 -10.63 -1.01 3.58
CA VAL A 38 -9.78 0.17 3.49
C VAL A 38 -8.78 0.00 2.36
N CYS A 39 -8.06 1.08 2.03
CA CYS A 39 -7.08 1.05 0.97
C CYS A 39 -5.73 0.61 1.53
N ALA A 40 -5.15 -0.43 0.95
CA ALA A 40 -3.87 -0.95 1.39
C ALA A 40 -2.97 -1.19 0.19
N ALA A 41 -1.75 -0.65 0.24
CA ALA A 41 -0.80 -0.82 -0.84
C ALA A 41 0.55 -1.26 -0.29
N VAL A 42 1.09 -2.35 -0.84
CA VAL A 42 2.37 -2.88 -0.40
C VAL A 42 3.34 -2.92 -1.57
N TRP A 43 4.51 -2.29 -1.40
CA TRP A 43 5.52 -2.27 -2.45
C TRP A 43 6.71 -3.11 -2.02
N ARG A 44 7.03 -4.14 -2.81
CA ARG A 44 8.14 -5.01 -2.53
C ARG A 44 9.24 -4.80 -3.55
N ARG A 45 10.49 -5.07 -3.17
CA ARG A 45 11.62 -4.90 -4.05
C ARG A 45 12.62 -6.04 -3.83
N ASN A 46 12.70 -6.97 -4.79
CA ASN A 46 13.61 -8.08 -4.70
C ASN A 46 14.72 -7.94 -5.72
N ASP A 47 15.96 -8.10 -5.28
CA ASP A 47 17.11 -7.98 -6.16
C ASP A 47 16.92 -6.81 -7.11
N GLU A 48 16.48 -7.10 -8.33
CA GLU A 48 16.26 -6.05 -9.33
C GLU A 48 14.83 -6.12 -9.84
N ASN A 49 13.96 -6.82 -9.09
CA ASN A 49 12.58 -6.95 -9.48
C ASN A 49 11.67 -6.38 -8.38
N VAL A 50 11.23 -5.14 -8.56
CA VAL A 50 10.37 -4.49 -7.59
C VAL A 50 8.92 -4.58 -8.04
N THR A 51 8.06 -5.13 -7.19
CA THR A 51 6.65 -5.27 -7.51
C THR A 51 5.81 -4.51 -6.50
N LEU A 52 4.74 -3.86 -6.96
CA LEU A 52 3.86 -3.11 -6.10
C LEU A 52 2.43 -3.63 -6.24
N GLU A 53 1.75 -3.82 -5.10
CA GLU A 53 0.39 -4.30 -5.10
C GLU A 53 -0.53 -3.28 -4.45
N THR A 54 -1.71 -3.09 -5.03
CA THR A 54 -2.67 -2.14 -4.50
C THR A 54 -4.07 -2.74 -4.54
N ILE A 55 -4.76 -2.72 -3.39
CA ILE A 55 -6.10 -3.26 -3.29
C ILE A 55 -6.70 -2.88 -1.96
N CYS A 56 -8.03 -3.03 -1.83
CA CYS A 56 -8.73 -2.71 -0.61
C CYS A 56 -8.56 -3.82 0.41
N HIS A 57 -7.44 -3.80 1.13
CA HIS A 57 -7.16 -4.82 2.13
C HIS A 57 -7.46 -4.29 3.52
N ASP A 58 -7.77 -5.19 4.46
CA ASP A 58 -8.08 -4.80 5.82
C ASP A 58 -6.84 -4.96 6.69
N PRO A 59 -6.55 -3.93 7.49
CA PRO A 59 -5.41 -3.90 8.40
C PRO A 59 -5.66 -4.84 9.56
N GLN A 60 -6.46 -5.88 9.33
CA GLN A 60 -6.78 -6.85 10.37
C GLN A 60 -5.91 -8.09 10.20
N LYS A 61 -5.84 -8.61 8.97
CA LYS A 61 -5.05 -9.80 8.69
C LYS A 61 -3.61 -9.40 8.42
N ARG A 62 -2.70 -10.36 8.53
CA ARG A 62 -1.28 -10.11 8.29
C ARG A 62 -0.96 -10.34 6.82
N LEU A 63 -0.41 -9.30 6.17
CA LEU A 63 -0.06 -9.39 4.77
C LEU A 63 1.44 -9.61 4.63
N TYR A 64 1.83 -10.66 3.90
CA TYR A 64 3.24 -10.97 3.70
C TYR A 64 3.95 -10.99 5.04
N GLY A 65 3.20 -11.20 6.12
CA GLY A 65 3.78 -11.25 7.45
C GLY A 65 3.98 -9.83 7.98
N HIS A 66 3.25 -8.88 7.43
CA HIS A 66 3.35 -7.49 7.84
C HIS A 66 2.03 -7.01 8.42
N MET A 67 2.04 -6.64 9.70
CA MET A 67 0.83 -6.16 10.36
C MET A 67 0.79 -4.65 10.33
N LEU A 68 -0.19 -4.09 9.61
CA LEU A 68 -0.34 -2.66 9.50
C LEU A 68 -1.65 -2.23 10.15
N ASP A 69 -1.61 -1.12 10.91
CA ASP A 69 -2.78 -0.60 11.57
C ASP A 69 -2.66 0.90 11.75
N ASP A 70 -3.15 1.66 10.76
CA ASP A 70 -3.10 3.11 10.81
C ASP A 70 -3.71 3.67 9.54
N SER A 71 -4.97 3.36 9.29
CA SER A 71 -5.67 3.86 8.11
C SER A 71 -6.44 5.12 8.45
N SER A 72 -6.54 5.42 9.75
CA SER A 72 -7.24 6.60 10.21
C SER A 72 -6.40 7.84 9.95
N SER A 73 -5.18 7.64 9.45
CA SER A 73 -4.28 8.74 9.15
C SER A 73 -4.64 9.35 7.80
N GLU A 74 -4.18 10.57 7.56
CA GLU A 74 -4.45 11.25 6.30
C GLU A 74 -3.42 10.85 5.26
N GLN A 75 -2.31 10.26 5.72
CA GLN A 75 -1.25 9.82 4.82
C GLN A 75 -0.84 8.40 5.16
N CYS A 76 -0.84 7.52 4.15
CA CYS A 76 -0.47 6.13 4.34
C CYS A 76 1.05 6.00 4.31
N VAL A 77 1.61 5.36 5.33
CA VAL A 77 3.05 5.17 5.42
C VAL A 77 3.38 3.69 5.27
N MET A 78 4.32 3.36 4.38
CA MET A 78 4.71 1.99 4.16
C MET A 78 5.73 1.56 5.21
N LYS A 79 5.38 0.53 5.99
CA LYS A 79 6.26 0.03 7.03
C LYS A 79 7.22 -0.99 6.44
N GLU A 80 8.39 -1.13 7.08
CA GLU A 80 9.39 -2.08 6.61
C GLU A 80 9.40 -3.31 7.51
N LYS A 81 8.90 -4.43 6.98
CA LYS A 81 8.85 -5.67 7.74
C LYS A 81 9.99 -6.58 7.31
N LYS A 82 10.36 -7.53 8.18
CA LYS A 82 11.44 -8.45 7.89
C LYS A 82 11.16 -9.15 6.58
N ASP A 83 11.87 -8.75 5.52
CA ASP A 83 11.70 -9.35 4.21
C ASP A 83 13.04 -9.86 3.70
N ASP A 84 13.18 -11.20 3.65
CA ASP A 84 14.39 -11.83 3.19
C ASP A 84 14.31 -12.09 1.70
N GLY A 85 15.33 -11.67 0.94
CA GLY A 85 15.36 -11.87 -0.49
C GLY A 85 14.88 -10.62 -1.21
N GLY A 86 14.31 -9.67 -0.45
CA GLY A 86 13.81 -8.44 -1.02
C GLY A 86 13.02 -7.66 0.03
N LEU A 87 13.04 -6.33 -0.09
CA LEU A 87 12.33 -5.47 0.84
C LEU A 87 10.86 -5.41 0.46
N MET A 88 9.97 -5.45 1.45
CA MET A 88 8.55 -5.39 1.22
C MET A 88 7.90 -4.42 2.19
N PHE A 89 7.30 -3.34 1.66
CA PHE A 89 6.64 -2.35 2.48
C PHE A 89 5.14 -2.35 2.20
N MET A 90 4.34 -2.38 3.26
CA MET A 90 2.90 -2.39 3.13
C MET A 90 2.28 -1.31 4.02
N CYS A 91 1.22 -0.66 3.53
CA CYS A 91 0.55 0.38 4.28
C CYS A 91 -0.95 0.30 4.05
N SER A 92 -1.74 0.78 5.01
CA SER A 92 -3.18 0.77 4.91
C SER A 92 -3.73 2.17 5.10
N CYS A 93 -4.96 2.40 4.62
CA CYS A 93 -5.59 3.70 4.74
C CYS A 93 -6.93 3.68 4.02
N THR A 94 -7.95 4.30 4.63
CA THR A 94 -9.27 4.35 4.04
C THR A 94 -9.41 5.60 3.19
N GLY A 95 -8.31 6.36 3.06
CA GLY A 95 -8.31 7.57 2.27
C GLY A 95 -8.44 7.24 0.79
N GLU A 96 -8.71 8.26 -0.03
CA GLU A 96 -8.84 8.07 -1.46
C GLU A 96 -7.48 7.83 -2.09
N GLU A 97 -7.31 6.69 -2.74
CA GLU A 97 -6.06 6.35 -3.38
C GLU A 97 -4.91 6.45 -2.38
N CYS A 98 -5.25 6.81 -1.14
CA CYS A 98 -4.25 6.93 -0.09
C CYS A 98 -3.28 5.77 -0.17
N ASN A 99 -3.78 4.58 -0.52
CA ASN A 99 -2.96 3.39 -0.62
C ASN A 99 -2.03 3.52 -1.81
N ASP A 100 -2.56 3.98 -2.94
CA ASP A 100 -1.77 4.14 -4.14
C ASP A 100 -0.48 4.88 -3.83
N VAL A 101 -0.54 5.80 -2.87
CA VAL A 101 0.62 6.57 -2.46
C VAL A 101 1.36 5.85 -1.35
N LEU A 102 2.49 5.24 -1.68
CA LEU A 102 3.29 4.52 -0.71
C LEU A 102 4.39 5.42 -0.18
N ILE A 103 4.35 5.71 1.13
CA ILE A 103 5.34 6.55 1.75
C ILE A 103 6.40 5.69 2.44
N PHE A 104 7.67 5.97 2.16
CA PHE A 104 8.76 5.21 2.76
C PHE A 104 9.63 6.14 3.59
N SER A 105 9.67 5.90 4.90
CA SER A 105 10.46 6.72 5.80
C SER A 105 11.23 5.82 6.76
N ALA A 106 12.55 5.97 6.80
CA ALA A 106 13.40 5.17 7.67
C ALA A 106 13.70 5.96 8.94
N ILE A 107 12.68 6.61 9.50
CA ILE A 107 12.84 7.39 10.71
C ILE A 107 11.52 7.45 11.47
N GLN A 1 -15.63 11.44 -7.35
CA GLN A 1 -16.41 11.61 -6.14
C GLN A 1 -16.42 10.30 -5.36
N LEU A 2 -17.62 9.74 -5.17
CA LEU A 2 -17.77 8.49 -4.43
C LEU A 2 -17.29 8.68 -3.00
N PRO A 3 -17.64 7.73 -2.13
CA PRO A 3 -17.27 7.74 -0.72
C PRO A 3 -15.79 7.43 -0.58
N ARG A 4 -15.47 6.26 -0.02
CA ARG A 4 -14.10 5.85 0.18
C ARG A 4 -13.60 5.12 -1.05
N LEU A 5 -12.52 5.62 -1.65
CA LEU A 5 -11.94 5.01 -2.84
C LEU A 5 -10.50 4.57 -2.56
N CYS A 6 -10.06 3.52 -3.24
CA CYS A 6 -8.71 3.00 -3.06
C CYS A 6 -8.21 2.41 -4.36
N LYS A 7 -6.91 2.52 -4.61
CA LYS A 7 -6.31 1.99 -5.81
C LYS A 7 -6.29 0.46 -5.76
N PHE A 8 -6.93 -0.18 -6.74
CA PHE A 8 -6.99 -1.62 -6.79
C PHE A 8 -6.15 -2.13 -7.96
N CYS A 9 -4.82 -2.13 -7.78
CA CYS A 9 -3.91 -2.58 -8.81
C CYS A 9 -3.18 -3.83 -8.34
N ASP A 10 -3.03 -4.81 -9.23
CA ASP A 10 -2.35 -6.04 -8.90
C ASP A 10 -0.85 -5.79 -8.75
N VAL A 11 -0.13 -6.79 -8.23
CA VAL A 11 1.31 -6.66 -8.04
C VAL A 11 2.02 -6.79 -9.37
N LYS A 12 2.64 -5.70 -9.82
CA LYS A 12 3.36 -5.70 -11.09
C LYS A 12 4.70 -4.98 -10.92
N ALA A 13 5.64 -5.27 -11.82
CA ALA A 13 6.95 -4.65 -11.77
C ALA A 13 6.80 -3.13 -11.70
N THR A 14 7.11 -2.57 -10.53
CA THR A 14 7.01 -1.13 -10.33
C THR A 14 8.41 -0.51 -10.32
N THR A 15 8.47 0.81 -10.46
CA THR A 15 9.73 1.52 -10.45
C THR A 15 9.78 2.51 -9.30
N CYS A 16 8.90 2.31 -8.31
CA CYS A 16 8.84 3.18 -7.15
C CYS A 16 10.04 2.92 -6.25
N SER A 17 10.60 3.99 -5.67
CA SER A 17 11.75 3.86 -4.80
C SER A 17 11.31 4.10 -3.35
N ASN A 18 11.93 3.38 -2.41
CA ASN A 18 11.61 3.52 -1.01
C ASN A 18 12.00 4.91 -0.53
N GLN A 19 11.31 5.94 -1.03
CA GLN A 19 11.58 7.31 -0.65
C GLN A 19 10.52 7.80 0.31
N ASP A 20 10.78 8.94 0.97
CA ASP A 20 9.85 9.51 1.92
C ASP A 20 8.45 9.49 1.33
N GLN A 21 8.35 9.62 0.00
CA GLN A 21 7.06 9.62 -0.68
C GLN A 21 7.18 8.86 -1.99
N CYS A 22 6.25 7.93 -2.22
CA CYS A 22 6.24 7.14 -3.44
C CYS A 22 4.82 7.02 -3.98
N THR A 23 4.69 6.58 -5.23
CA THR A 23 3.38 6.42 -5.85
C THR A 23 3.11 4.94 -6.10
N SER A 24 1.83 4.58 -6.16
CA SER A 24 1.43 3.22 -6.40
C SER A 24 1.48 2.91 -7.89
N ASN A 25 1.43 3.96 -8.71
CA ASN A 25 1.47 3.80 -10.15
C ASN A 25 0.16 3.22 -10.65
N CYS A 26 -0.74 2.89 -9.73
CA CYS A 26 -2.02 2.33 -10.08
C CYS A 26 -2.86 3.37 -10.81
N ASN A 27 -3.92 2.93 -11.50
CA ASN A 27 -4.78 3.82 -12.23
C ASN A 27 -6.21 3.31 -12.19
N ILE A 28 -6.57 2.63 -11.10
CA ILE A 28 -7.90 2.09 -10.94
C ILE A 28 -8.53 2.62 -9.66
N THR A 29 -9.86 2.77 -9.65
CA THR A 29 -10.56 3.27 -8.49
C THR A 29 -11.59 2.25 -8.03
N SER A 30 -11.27 1.52 -6.96
CA SER A 30 -12.18 0.52 -6.43
C SER A 30 -12.99 1.11 -5.28
N ILE A 31 -14.30 0.89 -5.31
CA ILE A 31 -15.18 1.41 -4.28
C ILE A 31 -15.18 0.47 -3.08
N CYS A 32 -15.09 1.04 -1.87
CA CYS A 32 -15.07 0.25 -0.65
C CYS A 32 -16.15 0.75 0.29
N GLU A 33 -17.33 1.05 -0.26
CA GLU A 33 -18.44 1.53 0.55
C GLU A 33 -19.32 0.36 0.96
N LYS A 34 -19.06 -0.82 0.39
CA LYS A 34 -19.83 -2.01 0.70
C LYS A 34 -19.35 -2.61 2.02
N ASN A 35 -18.64 -1.80 2.81
CA ASN A 35 -18.13 -2.24 4.10
C ASN A 35 -17.13 -1.24 4.64
N ASN A 36 -16.54 -1.54 5.79
CA ASN A 36 -15.57 -0.67 6.41
C ASN A 36 -14.21 -0.86 5.75
N GLU A 37 -14.21 -1.40 4.54
CA GLU A 37 -12.97 -1.62 3.80
C GLU A 37 -12.10 -0.38 3.86
N VAL A 38 -10.81 -0.55 3.55
CA VAL A 38 -9.87 0.56 3.56
C VAL A 38 -8.88 0.41 2.42
N CYS A 39 -8.11 1.47 2.15
CA CYS A 39 -7.14 1.46 1.08
C CYS A 39 -5.78 1.03 1.63
N ALA A 40 -5.21 -0.02 1.03
CA ALA A 40 -3.92 -0.54 1.46
C ALA A 40 -3.02 -0.74 0.26
N ALA A 41 -1.78 -0.24 0.35
CA ALA A 41 -0.83 -0.36 -0.74
C ALA A 41 0.49 -0.92 -0.20
N VAL A 42 0.93 -2.04 -0.77
CA VAL A 42 2.17 -2.66 -0.35
C VAL A 42 3.16 -2.66 -1.50
N TRP A 43 4.36 -2.10 -1.26
CA TRP A 43 5.39 -2.04 -2.27
C TRP A 43 6.57 -2.89 -1.85
N ARG A 44 6.92 -3.88 -2.70
CA ARG A 44 8.03 -4.76 -2.41
C ARG A 44 9.11 -4.60 -3.48
N ARG A 45 10.36 -4.88 -3.13
CA ARG A 45 11.47 -4.77 -4.05
C ARG A 45 12.45 -5.91 -3.83
N ASN A 46 12.50 -6.85 -4.77
CA ASN A 46 13.39 -7.99 -4.68
C ASN A 46 14.53 -7.84 -5.68
N ASP A 47 15.76 -8.00 -5.21
CA ASP A 47 16.93 -7.89 -6.06
C ASP A 47 16.77 -6.70 -7.00
N GLU A 48 16.35 -6.97 -8.23
CA GLU A 48 16.16 -5.92 -9.22
C GLU A 48 14.74 -5.98 -9.77
N ASN A 49 13.84 -6.63 -9.03
CA ASN A 49 12.46 -6.76 -9.46
C ASN A 49 11.54 -6.21 -8.38
N VAL A 50 11.09 -4.96 -8.54
CA VAL A 50 10.22 -4.32 -7.58
C VAL A 50 8.77 -4.43 -8.06
N THR A 51 7.88 -4.88 -7.17
CA THR A 51 6.48 -5.03 -7.51
C THR A 51 5.64 -4.12 -6.62
N LEU A 52 4.50 -3.67 -7.15
CA LEU A 52 3.60 -2.80 -6.41
C LEU A 52 2.19 -3.35 -6.46
N GLU A 53 1.61 -3.61 -5.30
CA GLU A 53 0.25 -4.14 -5.21
C GLU A 53 -0.62 -3.21 -4.39
N THR A 54 -1.73 -2.75 -4.98
CA THR A 54 -2.64 -1.87 -4.29
C THR A 54 -4.06 -2.41 -4.37
N ILE A 55 -4.75 -2.44 -3.22
CA ILE A 55 -6.11 -2.94 -3.16
C ILE A 55 -6.72 -2.61 -1.81
N CYS A 56 -8.00 -2.95 -1.63
CA CYS A 56 -8.69 -2.67 -0.38
C CYS A 56 -8.42 -3.80 0.62
N HIS A 57 -7.34 -3.65 1.40
CA HIS A 57 -6.98 -4.65 2.38
C HIS A 57 -7.26 -4.12 3.78
N ASP A 58 -7.79 -4.98 4.66
CA ASP A 58 -8.10 -4.60 6.02
C ASP A 58 -6.82 -4.53 6.84
N PRO A 59 -6.65 -3.43 7.57
CA PRO A 59 -5.50 -3.18 8.42
C PRO A 59 -5.55 -4.08 9.64
N GLN A 60 -6.36 -5.14 9.56
CA GLN A 60 -6.50 -6.07 10.67
C GLN A 60 -5.64 -7.31 10.41
N LYS A 61 -5.79 -7.90 9.23
CA LYS A 61 -5.02 -9.09 8.88
C LYS A 61 -3.67 -8.68 8.32
N ARG A 62 -2.64 -9.46 8.64
CA ARG A 62 -1.29 -9.18 8.17
C ARG A 62 -1.13 -9.66 6.73
N LEU A 63 -0.65 -8.77 5.86
CA LEU A 63 -0.46 -9.10 4.47
C LEU A 63 0.99 -9.52 4.22
N TYR A 64 1.18 -10.61 3.49
CA TYR A 64 2.51 -11.11 3.20
C TYR A 64 3.31 -11.23 4.49
N GLY A 65 2.62 -11.46 5.61
CA GLY A 65 3.27 -11.60 6.89
C GLY A 65 3.57 -10.23 7.48
N HIS A 66 2.99 -9.18 6.87
CA HIS A 66 3.21 -7.83 7.33
C HIS A 66 1.90 -7.24 7.85
N MET A 67 1.96 -6.60 9.02
CA MET A 67 0.77 -6.00 9.61
C MET A 67 1.00 -4.50 9.80
N LEU A 68 0.06 -3.69 9.33
CA LEU A 68 0.15 -2.25 9.46
C LEU A 68 -0.94 -1.75 10.37
N ASP A 69 -0.71 -0.60 11.02
CA ASP A 69 -1.67 0.00 11.92
C ASP A 69 -1.52 1.51 11.93
N ASP A 70 -2.07 2.16 10.90
CA ASP A 70 -1.99 3.61 10.80
C ASP A 70 -2.69 4.07 9.52
N SER A 71 -4.00 3.78 9.41
CA SER A 71 -4.77 4.16 8.25
C SER A 71 -5.60 5.39 8.56
N SER A 72 -5.44 5.93 9.78
CA SER A 72 -6.18 7.11 10.19
C SER A 72 -5.37 8.36 9.90
N SER A 73 -4.14 8.17 9.41
CA SER A 73 -3.27 9.28 9.09
C SER A 73 -3.42 9.65 7.61
N GLU A 74 -3.22 10.93 7.30
CA GLU A 74 -3.32 11.40 5.93
C GLU A 74 -2.19 10.84 5.09
N GLN A 75 -0.99 10.77 5.68
CA GLN A 75 0.17 10.26 4.99
C GLN A 75 0.47 8.85 5.46
N CYS A 76 0.16 7.86 4.64
CA CYS A 76 0.40 6.46 4.98
C CYS A 76 1.86 6.13 4.74
N VAL A 77 2.53 5.57 5.77
CA VAL A 77 3.92 5.20 5.67
C VAL A 77 4.07 3.71 5.90
N MET A 78 4.33 2.96 4.83
CA MET A 78 4.50 1.52 4.93
C MET A 78 5.77 1.20 5.69
N LYS A 79 5.67 0.33 6.69
CA LYS A 79 6.82 -0.06 7.49
C LYS A 79 7.55 -1.22 6.82
N GLU A 80 8.85 -1.33 7.07
CA GLU A 80 9.64 -2.40 6.50
C GLU A 80 9.50 -3.66 7.35
N LYS A 81 8.97 -4.73 6.73
CA LYS A 81 8.78 -5.99 7.42
C LYS A 81 9.86 -6.97 7.01
N LYS A 82 10.11 -7.97 7.86
CA LYS A 82 11.12 -8.98 7.56
C LYS A 82 10.82 -9.64 6.23
N ASP A 83 11.59 -9.27 5.19
CA ASP A 83 11.42 -9.81 3.87
C ASP A 83 12.72 -10.44 3.39
N ASP A 84 12.72 -11.77 3.21
CA ASP A 84 13.89 -12.47 2.75
C ASP A 84 13.89 -12.58 1.23
N GLY A 85 14.98 -12.17 0.60
CA GLY A 85 15.08 -12.22 -0.85
C GLY A 85 14.73 -10.87 -1.46
N GLY A 86 14.18 -9.97 -0.63
CA GLY A 86 13.79 -8.66 -1.10
C GLY A 86 13.08 -7.89 0.02
N LEU A 87 12.70 -6.65 -0.27
CA LEU A 87 12.02 -5.82 0.71
C LEU A 87 10.54 -5.72 0.37
N MET A 88 9.69 -5.75 1.39
CA MET A 88 8.25 -5.66 1.19
C MET A 88 7.64 -4.69 2.19
N PHE A 89 7.05 -3.61 1.69
CA PHE A 89 6.43 -2.61 2.54
C PHE A 89 4.93 -2.57 2.29
N MET A 90 4.15 -2.54 3.37
CA MET A 90 2.70 -2.52 3.26
C MET A 90 2.15 -1.35 4.08
N CYS A 91 1.13 -0.68 3.54
CA CYS A 91 0.51 0.45 4.21
C CYS A 91 -0.99 0.42 3.99
N SER A 92 -1.73 1.22 4.76
CA SER A 92 -3.17 1.29 4.64
C SER A 92 -3.66 2.64 5.12
N CYS A 93 -4.83 3.07 4.61
CA CYS A 93 -5.41 4.33 4.99
C CYS A 93 -6.86 4.40 4.52
N THR A 94 -7.74 4.95 5.36
CA THR A 94 -9.14 5.07 5.02
C THR A 94 -9.34 6.21 4.04
N GLY A 95 -8.28 6.98 3.79
CA GLY A 95 -8.34 8.09 2.88
C GLY A 95 -8.60 7.60 1.46
N GLU A 96 -8.72 8.53 0.51
CA GLU A 96 -8.97 8.18 -0.87
C GLU A 96 -7.65 7.97 -1.60
N GLU A 97 -7.45 6.76 -2.13
CA GLU A 97 -6.23 6.43 -2.84
C GLU A 97 -5.02 6.86 -2.02
N CYS A 98 -5.24 7.23 -0.77
CA CYS A 98 -4.18 7.66 0.12
C CYS A 98 -3.11 6.58 0.18
N ASN A 99 -3.51 5.33 -0.02
CA ASN A 99 -2.59 4.21 0.03
C ASN A 99 -1.71 4.21 -1.21
N ASP A 100 -2.28 4.65 -2.34
CA ASP A 100 -1.54 4.71 -3.59
C ASP A 100 -0.18 5.34 -3.35
N VAL A 101 -0.11 6.33 -2.46
CA VAL A 101 1.12 7.01 -2.15
C VAL A 101 1.83 6.29 -1.01
N LEU A 102 2.87 5.52 -1.34
CA LEU A 102 3.63 4.78 -0.34
C LEU A 102 4.79 5.63 0.15
N ILE A 103 4.80 5.93 1.45
CA ILE A 103 5.86 6.73 2.04
C ILE A 103 6.90 5.82 2.67
N PHE A 104 8.17 6.07 2.37
CA PHE A 104 9.25 5.27 2.92
C PHE A 104 10.17 6.15 3.76
N SER A 105 10.23 5.89 5.06
CA SER A 105 11.08 6.65 5.95
C SER A 105 11.82 5.72 6.89
N ALA A 106 13.06 6.09 7.24
CA ALA A 106 13.87 5.27 8.13
C ALA A 106 13.31 5.33 9.54
N ILE A 107 12.11 4.77 9.72
CA ILE A 107 11.47 4.76 11.02
C ILE A 107 10.28 3.80 11.01
N GLN A 1 -22.01 9.91 -4.47
CA GLN A 1 -21.79 8.77 -3.60
C GLN A 1 -20.30 8.42 -3.57
N LEU A 2 -19.99 7.14 -3.35
CA LEU A 2 -18.62 6.70 -3.29
C LEU A 2 -17.78 7.67 -2.47
N PRO A 3 -18.07 7.74 -1.17
CA PRO A 3 -17.39 8.62 -0.23
C PRO A 3 -15.98 8.08 0.03
N ARG A 4 -15.71 6.87 -0.46
CA ARG A 4 -14.41 6.24 -0.26
C ARG A 4 -13.85 5.81 -1.61
N LEU A 5 -12.62 6.25 -1.91
CA LEU A 5 -11.97 5.91 -3.15
C LEU A 5 -10.54 5.45 -2.89
N CYS A 6 -10.14 4.35 -3.53
CA CYS A 6 -8.81 3.81 -3.36
C CYS A 6 -8.35 3.14 -4.65
N LYS A 7 -7.04 2.97 -4.80
CA LYS A 7 -6.48 2.35 -5.98
C LYS A 7 -6.64 0.84 -5.90
N PHE A 8 -6.73 0.18 -7.06
CA PHE A 8 -6.89 -1.26 -7.11
C PHE A 8 -6.10 -1.83 -8.28
N CYS A 9 -4.86 -2.23 -8.03
CA CYS A 9 -4.01 -2.78 -9.06
C CYS A 9 -3.26 -3.99 -8.52
N ASP A 10 -3.04 -4.99 -9.37
CA ASP A 10 -2.34 -6.20 -8.97
C ASP A 10 -0.87 -5.88 -8.74
N VAL A 11 -0.15 -6.82 -8.11
CA VAL A 11 1.26 -6.64 -7.84
C VAL A 11 2.06 -6.89 -9.10
N LYS A 12 2.71 -5.84 -9.62
CA LYS A 12 3.51 -5.96 -10.83
C LYS A 12 4.82 -5.20 -10.66
N ALA A 13 5.80 -5.51 -11.51
CA ALA A 13 7.09 -4.86 -11.44
C ALA A 13 6.92 -3.34 -11.44
N THR A 14 7.24 -2.70 -10.32
CA THR A 14 7.12 -1.27 -10.20
C THR A 14 8.49 -0.62 -10.20
N THR A 15 8.53 0.69 -10.45
CA THR A 15 9.78 1.42 -10.47
C THR A 15 9.86 2.37 -9.27
N CYS A 16 9.07 2.07 -8.23
CA CYS A 16 9.06 2.88 -7.04
C CYS A 16 10.15 2.43 -6.08
N SER A 17 10.88 3.39 -5.51
CA SER A 17 11.96 3.09 -4.59
C SER A 17 11.54 3.44 -3.17
N ASN A 18 12.32 2.99 -2.19
CA ASN A 18 12.03 3.27 -0.79
C ASN A 18 12.36 4.71 -0.47
N GLN A 19 11.62 5.65 -1.07
CA GLN A 19 11.83 7.06 -0.84
C GLN A 19 10.78 7.61 0.10
N ASP A 20 11.10 8.70 0.80
CA ASP A 20 10.17 9.31 1.73
C ASP A 20 8.78 9.36 1.12
N GLN A 21 8.71 9.47 -0.21
CA GLN A 21 7.44 9.53 -0.91
C GLN A 21 7.54 8.75 -2.21
N CYS A 22 6.58 7.85 -2.44
CA CYS A 22 6.55 7.04 -3.64
C CYS A 22 5.13 6.97 -4.19
N THR A 23 4.98 6.43 -5.39
CA THR A 23 3.68 6.30 -6.02
C THR A 23 3.32 4.82 -6.15
N SER A 24 2.02 4.54 -6.30
CA SER A 24 1.55 3.17 -6.45
C SER A 24 1.70 2.72 -7.89
N ASN A 25 1.77 3.68 -8.82
CA ASN A 25 1.92 3.38 -10.23
C ASN A 25 0.63 2.79 -10.77
N CYS A 26 -0.31 2.46 -9.88
CA CYS A 26 -1.58 1.89 -10.27
C CYS A 26 -2.39 2.93 -11.04
N ASN A 27 -3.42 2.47 -11.76
CA ASN A 27 -4.26 3.36 -12.52
C ASN A 27 -5.71 2.89 -12.45
N ILE A 28 -6.15 2.50 -11.26
CA ILE A 28 -7.50 2.03 -11.06
C ILE A 28 -8.12 2.71 -9.84
N THR A 29 -9.44 2.89 -9.86
CA THR A 29 -10.13 3.52 -8.76
C THR A 29 -11.21 2.59 -8.21
N SER A 30 -10.92 1.97 -7.07
CA SER A 30 -11.85 1.05 -6.44
C SER A 30 -12.65 1.78 -5.37
N ILE A 31 -13.98 1.67 -5.43
CA ILE A 31 -14.85 2.32 -4.47
C ILE A 31 -15.08 1.40 -3.28
N CYS A 32 -14.95 1.94 -2.08
CA CYS A 32 -15.14 1.17 -0.86
C CYS A 32 -16.37 1.67 -0.12
N GLU A 33 -17.54 1.53 -0.75
CA GLU A 33 -18.78 1.97 -0.14
C GLU A 33 -19.12 1.08 1.05
N LYS A 34 -18.31 0.05 1.26
CA LYS A 34 -18.54 -0.87 2.37
C LYS A 34 -18.11 -0.23 3.68
N ASN A 35 -17.46 0.92 3.58
CA ASN A 35 -17.00 1.64 4.75
C ASN A 35 -15.90 0.85 5.45
N ASN A 36 -16.10 -0.47 5.58
CA ASN A 36 -15.13 -1.33 6.22
C ASN A 36 -14.02 -1.66 5.24
N GLU A 37 -13.86 -0.83 4.21
CA GLU A 37 -12.83 -1.04 3.21
C GLU A 37 -11.94 0.19 3.10
N VAL A 38 -10.64 0.01 3.34
CA VAL A 38 -9.70 1.11 3.27
C VAL A 38 -8.69 0.85 2.15
N CYS A 39 -7.89 1.86 1.83
CA CYS A 39 -6.88 1.74 0.79
C CYS A 39 -5.58 1.22 1.37
N ALA A 40 -5.07 0.12 0.82
CA ALA A 40 -3.83 -0.47 1.29
C ALA A 40 -2.91 -0.74 0.12
N ALA A 41 -1.66 -0.27 0.21
CA ALA A 41 -0.68 -0.47 -0.84
C ALA A 41 0.61 -1.00 -0.26
N VAL A 42 1.07 -2.15 -0.76
CA VAL A 42 2.29 -2.76 -0.29
C VAL A 42 3.31 -2.81 -1.41
N TRP A 43 4.47 -2.18 -1.21
CA TRP A 43 5.52 -2.17 -2.21
C TRP A 43 6.65 -3.07 -1.78
N ARG A 44 6.96 -4.08 -2.60
CA ARG A 44 8.02 -5.02 -2.31
C ARG A 44 9.14 -4.87 -3.32
N ARG A 45 10.37 -5.20 -2.92
CA ARG A 45 11.52 -5.10 -3.79
C ARG A 45 12.45 -6.28 -3.56
N ASN A 46 12.50 -7.20 -4.53
CA ASN A 46 13.34 -8.37 -4.42
C ASN A 46 14.48 -8.28 -5.43
N ASP A 47 15.72 -8.46 -4.95
CA ASP A 47 16.89 -8.39 -5.80
C ASP A 47 16.77 -7.21 -6.75
N GLU A 48 16.34 -7.47 -7.98
CA GLU A 48 16.19 -6.42 -8.98
C GLU A 48 14.76 -6.43 -9.52
N ASN A 49 13.84 -7.03 -8.76
CA ASN A 49 12.45 -7.10 -9.17
C ASN A 49 11.56 -6.52 -8.08
N VAL A 50 11.15 -5.27 -8.26
CA VAL A 50 10.30 -4.59 -7.29
C VAL A 50 8.86 -4.62 -7.77
N THR A 51 7.96 -5.15 -6.94
CA THR A 51 6.56 -5.24 -7.28
C THR A 51 5.72 -4.44 -6.29
N LEU A 52 4.72 -3.72 -6.80
CA LEU A 52 3.85 -2.92 -5.97
C LEU A 52 2.41 -3.37 -6.10
N GLU A 53 1.72 -3.54 -4.97
CA GLU A 53 0.34 -3.97 -4.99
C GLU A 53 -0.54 -2.93 -4.33
N THR A 54 -1.69 -2.63 -4.94
CA THR A 54 -2.61 -1.64 -4.41
C THR A 54 -4.04 -2.15 -4.54
N ILE A 55 -4.77 -2.14 -3.42
CA ILE A 55 -6.16 -2.59 -3.41
C ILE A 55 -6.80 -2.21 -2.08
N CYS A 56 -8.13 -2.28 -2.03
CA CYS A 56 -8.87 -1.95 -0.83
C CYS A 56 -8.91 -3.16 0.10
N HIS A 57 -7.90 -3.29 0.97
CA HIS A 57 -7.84 -4.40 1.89
C HIS A 57 -7.92 -3.88 3.33
N ASP A 58 -8.54 -4.67 4.22
CA ASP A 58 -8.68 -4.29 5.60
C ASP A 58 -7.38 -4.58 6.34
N PRO A 59 -6.92 -3.60 7.13
CA PRO A 59 -5.70 -3.68 7.91
C PRO A 59 -5.92 -4.62 9.09
N GLN A 60 -6.73 -5.66 8.88
CA GLN A 60 -7.02 -6.63 9.92
C GLN A 60 -6.18 -7.88 9.71
N LYS A 61 -6.15 -8.38 8.47
CA LYS A 61 -5.39 -9.57 8.14
C LYS A 61 -3.95 -9.19 7.85
N ARG A 62 -3.03 -10.12 8.10
CA ARG A 62 -1.61 -9.89 7.86
C ARG A 62 -1.25 -10.29 6.43
N LEU A 63 -1.04 -9.30 5.57
CA LEU A 63 -0.69 -9.55 4.18
C LEU A 63 0.80 -9.83 4.08
N TYR A 64 1.16 -10.85 3.30
CA TYR A 64 2.55 -11.23 3.11
C TYR A 64 3.24 -11.36 4.46
N GLY A 65 2.45 -11.63 5.51
CA GLY A 65 2.98 -11.77 6.84
C GLY A 65 3.28 -10.41 7.45
N HIS A 66 2.63 -9.36 6.92
CA HIS A 66 2.83 -8.02 7.41
C HIS A 66 1.50 -7.41 7.81
N MET A 67 1.50 -6.61 8.87
CA MET A 67 0.29 -5.97 9.35
C MET A 67 0.46 -4.45 9.35
N LEU A 68 -0.48 -3.76 8.70
CA LEU A 68 -0.44 -2.32 8.61
C LEU A 68 -0.67 -1.71 9.99
N ASP A 69 -0.15 -0.49 10.21
CA ASP A 69 -0.31 0.19 11.48
C ASP A 69 -0.45 1.68 11.24
N ASP A 70 -1.41 2.07 10.40
CA ASP A 70 -1.64 3.47 10.10
C ASP A 70 -2.75 3.59 9.05
N SER A 71 -3.87 2.91 9.29
CA SER A 71 -4.99 2.96 8.36
C SER A 71 -5.88 4.14 8.69
N SER A 72 -5.74 4.69 9.90
CA SER A 72 -6.53 5.83 10.33
C SER A 72 -5.77 7.11 10.05
N SER A 73 -4.52 6.99 9.58
CA SER A 73 -3.70 8.14 9.27
C SER A 73 -4.07 8.70 7.91
N GLU A 74 -3.97 10.02 7.74
CA GLU A 74 -4.29 10.65 6.49
C GLU A 74 -3.25 10.28 5.43
N GLN A 75 -1.99 10.21 5.84
CA GLN A 75 -0.90 9.87 4.93
C GLN A 75 -0.45 8.44 5.19
N CYS A 76 -0.49 7.60 4.15
CA CYS A 76 -0.08 6.22 4.28
C CYS A 76 1.44 6.13 4.20
N VAL A 77 2.05 5.46 5.18
CA VAL A 77 3.49 5.29 5.22
C VAL A 77 3.85 3.84 5.01
N MET A 78 4.92 3.58 4.24
CA MET A 78 5.35 2.23 3.97
C MET A 78 6.16 1.70 5.15
N LYS A 79 5.67 0.61 5.75
CA LYS A 79 6.35 0.01 6.89
C LYS A 79 7.35 -1.04 6.39
N GLU A 80 8.39 -1.28 7.19
CA GLU A 80 9.41 -2.25 6.84
C GLU A 80 9.28 -3.48 7.74
N LYS A 81 8.82 -4.59 7.16
CA LYS A 81 8.65 -5.83 7.89
C LYS A 81 9.74 -6.81 7.51
N LYS A 82 10.03 -7.77 8.39
CA LYS A 82 11.05 -8.76 8.15
C LYS A 82 10.77 -9.46 6.82
N ASP A 83 11.52 -9.09 5.79
CA ASP A 83 11.36 -9.67 4.47
C ASP A 83 12.68 -10.24 3.99
N ASP A 84 12.78 -11.58 3.93
CA ASP A 84 13.99 -12.23 3.50
C ASP A 84 13.91 -12.52 2.00
N GLY A 85 14.93 -12.11 1.26
CA GLY A 85 14.96 -12.32 -0.18
C GLY A 85 14.48 -11.07 -0.91
N GLY A 86 14.02 -10.08 -0.15
CA GLY A 86 13.54 -8.84 -0.73
C GLY A 86 12.77 -8.04 0.31
N LEU A 87 12.80 -6.71 0.18
CA LEU A 87 12.11 -5.84 1.11
C LEU A 87 10.66 -5.68 0.69
N MET A 88 9.73 -5.83 1.63
CA MET A 88 8.31 -5.70 1.35
C MET A 88 7.67 -4.74 2.33
N PHE A 89 7.14 -3.63 1.83
CA PHE A 89 6.50 -2.63 2.65
C PHE A 89 5.01 -2.61 2.37
N MET A 90 4.20 -2.53 3.43
CA MET A 90 2.75 -2.50 3.30
C MET A 90 2.18 -1.36 4.11
N CYS A 91 1.20 -0.64 3.54
CA CYS A 91 0.57 0.48 4.21
C CYS A 91 -0.92 0.49 3.90
N SER A 92 -1.71 1.12 4.76
CA SER A 92 -3.15 1.21 4.56
C SER A 92 -3.65 2.57 5.01
N CYS A 93 -4.86 2.94 4.59
CA CYS A 93 -5.45 4.21 4.94
C CYS A 93 -6.78 4.38 4.23
N THR A 94 -7.80 4.82 4.97
CA THR A 94 -9.12 5.02 4.41
C THR A 94 -9.15 6.30 3.58
N GLY A 95 -8.04 7.04 3.60
CA GLY A 95 -7.93 8.27 2.85
C GLY A 95 -8.08 8.00 1.36
N GLU A 96 -8.41 9.04 0.59
CA GLU A 96 -8.58 8.91 -0.84
C GLU A 96 -7.24 8.59 -1.49
N GLU A 97 -7.17 7.42 -2.15
CA GLU A 97 -5.94 7.01 -2.81
C GLU A 97 -4.74 7.30 -1.93
N CYS A 98 -4.99 7.46 -0.62
CA CYS A 98 -3.93 7.74 0.32
C CYS A 98 -2.94 6.58 0.35
N ASN A 99 -3.33 5.45 -0.22
CA ASN A 99 -2.48 4.27 -0.26
C ASN A 99 -1.62 4.29 -1.52
N ASP A 100 -2.10 4.99 -2.55
CA ASP A 100 -1.39 5.08 -3.81
C ASP A 100 0.04 5.55 -3.55
N VAL A 101 0.19 6.51 -2.63
CA VAL A 101 1.51 7.04 -2.30
C VAL A 101 2.09 6.25 -1.15
N LEU A 102 3.25 5.62 -1.38
CA LEU A 102 3.92 4.83 -0.37
C LEU A 102 5.14 5.59 0.16
N ILE A 103 5.01 6.16 1.36
CA ILE A 103 6.09 6.90 1.97
C ILE A 103 7.06 5.94 2.63
N PHE A 104 8.34 6.01 2.23
CA PHE A 104 9.36 5.15 2.79
C PHE A 104 10.29 5.97 3.67
N SER A 105 10.29 5.68 4.97
CA SER A 105 11.14 6.37 5.91
C SER A 105 11.82 5.39 6.85
N ALA A 106 13.12 5.53 7.03
CA ALA A 106 13.89 4.65 7.90
C ALA A 106 14.21 5.36 9.20
N ILE A 107 14.39 6.68 9.13
CA ILE A 107 14.71 7.47 10.32
C ILE A 107 13.50 7.51 11.24
N GLN A 1 -22.16 5.26 -4.56
CA GLN A 1 -22.19 6.20 -5.66
C GLN A 1 -20.99 7.12 -5.58
N LEU A 2 -20.26 7.07 -4.47
CA LEU A 2 -19.09 7.89 -4.27
C LEU A 2 -18.65 7.85 -2.81
N PRO A 3 -18.60 6.63 -2.25
CA PRO A 3 -18.22 6.39 -0.88
C PRO A 3 -16.72 6.59 -0.73
N ARG A 4 -16.01 5.56 -0.27
CA ARG A 4 -14.58 5.63 -0.08
C ARG A 4 -13.88 5.10 -1.32
N LEU A 5 -12.96 5.90 -1.87
CA LEU A 5 -12.22 5.51 -3.06
C LEU A 5 -10.79 5.12 -2.67
N CYS A 6 -10.28 4.06 -3.30
CA CYS A 6 -8.94 3.58 -3.02
C CYS A 6 -8.34 2.99 -4.28
N LYS A 7 -7.00 2.89 -4.32
CA LYS A 7 -6.31 2.33 -5.46
C LYS A 7 -6.41 0.81 -5.44
N PHE A 8 -6.83 0.23 -6.58
CA PHE A 8 -6.97 -1.21 -6.68
C PHE A 8 -6.31 -1.69 -7.96
N CYS A 9 -5.00 -1.96 -7.89
CA CYS A 9 -4.25 -2.43 -9.04
C CYS A 9 -3.47 -3.69 -8.67
N ASP A 10 -3.25 -4.56 -9.65
CA ASP A 10 -2.51 -5.80 -9.42
C ASP A 10 -1.03 -5.48 -9.17
N VAL A 11 -0.29 -6.46 -8.66
CA VAL A 11 1.11 -6.29 -8.37
C VAL A 11 1.91 -6.40 -9.66
N LYS A 12 2.58 -5.31 -10.05
CA LYS A 12 3.38 -5.30 -11.26
C LYS A 12 4.70 -4.60 -11.00
N ALA A 13 5.69 -4.83 -11.86
CA ALA A 13 7.00 -4.23 -11.72
C ALA A 13 6.85 -2.73 -11.54
N THR A 14 7.36 -2.21 -10.42
CA THR A 14 7.29 -0.79 -10.13
C THR A 14 8.68 -0.18 -10.15
N THR A 15 8.76 1.14 -10.30
CA THR A 15 10.03 1.84 -10.33
C THR A 15 10.15 2.73 -9.12
N CYS A 16 9.42 2.41 -8.05
CA CYS A 16 9.45 3.20 -6.83
C CYS A 16 10.43 2.59 -5.86
N SER A 17 11.23 3.43 -5.19
CA SER A 17 12.20 2.97 -4.23
C SER A 17 11.75 3.32 -2.82
N ASN A 18 12.42 2.74 -1.81
CA ASN A 18 12.08 3.00 -0.43
C ASN A 18 12.43 4.43 -0.07
N GLN A 19 11.74 5.39 -0.66
CA GLN A 19 11.98 6.80 -0.40
C GLN A 19 10.89 7.35 0.51
N ASP A 20 11.18 8.46 1.19
CA ASP A 20 10.22 9.09 2.08
C ASP A 20 8.85 9.08 1.44
N GLN A 21 8.80 9.35 0.13
CA GLN A 21 7.54 9.37 -0.59
C GLN A 21 7.69 8.65 -1.92
N CYS A 22 6.76 7.72 -2.20
CA CYS A 22 6.80 6.96 -3.43
C CYS A 22 5.39 6.84 -4.00
N THR A 23 5.29 6.51 -5.30
CA THR A 23 4.00 6.36 -5.95
C THR A 23 3.78 4.91 -6.33
N SER A 24 2.51 4.49 -6.37
CA SER A 24 2.17 3.12 -6.73
C SER A 24 2.16 2.97 -8.24
N ASN A 25 2.01 4.08 -8.96
CA ASN A 25 1.98 4.07 -10.40
C ASN A 25 0.67 3.48 -10.89
N CYS A 26 -0.12 2.94 -9.96
CA CYS A 26 -1.40 2.34 -10.30
C CYS A 26 -2.36 3.42 -10.78
N ASN A 27 -3.40 3.02 -11.51
CA ASN A 27 -4.38 3.96 -12.03
C ASN A 27 -5.77 3.34 -11.95
N ILE A 28 -6.16 2.89 -10.76
CA ILE A 28 -7.46 2.28 -10.56
C ILE A 28 -8.11 2.87 -9.32
N THR A 29 -9.44 3.03 -9.35
CA THR A 29 -10.18 3.58 -8.25
C THR A 29 -11.25 2.60 -7.79
N SER A 30 -11.04 1.97 -6.64
CA SER A 30 -11.99 1.02 -6.10
C SER A 30 -12.90 1.71 -5.10
N ILE A 31 -14.21 1.48 -5.23
CA ILE A 31 -15.18 2.08 -4.34
C ILE A 31 -15.37 1.18 -3.11
N CYS A 32 -15.01 1.69 -1.93
CA CYS A 32 -15.14 0.93 -0.71
C CYS A 32 -16.46 1.27 -0.04
N GLU A 33 -17.57 0.83 -0.64
CA GLU A 33 -18.89 1.08 -0.10
C GLU A 33 -19.09 0.29 1.20
N LYS A 34 -18.10 -0.54 1.53
CA LYS A 34 -18.17 -1.34 2.73
C LYS A 34 -17.89 -0.48 3.96
N ASN A 35 -17.45 0.76 3.72
CA ASN A 35 -17.14 1.68 4.79
C ASN A 35 -15.93 1.19 5.57
N ASN A 36 -15.96 -0.06 6.00
CA ASN A 36 -14.87 -0.65 6.75
C ASN A 36 -13.76 -1.08 5.79
N GLU A 37 -13.75 -0.49 4.59
CA GLU A 37 -12.74 -0.82 3.60
C GLU A 37 -11.83 0.38 3.38
N VAL A 38 -10.52 0.18 3.57
CA VAL A 38 -9.55 1.23 3.40
C VAL A 38 -8.60 0.88 2.26
N CYS A 39 -7.77 1.83 1.85
CA CYS A 39 -6.82 1.62 0.77
C CYS A 39 -5.51 1.12 1.34
N ALA A 40 -5.05 -0.05 0.85
CA ALA A 40 -3.81 -0.63 1.32
C ALA A 40 -2.92 -0.95 0.12
N ALA A 41 -1.69 -0.42 0.14
CA ALA A 41 -0.75 -0.65 -0.93
C ALA A 41 0.57 -1.15 -0.36
N VAL A 42 1.06 -2.28 -0.88
CA VAL A 42 2.31 -2.87 -0.42
C VAL A 42 3.30 -2.94 -1.58
N TRP A 43 4.48 -2.36 -1.39
CA TRP A 43 5.50 -2.36 -2.42
C TRP A 43 6.62 -3.32 -2.03
N ARG A 44 6.83 -4.35 -2.86
CA ARG A 44 7.86 -5.33 -2.60
C ARG A 44 9.03 -5.13 -3.57
N ARG A 45 10.24 -5.36 -3.09
CA ARG A 45 11.43 -5.19 -3.91
C ARG A 45 12.43 -6.30 -3.59
N ASN A 46 12.60 -7.24 -4.52
CA ASN A 46 13.51 -8.34 -4.33
C ASN A 46 14.70 -8.20 -5.29
N ASP A 47 15.91 -8.12 -4.73
CA ASP A 47 17.11 -7.98 -5.53
C ASP A 47 16.92 -6.88 -6.55
N GLU A 48 16.63 -7.25 -7.80
CA GLU A 48 16.42 -6.30 -8.87
C GLU A 48 14.99 -6.38 -9.38
N ASN A 49 14.14 -7.12 -8.64
CA ASN A 49 12.76 -7.27 -9.03
C ASN A 49 11.85 -6.68 -7.94
N VAL A 50 11.17 -5.59 -8.27
CA VAL A 50 10.28 -4.93 -7.34
C VAL A 50 8.87 -4.86 -7.92
N THR A 51 7.86 -5.06 -7.07
CA THR A 51 6.48 -5.01 -7.51
C THR A 51 5.65 -4.21 -6.52
N LEU A 52 4.60 -3.55 -7.03
CA LEU A 52 3.73 -2.75 -6.19
C LEU A 52 2.28 -3.19 -6.38
N GLU A 53 1.58 -3.44 -5.27
CA GLU A 53 0.19 -3.86 -5.32
C GLU A 53 -0.67 -2.90 -4.53
N THR A 54 -1.87 -2.61 -5.05
CA THR A 54 -2.78 -1.70 -4.38
C THR A 54 -4.19 -2.27 -4.43
N ILE A 55 -4.88 -2.24 -3.29
CA ILE A 55 -6.24 -2.75 -3.19
C ILE A 55 -6.87 -2.29 -1.89
N CYS A 56 -8.20 -2.25 -1.85
CA CYS A 56 -8.93 -1.84 -0.66
C CYS A 56 -9.01 -3.00 0.32
N HIS A 57 -7.99 -3.14 1.17
CA HIS A 57 -7.95 -4.20 2.14
C HIS A 57 -7.90 -3.61 3.54
N ASP A 58 -8.50 -4.30 4.52
CA ASP A 58 -8.53 -3.85 5.89
C ASP A 58 -7.21 -4.19 6.56
N PRO A 59 -6.61 -3.21 7.25
CA PRO A 59 -5.35 -3.35 7.96
C PRO A 59 -5.56 -4.20 9.20
N GLN A 60 -6.48 -5.16 9.12
CA GLN A 60 -6.77 -6.04 10.24
C GLN A 60 -6.06 -7.37 10.06
N LYS A 61 -6.12 -7.91 8.83
CA LYS A 61 -5.48 -9.18 8.54
C LYS A 61 -4.01 -8.95 8.19
N ARG A 62 -3.19 -9.98 8.39
CA ARG A 62 -1.77 -9.90 8.11
C ARG A 62 -1.51 -10.31 6.66
N LEU A 63 -0.96 -9.40 5.86
CA LEU A 63 -0.66 -9.67 4.47
C LEU A 63 0.82 -9.96 4.31
N TYR A 64 1.15 -11.02 3.57
CA TYR A 64 2.53 -11.40 3.33
C TYR A 64 3.27 -11.48 4.66
N GLY A 65 2.52 -11.70 5.75
CA GLY A 65 3.11 -11.79 7.07
C GLY A 65 3.42 -10.40 7.62
N HIS A 66 2.75 -9.38 7.07
CA HIS A 66 2.95 -8.01 7.48
C HIS A 66 1.68 -7.47 8.12
N MET A 67 1.83 -6.49 9.01
CA MET A 67 0.69 -5.89 9.69
C MET A 67 0.65 -4.39 9.40
N LEU A 68 -0.51 -3.91 8.95
CA LEU A 68 -0.68 -2.51 8.65
C LEU A 68 -1.04 -1.74 9.91
N ASP A 69 -0.73 -0.43 9.93
CA ASP A 69 -1.01 0.40 11.08
C ASP A 69 -0.62 1.84 10.78
N ASP A 70 -1.44 2.52 9.97
CA ASP A 70 -1.17 3.90 9.61
C ASP A 70 -2.18 4.36 8.56
N SER A 71 -3.46 4.06 8.78
CA SER A 71 -4.51 4.45 7.87
C SER A 71 -5.25 5.66 8.42
N SER A 72 -4.79 6.18 9.55
CA SER A 72 -5.41 7.33 10.17
C SER A 72 -4.61 8.58 9.85
N SER A 73 -3.48 8.40 9.16
CA SER A 73 -2.62 9.53 8.79
C SER A 73 -2.91 9.93 7.35
N GLU A 74 -2.59 11.19 7.02
CA GLU A 74 -2.82 11.70 5.68
C GLU A 74 -1.87 11.03 4.70
N GLN A 75 -0.63 10.80 5.13
CA GLN A 75 0.37 10.17 4.29
C GLN A 75 0.61 8.74 4.76
N CYS A 76 0.17 7.77 3.96
CA CYS A 76 0.34 6.36 4.30
C CYS A 76 1.81 5.99 4.21
N VAL A 77 2.36 5.42 5.30
CA VAL A 77 3.75 5.02 5.34
C VAL A 77 3.84 3.53 5.61
N MET A 78 4.18 2.75 4.58
CA MET A 78 4.30 1.31 4.71
C MET A 78 5.49 0.98 5.60
N LYS A 79 5.25 0.19 6.65
CA LYS A 79 6.30 -0.20 7.56
C LYS A 79 7.12 -1.35 6.96
N GLU A 80 8.38 -1.46 7.37
CA GLU A 80 9.24 -2.51 6.88
C GLU A 80 8.99 -3.81 7.64
N LYS A 81 8.61 -4.86 6.92
CA LYS A 81 8.34 -6.15 7.54
C LYS A 81 9.46 -7.13 7.20
N LYS A 82 9.62 -8.15 8.04
CA LYS A 82 10.66 -9.15 7.83
C LYS A 82 10.42 -9.86 6.51
N ASP A 83 11.22 -9.52 5.49
CA ASP A 83 11.11 -10.13 4.19
C ASP A 83 12.43 -10.77 3.80
N ASP A 84 12.42 -12.09 3.63
CA ASP A 84 13.63 -12.82 3.26
C ASP A 84 13.70 -12.96 1.75
N GLY A 85 14.83 -12.56 1.17
CA GLY A 85 15.02 -12.65 -0.27
C GLY A 85 14.69 -11.31 -0.92
N GLY A 86 14.09 -10.40 -0.14
CA GLY A 86 13.74 -9.08 -0.65
C GLY A 86 13.03 -8.28 0.43
N LEU A 87 12.68 -7.03 0.11
CA LEU A 87 11.99 -6.16 1.05
C LEU A 87 10.55 -5.98 0.62
N MET A 88 9.63 -5.98 1.60
CA MET A 88 8.22 -5.80 1.32
C MET A 88 7.61 -4.81 2.30
N PHE A 89 7.11 -3.69 1.77
CA PHE A 89 6.50 -2.67 2.60
C PHE A 89 5.02 -2.55 2.27
N MET A 90 4.17 -2.55 3.30
CA MET A 90 2.74 -2.44 3.11
C MET A 90 2.19 -1.32 3.98
N CYS A 91 1.18 -0.61 3.46
CA CYS A 91 0.57 0.50 4.17
C CYS A 91 -0.93 0.50 3.92
N SER A 92 -1.69 1.12 4.83
CA SER A 92 -3.12 1.19 4.71
C SER A 92 -3.60 2.61 5.00
N CYS A 93 -4.77 2.98 4.48
CA CYS A 93 -5.32 4.29 4.68
C CYS A 93 -6.75 4.34 4.13
N THR A 94 -7.66 4.94 4.88
CA THR A 94 -9.04 5.05 4.46
C THR A 94 -9.20 6.25 3.54
N GLY A 95 -8.13 7.01 3.37
CA GLY A 95 -8.16 8.18 2.51
C GLY A 95 -8.48 7.78 1.07
N GLU A 96 -8.19 8.68 0.13
CA GLU A 96 -8.45 8.42 -1.28
C GLU A 96 -7.16 8.05 -1.98
N GLU A 97 -7.10 6.83 -2.54
CA GLU A 97 -5.92 6.37 -3.24
C GLU A 97 -4.67 6.70 -2.43
N CYS A 98 -4.85 7.01 -1.15
CA CYS A 98 -3.74 7.34 -0.27
C CYS A 98 -2.73 6.21 -0.27
N ASN A 99 -3.18 4.99 -0.61
CA ASN A 99 -2.31 3.84 -0.65
C ASN A 99 -1.34 3.96 -1.81
N ASP A 100 -1.82 4.51 -2.93
CA ASP A 100 -1.00 4.68 -4.11
C ASP A 100 0.33 5.32 -3.73
N VAL A 101 0.29 6.23 -2.76
CA VAL A 101 1.50 6.91 -2.31
C VAL A 101 2.14 6.11 -1.19
N LEU A 102 3.20 5.38 -1.50
CA LEU A 102 3.90 4.57 -0.53
C LEU A 102 5.05 5.37 0.07
N ILE A 103 4.97 5.67 1.37
CA ILE A 103 6.00 6.43 2.05
C ILE A 103 6.98 5.47 2.72
N PHE A 104 8.28 5.69 2.50
CA PHE A 104 9.30 4.85 3.09
C PHE A 104 10.20 5.68 3.99
N SER A 105 10.17 5.40 5.30
CA SER A 105 10.98 6.12 6.26
C SER A 105 11.65 5.14 7.21
N ALA A 106 12.93 5.36 7.47
CA ALA A 106 13.68 4.49 8.36
C ALA A 106 13.75 5.12 9.75
N ILE A 107 12.70 5.86 10.12
CA ILE A 107 12.64 6.51 11.41
C ILE A 107 12.52 5.46 12.52
N GLN A 1 -20.06 12.06 -5.52
CA GLN A 1 -19.28 11.03 -6.17
C GLN A 1 -19.39 9.73 -5.39
N LEU A 2 -18.45 8.81 -5.62
CA LEU A 2 -18.45 7.52 -4.94
C LEU A 2 -18.12 7.72 -3.47
N PRO A 3 -18.32 6.68 -2.67
CA PRO A 3 -18.04 6.68 -1.24
C PRO A 3 -16.55 6.65 -1.01
N ARG A 4 -16.05 5.53 -0.49
CA ARG A 4 -14.63 5.38 -0.22
C ARG A 4 -13.92 4.87 -1.46
N LEU A 5 -12.89 5.59 -1.91
CA LEU A 5 -12.13 5.21 -3.08
C LEU A 5 -10.73 4.79 -2.68
N CYS A 6 -10.20 3.75 -3.32
CA CYS A 6 -8.87 3.27 -3.02
C CYS A 6 -8.25 2.68 -4.28
N LYS A 7 -6.91 2.62 -4.31
CA LYS A 7 -6.20 2.08 -5.46
C LYS A 7 -6.24 0.56 -5.43
N PHE A 8 -6.96 -0.02 -6.40
CA PHE A 8 -7.08 -1.46 -6.48
C PHE A 8 -6.42 -1.97 -7.76
N CYS A 9 -5.10 -2.08 -7.74
CA CYS A 9 -4.35 -2.55 -8.89
C CYS A 9 -3.53 -3.78 -8.52
N ASP A 10 -3.28 -4.65 -9.50
CA ASP A 10 -2.52 -5.86 -9.27
C ASP A 10 -1.06 -5.50 -9.02
N VAL A 11 -0.28 -6.47 -8.52
CA VAL A 11 1.13 -6.25 -8.24
C VAL A 11 1.92 -6.33 -9.53
N LYS A 12 2.55 -5.22 -9.92
CA LYS A 12 3.35 -5.17 -11.14
C LYS A 12 4.65 -4.44 -10.87
N ALA A 13 5.64 -4.65 -11.76
CA ALA A 13 6.93 -4.01 -11.61
C ALA A 13 6.76 -2.51 -11.44
N THR A 14 7.26 -1.96 -10.33
CA THR A 14 7.15 -0.55 -10.07
C THR A 14 8.53 0.08 -10.06
N THR A 15 8.58 1.42 -10.12
CA THR A 15 9.84 2.14 -10.13
C THR A 15 9.94 3.02 -8.89
N CYS A 16 9.16 2.67 -7.85
CA CYS A 16 9.16 3.43 -6.62
C CYS A 16 10.16 2.83 -5.64
N SER A 17 10.94 3.70 -4.98
CA SER A 17 11.94 3.24 -4.03
C SER A 17 11.48 3.57 -2.61
N ASN A 18 12.16 2.98 -1.62
CA ASN A 18 11.82 3.21 -0.23
C ASN A 18 12.10 4.65 0.15
N GLN A 19 11.35 5.58 -0.46
CA GLN A 19 11.53 7.00 -0.19
C GLN A 19 10.43 7.49 0.74
N ASP A 20 10.69 8.58 1.46
CA ASP A 20 9.73 9.14 2.37
C ASP A 20 8.34 9.15 1.73
N GLN A 21 8.30 9.35 0.40
CA GLN A 21 7.06 9.38 -0.33
C GLN A 21 7.22 8.67 -1.66
N CYS A 22 6.33 7.71 -1.94
CA CYS A 22 6.37 6.97 -3.17
C CYS A 22 4.96 6.79 -3.73
N THR A 23 4.85 6.52 -5.03
CA THR A 23 3.57 6.33 -5.67
C THR A 23 3.42 4.89 -6.13
N SER A 24 2.18 4.40 -6.19
CA SER A 24 1.91 3.04 -6.61
C SER A 24 1.91 2.97 -8.14
N ASN A 25 1.69 4.12 -8.79
CA ASN A 25 1.67 4.18 -10.24
C ASN A 25 0.40 3.54 -10.77
N CYS A 26 -0.39 2.95 -9.87
CA CYS A 26 -1.64 2.31 -10.24
C CYS A 26 -2.64 3.35 -10.73
N ASN A 27 -3.68 2.91 -11.42
CA ASN A 27 -4.69 3.81 -11.94
C ASN A 27 -6.06 3.16 -11.84
N ILE A 28 -6.41 2.67 -10.63
CA ILE A 28 -7.69 2.04 -10.40
C ILE A 28 -8.34 2.63 -9.16
N THR A 29 -9.67 2.76 -9.18
CA THR A 29 -10.40 3.31 -8.06
C THR A 29 -11.44 2.31 -7.58
N SER A 30 -11.18 1.71 -6.42
CA SER A 30 -12.09 0.75 -5.84
C SER A 30 -13.02 1.43 -4.84
N ILE A 31 -14.32 1.16 -4.95
CA ILE A 31 -15.30 1.75 -4.06
C ILE A 31 -15.50 0.85 -2.84
N CYS A 32 -15.14 1.36 -1.67
CA CYS A 32 -15.27 0.60 -0.43
C CYS A 32 -16.55 1.02 0.29
N GLU A 33 -17.70 0.74 -0.30
CA GLU A 33 -18.98 1.09 0.28
C GLU A 33 -19.23 0.24 1.52
N LYS A 34 -18.34 -0.73 1.76
CA LYS A 34 -18.47 -1.62 2.90
C LYS A 34 -18.06 -0.89 4.17
N ASN A 35 -17.48 0.31 4.02
CA ASN A 35 -17.05 1.10 5.15
C ASN A 35 -15.88 0.41 5.84
N ASN A 36 -15.99 -0.89 6.04
CA ASN A 36 -14.94 -1.66 6.69
C ASN A 36 -13.84 -1.98 5.69
N GLU A 37 -13.78 -1.20 4.60
CA GLU A 37 -12.77 -1.40 3.59
C GLU A 37 -11.94 -0.14 3.42
N VAL A 38 -10.62 -0.26 3.62
CA VAL A 38 -9.72 0.86 3.50
C VAL A 38 -8.74 0.61 2.36
N CYS A 39 -7.98 1.64 1.99
CA CYS A 39 -7.00 1.52 0.92
C CYS A 39 -5.67 1.08 1.48
N ALA A 40 -5.12 -0.02 0.96
CA ALA A 40 -3.85 -0.54 1.42
C ALA A 40 -2.93 -0.78 0.23
N ALA A 41 -1.67 -0.38 0.35
CA ALA A 41 -0.70 -0.55 -0.71
C ALA A 41 0.58 -1.17 -0.15
N VAL A 42 1.00 -2.30 -0.73
CA VAL A 42 2.19 -2.99 -0.29
C VAL A 42 3.21 -3.02 -1.42
N TRP A 43 4.34 -2.33 -1.23
CA TRP A 43 5.39 -2.29 -2.24
C TRP A 43 6.54 -3.19 -1.82
N ARG A 44 6.94 -4.09 -2.71
CA ARG A 44 8.05 -5.00 -2.43
C ARG A 44 9.16 -4.79 -3.44
N ARG A 45 10.40 -5.03 -3.01
CA ARG A 45 11.55 -4.87 -3.88
C ARG A 45 12.57 -5.96 -3.59
N ASN A 46 12.71 -6.90 -4.53
CA ASN A 46 13.66 -8.00 -4.37
C ASN A 46 14.82 -7.82 -5.32
N ASP A 47 16.04 -7.73 -4.78
CA ASP A 47 17.23 -7.56 -5.58
C ASP A 47 17.01 -6.44 -6.60
N GLU A 48 16.72 -6.80 -7.85
CA GLU A 48 16.49 -5.84 -8.90
C GLU A 48 15.06 -5.94 -9.40
N ASN A 49 14.23 -6.69 -8.67
CA ASN A 49 12.84 -6.87 -9.05
C ASN A 49 11.93 -6.32 -7.95
N VAL A 50 11.21 -5.25 -8.25
CA VAL A 50 10.30 -4.65 -7.29
C VAL A 50 8.89 -4.63 -7.86
N THR A 51 7.89 -4.90 -6.99
CA THR A 51 6.51 -4.91 -7.41
C THR A 51 5.65 -4.18 -6.39
N LEU A 52 4.64 -3.45 -6.87
CA LEU A 52 3.75 -2.71 -6.01
C LEU A 52 2.32 -3.17 -6.21
N GLU A 53 1.61 -3.43 -5.11
CA GLU A 53 0.23 -3.87 -5.18
C GLU A 53 -0.66 -2.92 -4.41
N THR A 54 -1.85 -2.64 -4.95
CA THR A 54 -2.79 -1.74 -4.30
C THR A 54 -4.20 -2.34 -4.36
N ILE A 55 -4.89 -2.34 -3.22
CA ILE A 55 -6.23 -2.87 -3.14
C ILE A 55 -6.87 -2.45 -1.83
N CYS A 56 -8.20 -2.57 -1.74
CA CYS A 56 -8.92 -2.21 -0.54
C CYS A 56 -8.92 -3.38 0.44
N HIS A 57 -7.87 -3.46 1.25
CA HIS A 57 -7.74 -4.53 2.23
C HIS A 57 -7.80 -3.96 3.63
N ASP A 58 -8.28 -4.76 4.58
CA ASP A 58 -8.37 -4.33 5.97
C ASP A 58 -7.04 -4.54 6.66
N PRO A 59 -6.54 -3.50 7.35
CA PRO A 59 -5.30 -3.50 8.07
C PRO A 59 -5.45 -4.34 9.33
N GLN A 60 -6.34 -5.34 9.29
CA GLN A 60 -6.58 -6.20 10.43
C GLN A 60 -5.85 -7.53 10.23
N LYS A 61 -5.88 -8.05 9.01
CA LYS A 61 -5.22 -9.30 8.69
C LYS A 61 -3.77 -9.05 8.31
N ARG A 62 -2.93 -10.06 8.48
CA ARG A 62 -1.51 -9.94 8.16
C ARG A 62 -1.28 -10.35 6.71
N LEU A 63 -0.76 -9.44 5.90
CA LEU A 63 -0.49 -9.70 4.51
C LEU A 63 0.99 -9.98 4.30
N TYR A 64 1.31 -11.05 3.57
CA TYR A 64 2.69 -11.41 3.31
C TYR A 64 3.46 -11.46 4.62
N GLY A 65 2.75 -11.64 5.73
CA GLY A 65 3.38 -11.70 7.04
C GLY A 65 3.66 -10.30 7.55
N HIS A 66 2.94 -9.31 7.02
CA HIS A 66 3.12 -7.93 7.43
C HIS A 66 1.81 -7.37 7.96
N MET A 67 1.87 -6.62 9.05
CA MET A 67 0.69 -6.02 9.65
C MET A 67 0.84 -4.51 9.70
N LEU A 68 -0.07 -3.79 9.04
CA LEU A 68 -0.04 -2.35 9.01
C LEU A 68 -1.16 -1.79 9.88
N ASP A 69 -0.85 -0.76 10.67
CA ASP A 69 -1.83 -0.15 11.55
C ASP A 69 -1.64 1.36 11.53
N ASP A 70 -2.41 2.05 10.69
CA ASP A 70 -2.32 3.49 10.57
C ASP A 70 -3.04 3.97 9.33
N SER A 71 -4.36 3.80 9.30
CA SER A 71 -5.16 4.21 8.15
C SER A 71 -5.87 5.52 8.46
N SER A 72 -5.86 5.91 9.74
CA SER A 72 -6.49 7.15 10.16
C SER A 72 -5.65 8.34 9.73
N SER A 73 -4.49 8.07 9.15
CA SER A 73 -3.60 9.12 8.68
C SER A 73 -3.97 9.52 7.26
N GLU A 74 -3.67 10.77 6.90
CA GLU A 74 -3.96 11.27 5.57
C GLU A 74 -3.08 10.58 4.54
N GLN A 75 -1.81 10.35 4.91
CA GLN A 75 -0.86 9.70 4.02
C GLN A 75 -0.59 8.28 4.50
N CYS A 76 -0.35 7.37 3.56
CA CYS A 76 -0.07 5.99 3.90
C CYS A 76 1.43 5.80 4.08
N VAL A 77 1.82 5.22 5.22
CA VAL A 77 3.22 4.98 5.51
C VAL A 77 3.53 3.50 5.39
N MET A 78 4.54 3.15 4.60
CA MET A 78 4.93 1.77 4.41
C MET A 78 5.98 1.37 5.43
N LYS A 79 5.67 0.37 6.26
CA LYS A 79 6.58 -0.10 7.27
C LYS A 79 7.39 -1.28 6.75
N GLU A 80 8.60 -1.46 7.27
CA GLU A 80 9.46 -2.55 6.85
C GLU A 80 9.15 -3.80 7.68
N LYS A 81 8.63 -4.84 7.03
CA LYS A 81 8.31 -6.08 7.70
C LYS A 81 9.29 -7.16 7.30
N LYS A 82 9.39 -8.21 8.12
CA LYS A 82 10.30 -9.30 7.84
C LYS A 82 10.10 -9.80 6.41
N ASP A 83 11.03 -9.45 5.53
CA ASP A 83 10.95 -9.86 4.14
C ASP A 83 12.19 -10.63 3.76
N ASP A 84 12.05 -11.94 3.54
CA ASP A 84 13.16 -12.79 3.17
C ASP A 84 13.25 -12.90 1.66
N GLY A 85 14.43 -12.61 1.10
CA GLY A 85 14.64 -12.68 -0.33
C GLY A 85 14.49 -11.29 -0.95
N GLY A 86 13.98 -10.35 -0.17
CA GLY A 86 13.79 -8.99 -0.64
C GLY A 86 13.10 -8.15 0.42
N LEU A 87 12.70 -6.93 0.05
CA LEU A 87 12.03 -6.03 0.97
C LEU A 87 10.58 -5.83 0.54
N MET A 88 9.66 -5.91 1.51
CA MET A 88 8.25 -5.74 1.23
C MET A 88 7.62 -4.82 2.27
N PHE A 89 7.11 -3.67 1.83
CA PHE A 89 6.47 -2.72 2.71
C PHE A 89 4.99 -2.65 2.42
N MET A 90 4.17 -2.73 3.47
CA MET A 90 2.72 -2.67 3.32
C MET A 90 2.16 -1.55 4.18
N CYS A 91 1.16 -0.85 3.66
CA CYS A 91 0.53 0.25 4.36
C CYS A 91 -0.97 0.25 4.10
N SER A 92 -1.72 1.02 4.90
CA SER A 92 -3.16 1.10 4.74
C SER A 92 -3.62 2.52 5.04
N CYS A 93 -4.85 2.84 4.63
CA CYS A 93 -5.42 4.15 4.86
C CYS A 93 -6.74 4.29 4.11
N THR A 94 -7.78 4.75 4.81
CA THR A 94 -9.08 4.91 4.20
C THR A 94 -9.09 6.16 3.33
N GLY A 95 -7.97 6.89 3.33
CA GLY A 95 -7.85 8.10 2.54
C GLY A 95 -8.06 7.79 1.06
N GLU A 96 -8.33 8.83 0.26
CA GLU A 96 -8.55 8.66 -1.16
C GLU A 96 -7.26 8.21 -1.83
N GLU A 97 -7.30 7.02 -2.46
CA GLU A 97 -6.14 6.48 -3.13
C GLU A 97 -4.89 6.69 -2.28
N CYS A 98 -5.09 6.91 -0.97
CA CYS A 98 -3.98 7.12 -0.06
C CYS A 98 -3.01 5.95 -0.16
N ASN A 99 -3.49 4.80 -0.64
CA ASN A 99 -2.65 3.63 -0.77
C ASN A 99 -1.63 3.85 -1.89
N ASP A 100 -2.05 4.49 -2.97
CA ASP A 100 -1.18 4.75 -4.10
C ASP A 100 0.08 5.44 -3.61
N VAL A 101 -0.04 6.26 -2.56
CA VAL A 101 1.10 6.97 -2.01
C VAL A 101 1.73 6.14 -0.90
N LEU A 102 2.85 5.49 -1.22
CA LEU A 102 3.56 4.66 -0.26
C LEU A 102 4.74 5.44 0.33
N ILE A 103 4.64 5.79 1.61
CA ILE A 103 5.68 6.53 2.28
C ILE A 103 6.66 5.56 2.93
N PHE A 104 7.96 5.77 2.70
CA PHE A 104 8.98 4.91 3.26
C PHE A 104 9.89 5.72 4.18
N SER A 105 9.87 5.39 5.48
CA SER A 105 10.67 6.09 6.45
C SER A 105 11.37 5.08 7.36
N ALA A 106 12.70 5.15 7.43
CA ALA A 106 13.47 4.25 8.26
C ALA A 106 13.41 4.70 9.71
N ILE A 107 14.19 5.73 10.05
CA ILE A 107 14.23 6.26 11.39
C ILE A 107 14.23 5.11 12.40
N GLN A 1 -21.72 9.25 -2.88
CA GLN A 1 -21.63 8.09 -3.74
C GLN A 1 -20.17 7.71 -3.94
N LEU A 2 -19.27 8.41 -3.25
CA LEU A 2 -17.85 8.14 -3.35
C LEU A 2 -17.19 8.34 -1.99
N PRO A 3 -17.38 7.36 -1.09
CA PRO A 3 -16.83 7.38 0.25
C PRO A 3 -15.32 7.14 0.19
N ARG A 4 -14.92 5.87 0.36
CA ARG A 4 -13.52 5.50 0.32
C ARG A 4 -13.09 5.22 -1.11
N LEU A 5 -12.16 6.01 -1.63
CA LEU A 5 -11.67 5.84 -2.98
C LEU A 5 -10.16 5.63 -2.97
N CYS A 6 -9.71 4.51 -3.54
CA CYS A 6 -8.30 4.19 -3.59
C CYS A 6 -8.00 3.40 -4.86
N LYS A 7 -6.72 3.38 -5.25
CA LYS A 7 -6.30 2.67 -6.44
C LYS A 7 -6.45 1.17 -6.22
N PHE A 8 -6.73 0.42 -7.30
CA PHE A 8 -6.88 -1.01 -7.22
C PHE A 8 -6.15 -1.68 -8.37
N CYS A 9 -4.87 -1.99 -8.17
CA CYS A 9 -4.06 -2.62 -9.19
C CYS A 9 -3.37 -3.85 -8.61
N ASP A 10 -3.20 -4.89 -9.44
CA ASP A 10 -2.56 -6.12 -9.00
C ASP A 10 -1.07 -5.86 -8.78
N VAL A 11 -0.40 -6.81 -8.13
CA VAL A 11 1.03 -6.69 -7.86
C VAL A 11 1.82 -7.01 -9.11
N LYS A 12 2.50 -6.01 -9.67
CA LYS A 12 3.30 -6.21 -10.87
C LYS A 12 4.63 -5.49 -10.72
N ALA A 13 5.60 -5.88 -11.55
CA ALA A 13 6.92 -5.27 -11.51
C ALA A 13 6.80 -3.75 -11.58
N THR A 14 7.10 -3.08 -10.47
CA THR A 14 7.02 -1.63 -10.42
C THR A 14 8.41 -1.04 -10.35
N THR A 15 8.52 0.27 -10.60
CA THR A 15 9.80 0.95 -10.56
C THR A 15 9.79 2.00 -9.47
N CYS A 16 8.82 1.92 -8.56
CA CYS A 16 8.70 2.86 -7.47
C CYS A 16 9.97 2.84 -6.63
N SER A 17 10.32 3.99 -6.06
CA SER A 17 11.52 4.09 -5.23
C SER A 17 11.12 4.22 -3.77
N ASN A 18 11.79 3.46 -2.90
CA ASN A 18 11.51 3.50 -1.49
C ASN A 18 11.88 4.85 -0.91
N GLN A 19 11.39 5.92 -1.55
CA GLN A 19 11.67 7.28 -1.10
C GLN A 19 10.62 7.71 -0.09
N ASP A 20 10.88 8.82 0.61
CA ASP A 20 9.97 9.34 1.60
C ASP A 20 8.55 9.31 1.05
N GLN A 21 8.41 9.46 -0.28
CA GLN A 21 7.12 9.46 -0.92
C GLN A 21 7.21 8.72 -2.25
N CYS A 22 6.28 7.79 -2.48
CA CYS A 22 6.26 7.03 -3.71
C CYS A 22 4.82 6.88 -4.20
N THR A 23 4.65 6.42 -5.44
CA THR A 23 3.34 6.24 -6.01
C THR A 23 3.08 4.77 -6.27
N SER A 24 1.80 4.38 -6.35
CA SER A 24 1.42 3.01 -6.59
C SER A 24 1.52 2.70 -8.08
N ASN A 25 1.47 3.74 -8.91
CA ASN A 25 1.55 3.58 -10.35
C ASN A 25 0.25 3.00 -10.88
N CYS A 26 -0.65 2.64 -9.97
CA CYS A 26 -1.94 2.07 -10.34
C CYS A 26 -2.77 3.14 -11.05
N ASN A 27 -3.46 2.73 -12.12
CA ASN A 27 -4.29 3.64 -12.88
C ASN A 27 -5.74 3.19 -12.83
N ILE A 28 -6.20 2.80 -11.63
CA ILE A 28 -7.57 2.34 -11.45
C ILE A 28 -8.19 3.03 -10.24
N THR A 29 -9.50 3.22 -10.27
CA THR A 29 -10.20 3.87 -9.17
C THR A 29 -11.27 2.94 -8.63
N SER A 30 -11.00 2.32 -7.47
CA SER A 30 -11.94 1.41 -6.85
C SER A 30 -12.68 2.13 -5.74
N ILE A 31 -14.01 1.99 -5.71
CA ILE A 31 -14.84 2.62 -4.71
C ILE A 31 -15.15 1.63 -3.60
N CYS A 32 -14.66 1.93 -2.39
CA CYS A 32 -14.88 1.05 -1.25
C CYS A 32 -16.12 1.50 -0.49
N GLU A 33 -17.20 1.75 -1.22
CA GLU A 33 -18.46 2.19 -0.62
C GLU A 33 -19.28 0.98 -0.21
N LYS A 34 -18.84 -0.21 -0.61
CA LYS A 34 -19.53 -1.44 -0.28
C LYS A 34 -19.20 -1.85 1.15
N ASN A 35 -18.52 -0.97 1.89
CA ASN A 35 -18.15 -1.25 3.26
C ASN A 35 -17.17 -0.19 3.75
N ASN A 36 -16.85 -0.24 5.05
CA ASN A 36 -15.93 0.70 5.65
C ASN A 36 -14.49 0.31 5.34
N GLU A 37 -14.31 -0.50 4.29
CA GLU A 37 -12.98 -0.94 3.89
C GLU A 37 -12.04 0.25 3.82
N VAL A 38 -10.73 -0.04 3.69
CA VAL A 38 -9.73 1.00 3.59
C VAL A 38 -8.77 0.70 2.45
N CYS A 39 -7.93 1.67 2.11
CA CYS A 39 -6.97 1.51 1.03
C CYS A 39 -5.67 0.95 1.59
N ALA A 40 -5.20 -0.18 1.03
CA ALA A 40 -3.97 -0.79 1.48
C ALA A 40 -3.06 -1.06 0.29
N ALA A 41 -1.84 -0.53 0.33
CA ALA A 41 -0.89 -0.71 -0.74
C ALA A 41 0.45 -1.16 -0.18
N VAL A 42 0.98 -2.26 -0.72
CA VAL A 42 2.26 -2.79 -0.26
C VAL A 42 3.25 -2.80 -1.41
N TRP A 43 4.46 -2.28 -1.17
CA TRP A 43 5.49 -2.23 -2.18
C TRP A 43 6.70 -3.04 -1.74
N ARG A 44 7.04 -4.08 -2.50
CA ARG A 44 8.16 -4.94 -2.19
C ARG A 44 9.23 -4.81 -3.28
N ARG A 45 10.47 -5.11 -2.93
CA ARG A 45 11.57 -5.03 -3.87
C ARG A 45 12.54 -6.18 -3.63
N ASN A 46 12.55 -7.15 -4.55
CA ASN A 46 13.43 -8.29 -4.44
C ASN A 46 14.54 -8.21 -5.49
N ASP A 47 15.78 -8.37 -5.04
CA ASP A 47 16.93 -8.31 -5.94
C ASP A 47 16.75 -7.15 -6.91
N GLU A 48 16.27 -7.46 -8.11
CA GLU A 48 16.05 -6.46 -9.13
C GLU A 48 14.62 -6.53 -9.66
N ASN A 49 13.72 -7.08 -8.84
CA ASN A 49 12.32 -7.21 -9.23
C ASN A 49 11.43 -6.64 -8.14
N VAL A 50 10.98 -5.40 -8.32
CA VAL A 50 10.12 -4.73 -7.36
C VAL A 50 8.68 -4.83 -7.81
N THR A 51 7.79 -5.26 -6.91
CA THR A 51 6.38 -5.39 -7.22
C THR A 51 5.56 -4.41 -6.39
N LEU A 52 4.53 -3.84 -7.00
CA LEU A 52 3.67 -2.88 -6.32
C LEU A 52 2.23 -3.36 -6.36
N GLU A 53 1.63 -3.53 -5.18
CA GLU A 53 0.25 -3.98 -5.09
C GLU A 53 -0.59 -2.92 -4.40
N THR A 54 -1.76 -2.63 -4.97
CA THR A 54 -2.66 -1.64 -4.41
C THR A 54 -4.10 -2.15 -4.46
N ILE A 55 -4.77 -2.12 -3.32
CA ILE A 55 -6.15 -2.57 -3.23
C ILE A 55 -6.76 -2.13 -1.90
N CYS A 56 -8.06 -2.36 -1.74
CA CYS A 56 -8.75 -1.98 -0.51
C CYS A 56 -8.74 -3.16 0.46
N HIS A 57 -7.72 -3.21 1.31
CA HIS A 57 -7.60 -4.28 2.29
C HIS A 57 -7.65 -3.71 3.70
N ASP A 58 -8.22 -4.47 4.63
CA ASP A 58 -8.33 -4.04 6.01
C ASP A 58 -7.00 -4.25 6.72
N PRO A 59 -6.54 -3.24 7.45
CA PRO A 59 -5.30 -3.27 8.20
C PRO A 59 -5.46 -4.16 9.42
N GLN A 60 -6.25 -5.22 9.28
CA GLN A 60 -6.49 -6.14 10.38
C GLN A 60 -5.62 -7.38 10.21
N LYS A 61 -5.75 -8.05 9.06
CA LYS A 61 -4.98 -9.25 8.78
C LYS A 61 -3.62 -8.86 8.21
N ARG A 62 -2.57 -9.55 8.68
CA ARG A 62 -1.22 -9.28 8.20
C ARG A 62 -1.05 -9.79 6.79
N LEU A 63 -0.69 -8.90 5.86
CA LEU A 63 -0.50 -9.27 4.47
C LEU A 63 0.95 -9.66 4.24
N TYR A 64 1.16 -10.74 3.48
CA TYR A 64 2.50 -11.22 3.20
C TYR A 64 3.29 -11.37 4.49
N GLY A 65 2.59 -11.60 5.59
CA GLY A 65 3.22 -11.76 6.89
C GLY A 65 3.54 -10.40 7.49
N HIS A 66 2.97 -9.35 6.92
CA HIS A 66 3.20 -7.99 7.39
C HIS A 66 1.90 -7.39 7.90
N MET A 67 1.99 -6.59 8.96
CA MET A 67 0.81 -5.95 9.53
C MET A 67 0.98 -4.45 9.52
N LEU A 68 -0.02 -3.75 8.98
CA LEU A 68 0.02 -2.30 8.91
C LEU A 68 -0.15 -1.70 10.29
N ASP A 69 0.37 -0.49 10.50
CA ASP A 69 0.27 0.19 11.78
C ASP A 69 -0.02 1.66 11.57
N ASP A 70 -1.01 1.96 10.71
CA ASP A 70 -1.37 3.34 10.42
C ASP A 70 -2.50 3.36 9.41
N SER A 71 -3.73 3.13 9.86
CA SER A 71 -4.88 3.13 8.99
C SER A 71 -5.64 4.45 9.13
N SER A 72 -5.70 4.97 10.37
CA SER A 72 -6.39 6.22 10.63
C SER A 72 -5.51 7.39 10.22
N SER A 73 -4.28 7.10 9.80
CA SER A 73 -3.35 8.12 9.38
C SER A 73 -3.71 8.61 7.99
N GLU A 74 -3.76 9.93 7.81
CA GLU A 74 -4.08 10.52 6.52
C GLU A 74 -2.94 10.32 5.55
N GLN A 75 -1.81 9.82 6.05
CA GLN A 75 -0.64 9.58 5.22
C GLN A 75 -0.17 8.14 5.39
N CYS A 76 -0.20 7.38 4.30
CA CYS A 76 0.23 5.99 4.34
C CYS A 76 1.74 5.92 4.36
N VAL A 77 2.29 5.17 5.33
CA VAL A 77 3.72 5.02 5.46
C VAL A 77 4.12 3.58 5.18
N MET A 78 5.26 3.40 4.49
CA MET A 78 5.74 2.08 4.15
C MET A 78 6.55 1.51 5.30
N LYS A 79 6.11 0.38 5.85
CA LYS A 79 6.79 -0.26 6.95
C LYS A 79 7.62 -1.44 6.44
N GLU A 80 8.90 -1.47 6.82
CA GLU A 80 9.78 -2.54 6.40
C GLU A 80 9.57 -3.78 7.28
N LYS A 81 9.08 -4.85 6.68
CA LYS A 81 8.84 -6.09 7.40
C LYS A 81 9.91 -7.11 7.06
N LYS A 82 10.13 -8.07 7.97
CA LYS A 82 11.13 -9.10 7.77
C LYS A 82 10.89 -9.78 6.43
N ASP A 83 11.70 -9.43 5.42
CA ASP A 83 11.58 -10.00 4.10
C ASP A 83 12.92 -10.59 3.68
N ASP A 84 12.95 -11.91 3.48
CA ASP A 84 14.17 -12.59 3.08
C ASP A 84 14.21 -12.70 1.56
N GLY A 85 15.32 -12.25 0.96
CA GLY A 85 15.49 -12.30 -0.47
C GLY A 85 15.05 -10.97 -1.10
N GLY A 86 14.40 -10.13 -0.30
CA GLY A 86 13.93 -8.85 -0.79
C GLY A 86 13.23 -8.08 0.34
N LEU A 87 12.71 -6.91 0.01
CA LEU A 87 12.02 -6.08 1.00
C LEU A 87 10.56 -5.89 0.59
N MET A 88 9.67 -5.88 1.57
CA MET A 88 8.25 -5.72 1.31
C MET A 88 7.65 -4.74 2.31
N PHE A 89 7.13 -3.62 1.80
CA PHE A 89 6.53 -2.61 2.65
C PHE A 89 5.02 -2.55 2.40
N MET A 90 4.24 -2.57 3.49
CA MET A 90 2.80 -2.52 3.38
C MET A 90 2.26 -1.32 4.15
N CYS A 91 1.26 -0.65 3.59
CA CYS A 91 0.65 0.50 4.22
C CYS A 91 -0.85 0.51 3.97
N SER A 92 -1.61 1.09 4.90
CA SER A 92 -3.05 1.16 4.77
C SER A 92 -3.54 2.54 5.17
N CYS A 93 -4.80 2.84 4.86
CA CYS A 93 -5.39 4.13 5.18
C CYS A 93 -6.73 4.27 4.49
N THR A 94 -7.74 4.73 5.22
CA THR A 94 -9.08 4.90 4.68
C THR A 94 -9.11 6.15 3.81
N GLY A 95 -8.01 6.91 3.80
CA GLY A 95 -7.93 8.12 3.01
C GLY A 95 -8.21 7.82 1.54
N GLU A 96 -8.18 8.86 0.71
CA GLU A 96 -8.43 8.69 -0.71
C GLU A 96 -7.13 8.35 -1.43
N GLU A 97 -7.10 7.19 -2.08
CA GLU A 97 -5.92 6.76 -2.80
C GLU A 97 -4.68 6.96 -1.94
N CYS A 98 -4.88 7.21 -0.64
CA CYS A 98 -3.78 7.42 0.28
C CYS A 98 -2.84 6.22 0.24
N ASN A 99 -3.39 5.03 -0.03
CA ASN A 99 -2.60 3.82 -0.10
C ASN A 99 -1.76 3.82 -1.37
N ASP A 100 -2.27 4.48 -2.42
CA ASP A 100 -1.57 4.54 -3.68
C ASP A 100 -0.17 5.12 -3.47
N VAL A 101 -0.04 6.02 -2.49
CA VAL A 101 1.24 6.63 -2.20
C VAL A 101 1.91 5.89 -1.05
N LEU A 102 3.08 5.33 -1.30
CA LEU A 102 3.82 4.59 -0.29
C LEU A 102 5.01 5.41 0.18
N ILE A 103 4.91 5.97 1.40
CA ILE A 103 5.98 6.77 1.96
C ILE A 103 7.02 5.87 2.61
N PHE A 104 8.26 5.94 2.12
CA PHE A 104 9.33 5.12 2.66
C PHE A 104 10.22 5.98 3.56
N SER A 105 10.22 5.67 4.86
CA SER A 105 11.03 6.41 5.81
C SER A 105 11.72 5.44 6.76
N ALA A 106 13.05 5.59 6.89
CA ALA A 106 13.82 4.73 7.77
C ALA A 106 14.66 5.57 8.71
N ILE A 107 14.02 6.06 9.78
CA ILE A 107 14.71 6.89 10.77
C ILE A 107 13.83 7.04 12.00
N GLN A 1 -18.55 12.30 -3.40
CA GLN A 1 -17.44 11.65 -4.07
C GLN A 1 -17.35 10.19 -3.63
N LEU A 2 -18.50 9.51 -3.64
CA LEU A 2 -18.56 8.12 -3.24
C LEU A 2 -18.02 7.95 -1.84
N PRO A 3 -18.17 6.75 -1.27
CA PRO A 3 -17.71 6.41 0.06
C PRO A 3 -16.20 6.28 0.06
N ARG A 4 -15.70 5.05 0.11
CA ARG A 4 -14.27 4.80 0.12
C ARG A 4 -13.76 4.69 -1.31
N LEU A 5 -12.64 5.36 -1.58
CA LEU A 5 -12.05 5.33 -2.91
C LEU A 5 -10.54 5.10 -2.80
N CYS A 6 -10.05 4.04 -3.44
CA CYS A 6 -8.65 3.71 -3.41
C CYS A 6 -8.26 3.00 -4.70
N LYS A 7 -6.95 2.97 -5.01
CA LYS A 7 -6.46 2.33 -6.21
C LYS A 7 -6.62 0.82 -6.09
N PHE A 8 -6.75 0.15 -7.23
CA PHE A 8 -6.91 -1.29 -7.25
C PHE A 8 -6.11 -1.89 -8.41
N CYS A 9 -4.87 -2.30 -8.14
CA CYS A 9 -4.01 -2.87 -9.16
C CYS A 9 -3.30 -4.09 -8.59
N ASP A 10 -3.10 -5.11 -9.44
CA ASP A 10 -2.43 -6.33 -9.02
C ASP A 10 -0.95 -6.05 -8.78
N VAL A 11 -0.26 -6.99 -8.15
CA VAL A 11 1.15 -6.85 -7.87
C VAL A 11 1.97 -7.08 -9.14
N LYS A 12 2.59 -6.02 -9.65
CA LYS A 12 3.39 -6.11 -10.86
C LYS A 12 4.69 -5.33 -10.68
N ALA A 13 5.67 -5.61 -11.54
CA ALA A 13 6.95 -4.94 -11.47
C ALA A 13 6.74 -3.43 -11.37
N THR A 14 6.96 -2.88 -10.18
CA THR A 14 6.78 -1.45 -9.97
C THR A 14 8.10 -0.72 -10.20
N THR A 15 8.03 0.60 -10.37
CA THR A 15 9.22 1.39 -10.60
C THR A 15 9.41 2.39 -9.47
N CYS A 16 8.64 2.21 -8.38
CA CYS A 16 8.73 3.08 -7.23
C CYS A 16 9.84 2.61 -6.29
N SER A 17 10.60 3.54 -5.74
CA SER A 17 11.68 3.20 -4.82
C SER A 17 11.29 3.59 -3.40
N ASN A 18 12.06 3.12 -2.43
CA ASN A 18 11.79 3.42 -1.03
C ASN A 18 12.13 4.87 -0.74
N GLN A 19 11.35 5.79 -1.32
CA GLN A 19 11.56 7.21 -1.12
C GLN A 19 10.53 7.76 -0.14
N ASP A 20 10.87 8.88 0.50
CA ASP A 20 9.98 9.49 1.48
C ASP A 20 8.56 9.50 0.94
N GLN A 21 8.42 9.64 -0.38
CA GLN A 21 7.11 9.66 -1.02
C GLN A 21 7.17 8.90 -2.34
N CYS A 22 6.24 7.96 -2.52
CA CYS A 22 6.19 7.17 -3.73
C CYS A 22 4.74 7.01 -4.17
N THR A 23 4.54 6.57 -5.42
CA THR A 23 3.21 6.38 -5.96
C THR A 23 2.96 4.89 -6.21
N SER A 24 1.68 4.52 -6.31
CA SER A 24 1.31 3.14 -6.56
C SER A 24 1.43 2.82 -8.05
N ASN A 25 1.36 3.86 -8.88
CA ASN A 25 1.46 3.70 -10.32
C ASN A 25 0.20 3.05 -10.86
N CYS A 26 -0.69 2.64 -9.95
CA CYS A 26 -1.94 2.00 -10.33
C CYS A 26 -2.82 3.00 -11.07
N ASN A 27 -3.58 2.51 -12.06
CA ASN A 27 -4.46 3.35 -12.84
C ASN A 27 -5.89 2.87 -12.73
N ILE A 28 -6.30 2.45 -11.52
CA ILE A 28 -7.63 1.96 -11.29
C ILE A 28 -8.23 2.64 -10.06
N THR A 29 -9.54 2.86 -10.06
CA THR A 29 -10.22 3.50 -8.95
C THR A 29 -11.31 2.58 -8.42
N SER A 30 -11.04 1.92 -7.29
CA SER A 30 -12.00 1.02 -6.68
C SER A 30 -12.72 1.73 -5.55
N ILE A 31 -14.05 1.71 -5.58
CA ILE A 31 -14.86 2.33 -4.56
C ILE A 31 -15.32 1.30 -3.54
N CYS A 32 -14.87 1.43 -2.29
CA CYS A 32 -15.24 0.52 -1.24
C CYS A 32 -16.53 0.96 -0.59
N GLU A 33 -17.67 0.59 -1.18
CA GLU A 33 -18.96 0.96 -0.65
C GLU A 33 -19.28 0.14 0.59
N LYS A 34 -18.39 -0.81 0.91
CA LYS A 34 -18.57 -1.66 2.08
C LYS A 34 -18.23 -0.89 3.34
N ASN A 35 -17.61 0.29 3.17
CA ASN A 35 -17.24 1.11 4.30
C ASN A 35 -16.18 0.40 5.14
N ASN A 36 -16.35 -0.90 5.34
CA ASN A 36 -15.42 -1.68 6.11
C ASN A 36 -14.20 -2.04 5.26
N GLU A 37 -13.97 -1.26 4.20
CA GLU A 37 -12.85 -1.48 3.32
C GLU A 37 -11.96 -0.24 3.27
N VAL A 38 -10.66 -0.43 3.48
CA VAL A 38 -9.72 0.67 3.46
C VAL A 38 -8.73 0.48 2.33
N CYS A 39 -7.89 1.49 2.07
CA CYS A 39 -6.90 1.42 1.02
C CYS A 39 -5.61 0.82 1.56
N ALA A 40 -5.14 -0.26 0.93
CA ALA A 40 -3.93 -0.92 1.35
C ALA A 40 -2.96 -1.03 0.18
N ALA A 41 -1.74 -0.51 0.36
CA ALA A 41 -0.73 -0.54 -0.68
C ALA A 41 0.58 -1.06 -0.12
N VAL A 42 1.06 -2.19 -0.65
CA VAL A 42 2.30 -2.77 -0.20
C VAL A 42 3.30 -2.83 -1.34
N TRP A 43 4.44 -2.14 -1.18
CA TRP A 43 5.46 -2.11 -2.20
C TRP A 43 6.65 -2.95 -1.76
N ARG A 44 6.97 -3.98 -2.54
CA ARG A 44 8.08 -4.86 -2.24
C ARG A 44 9.15 -4.75 -3.32
N ARG A 45 10.40 -5.00 -2.95
CA ARG A 45 11.50 -4.93 -3.89
C ARG A 45 12.49 -6.06 -3.62
N ASN A 46 12.54 -7.05 -4.50
CA ASN A 46 13.43 -8.17 -4.35
C ASN A 46 14.53 -8.11 -5.41
N ASP A 47 15.78 -8.24 -4.98
CA ASP A 47 16.91 -8.20 -5.89
C ASP A 47 16.71 -7.09 -6.91
N GLU A 48 16.25 -7.45 -8.11
CA GLU A 48 16.01 -6.49 -9.16
C GLU A 48 14.57 -6.58 -9.63
N ASN A 49 13.71 -7.21 -8.83
CA ASN A 49 12.31 -7.35 -9.15
C ASN A 49 11.45 -6.68 -8.08
N VAL A 50 11.02 -5.45 -8.35
CA VAL A 50 10.20 -4.71 -7.41
C VAL A 50 8.74 -4.80 -7.82
N THR A 51 7.90 -5.35 -6.94
CA THR A 51 6.49 -5.50 -7.22
C THR A 51 5.68 -4.64 -6.26
N LEU A 52 4.59 -4.05 -6.76
CA LEU A 52 3.74 -3.21 -5.94
C LEU A 52 2.29 -3.65 -6.08
N GLU A 53 1.62 -3.88 -4.96
CA GLU A 53 0.23 -4.30 -4.97
C GLU A 53 -0.64 -3.26 -4.28
N THR A 54 -1.74 -2.89 -4.93
CA THR A 54 -2.66 -1.90 -4.39
C THR A 54 -4.09 -2.39 -4.52
N ILE A 55 -4.82 -2.37 -3.41
CA ILE A 55 -6.20 -2.81 -3.40
C ILE A 55 -6.85 -2.46 -2.05
N CYS A 56 -8.19 -2.48 -2.01
CA CYS A 56 -8.91 -2.16 -0.80
C CYS A 56 -8.90 -3.36 0.13
N HIS A 57 -7.86 -3.46 0.98
CA HIS A 57 -7.73 -4.56 1.91
C HIS A 57 -7.79 -4.03 3.34
N ASP A 58 -8.29 -4.85 4.26
CA ASP A 58 -8.40 -4.47 5.66
C ASP A 58 -7.09 -4.77 6.37
N PRO A 59 -6.60 -3.80 7.14
CA PRO A 59 -5.36 -3.91 7.90
C PRO A 59 -5.57 -4.83 9.08
N GLN A 60 -6.47 -5.80 8.93
CA GLN A 60 -6.76 -6.76 9.99
C GLN A 60 -6.02 -8.06 9.73
N LYS A 61 -6.00 -8.50 8.47
CA LYS A 61 -5.32 -9.72 8.11
C LYS A 61 -3.85 -9.46 7.86
N ARG A 62 -3.01 -10.48 8.05
CA ARG A 62 -1.59 -10.35 7.86
C ARG A 62 -1.23 -10.68 6.41
N LEU A 63 -0.76 -9.68 5.66
CA LEU A 63 -0.39 -9.85 4.27
C LEU A 63 1.12 -9.98 4.16
N TYR A 64 1.59 -10.94 3.37
CA TYR A 64 3.01 -11.16 3.17
C TYR A 64 3.70 -11.26 4.52
N GLY A 65 2.94 -11.61 5.56
CA GLY A 65 3.49 -11.73 6.90
C GLY A 65 3.60 -10.36 7.56
N HIS A 66 2.85 -9.38 7.03
CA HIS A 66 2.87 -8.04 7.56
C HIS A 66 1.47 -7.65 8.04
N MET A 67 1.41 -7.05 9.23
CA MET A 67 0.13 -6.63 9.80
C MET A 67 0.07 -5.12 9.86
N LEU A 68 -0.77 -4.52 9.00
CA LEU A 68 -0.92 -3.08 8.97
C LEU A 68 -1.59 -2.60 10.25
N ASP A 69 -1.34 -1.34 10.62
CA ASP A 69 -1.92 -0.77 11.82
C ASP A 69 -1.90 0.75 11.73
N ASP A 70 -2.68 1.30 10.80
CA ASP A 70 -2.74 2.73 10.61
C ASP A 70 -3.70 3.06 9.48
N SER A 71 -4.98 2.72 9.65
CA SER A 71 -5.99 2.98 8.64
C SER A 71 -6.81 4.20 9.04
N SER A 72 -6.45 4.84 10.15
CA SER A 72 -7.14 6.02 10.63
C SER A 72 -6.33 7.27 10.31
N SER A 73 -5.13 7.07 9.76
CA SER A 73 -4.26 8.17 9.41
C SER A 73 -4.51 8.59 7.97
N GLU A 74 -4.46 9.90 7.71
CA GLU A 74 -4.68 10.42 6.37
C GLU A 74 -3.49 10.08 5.48
N GLN A 75 -2.28 10.16 6.05
CA GLN A 75 -1.07 9.87 5.31
C GLN A 75 -0.62 8.44 5.60
N CYS A 76 -0.36 7.67 4.55
CA CYS A 76 0.08 6.30 4.71
C CYS A 76 1.59 6.21 4.56
N VAL A 77 2.25 5.59 5.54
CA VAL A 77 3.69 5.46 5.51
C VAL A 77 4.07 3.99 5.32
N MET A 78 4.93 3.72 4.33
CA MET A 78 5.36 2.36 4.05
C MET A 78 6.22 1.86 5.19
N LYS A 79 5.79 0.76 5.83
CA LYS A 79 6.54 0.18 6.93
C LYS A 79 7.50 -0.86 6.41
N GLU A 80 8.60 -1.09 7.14
CA GLU A 80 9.59 -2.07 6.74
C GLU A 80 9.51 -3.29 7.64
N LYS A 81 9.01 -4.40 7.10
CA LYS A 81 8.89 -5.62 7.87
C LYS A 81 9.97 -6.60 7.45
N LYS A 82 10.29 -7.56 8.33
CA LYS A 82 11.32 -8.55 8.04
C LYS A 82 11.01 -9.23 6.73
N ASP A 83 11.74 -8.86 5.68
CA ASP A 83 11.56 -9.44 4.36
C ASP A 83 12.87 -10.03 3.87
N ASP A 84 12.92 -11.37 3.75
CA ASP A 84 14.10 -12.05 3.30
C ASP A 84 14.03 -12.25 1.79
N GLY A 85 15.10 -11.86 1.09
CA GLY A 85 15.15 -12.00 -0.36
C GLY A 85 14.77 -10.68 -1.03
N GLY A 86 14.24 -9.74 -0.24
CA GLY A 86 13.84 -8.45 -0.75
C GLY A 86 13.11 -7.66 0.32
N LEU A 87 12.92 -6.36 0.08
CA LEU A 87 12.25 -5.48 1.02
C LEU A 87 10.78 -5.36 0.64
N MET A 88 9.89 -5.62 1.59
CA MET A 88 8.46 -5.54 1.36
C MET A 88 7.82 -4.56 2.34
N PHE A 89 7.25 -3.48 1.81
CA PHE A 89 6.61 -2.47 2.63
C PHE A 89 5.11 -2.48 2.39
N MET A 90 4.33 -2.51 3.47
CA MET A 90 2.88 -2.52 3.37
C MET A 90 2.29 -1.45 4.27
N CYS A 91 1.30 -0.71 3.76
CA CYS A 91 0.65 0.33 4.52
C CYS A 91 -0.83 0.37 4.20
N SER A 92 -1.65 0.81 5.16
CA SER A 92 -3.08 0.88 4.98
C SER A 92 -3.57 2.29 5.30
N CYS A 93 -4.78 2.61 4.85
CA CYS A 93 -5.37 3.91 5.09
C CYS A 93 -6.68 4.05 4.33
N THR A 94 -7.73 4.51 5.02
CA THR A 94 -9.03 4.67 4.40
C THR A 94 -9.06 5.96 3.60
N GLY A 95 -7.93 6.66 3.53
CA GLY A 95 -7.83 7.91 2.80
C GLY A 95 -7.94 7.66 1.30
N GLU A 96 -8.44 8.64 0.56
CA GLU A 96 -8.60 8.51 -0.87
C GLU A 96 -7.23 8.43 -1.54
N GLU A 97 -6.98 7.32 -2.24
CA GLU A 97 -5.72 7.13 -2.91
C GLU A 97 -4.58 7.21 -1.91
N CYS A 98 -4.90 7.49 -0.66
CA CYS A 98 -3.90 7.59 0.39
C CYS A 98 -2.88 6.48 0.24
N ASN A 99 -3.36 5.27 -0.11
CA ASN A 99 -2.49 4.13 -0.28
C ASN A 99 -1.62 4.33 -1.52
N ASP A 100 -2.23 4.80 -2.60
CA ASP A 100 -1.51 5.04 -3.85
C ASP A 100 -0.18 5.73 -3.56
N VAL A 101 -0.10 6.41 -2.42
CA VAL A 101 1.11 7.10 -2.03
C VAL A 101 1.82 6.33 -0.93
N LEU A 102 2.91 5.64 -1.29
CA LEU A 102 3.68 4.87 -0.34
C LEU A 102 4.89 5.67 0.13
N ILE A 103 4.81 6.21 1.35
CA ILE A 103 5.90 6.99 1.90
C ILE A 103 6.92 6.07 2.54
N PHE A 104 8.16 6.11 2.05
CA PHE A 104 9.23 5.28 2.58
C PHE A 104 10.19 6.14 3.40
N SER A 105 10.25 5.87 4.71
CA SER A 105 11.14 6.60 5.59
C SER A 105 11.88 5.64 6.49
N ALA A 106 13.08 6.03 6.94
CA ALA A 106 13.89 5.21 7.81
C ALA A 106 13.92 5.81 9.21
N ILE A 107 12.90 6.60 9.54
CA ILE A 107 12.82 7.25 10.84
C ILE A 107 12.16 6.30 11.83
N GLN A 1 -14.93 11.51 -5.62
CA GLN A 1 -16.36 11.46 -5.85
C GLN A 1 -17.00 10.50 -4.85
N LEU A 2 -16.96 9.20 -5.17
CA LEU A 2 -17.53 8.19 -4.30
C LEU A 2 -17.03 8.36 -2.88
N PRO A 3 -17.64 7.65 -1.94
CA PRO A 3 -17.29 7.70 -0.53
C PRO A 3 -15.96 6.99 -0.31
N ARG A 4 -15.98 5.66 -0.25
CA ARG A 4 -14.78 4.88 -0.05
C ARG A 4 -14.11 4.59 -1.38
N LEU A 5 -12.89 5.09 -1.56
CA LEU A 5 -12.15 4.89 -2.79
C LEU A 5 -10.73 4.45 -2.47
N CYS A 6 -10.23 3.46 -3.20
CA CYS A 6 -8.88 2.96 -3.00
C CYS A 6 -8.30 2.46 -4.31
N LYS A 7 -6.98 2.46 -4.43
CA LYS A 7 -6.31 2.01 -5.64
C LYS A 7 -6.28 0.49 -5.67
N PHE A 8 -7.02 -0.11 -6.61
CA PHE A 8 -7.07 -1.55 -6.75
C PHE A 8 -6.35 -1.97 -8.02
N CYS A 9 -5.01 -2.03 -7.96
CA CYS A 9 -4.22 -2.42 -9.11
C CYS A 9 -3.43 -3.69 -8.77
N ASP A 10 -3.20 -4.53 -9.78
CA ASP A 10 -2.46 -5.76 -9.60
C ASP A 10 -1.00 -5.44 -9.33
N VAL A 11 -0.25 -6.45 -8.86
CA VAL A 11 1.16 -6.27 -8.56
C VAL A 11 1.96 -6.30 -9.85
N LYS A 12 2.58 -5.17 -10.21
CA LYS A 12 3.36 -5.08 -11.41
C LYS A 12 4.71 -4.45 -11.10
N ALA A 13 5.69 -4.64 -12.00
CA ALA A 13 7.02 -4.09 -11.81
C ALA A 13 6.93 -2.59 -11.59
N THR A 14 7.26 -2.14 -10.37
CA THR A 14 7.21 -0.73 -10.03
C THR A 14 8.63 -0.17 -9.96
N THR A 15 8.78 1.12 -10.28
CA THR A 15 10.08 1.76 -10.24
C THR A 15 10.14 2.70 -9.05
N CYS A 16 9.28 2.48 -8.07
CA CYS A 16 9.25 3.30 -6.87
C CYS A 16 10.31 2.83 -5.89
N SER A 17 10.99 3.78 -5.25
CA SER A 17 12.03 3.45 -4.28
C SER A 17 11.53 3.73 -2.88
N ASN A 18 12.10 3.04 -1.89
CA ASN A 18 11.71 3.23 -0.50
C ASN A 18 12.08 4.63 -0.05
N GLN A 19 11.39 5.64 -0.59
CA GLN A 19 11.65 7.02 -0.25
C GLN A 19 10.55 7.53 0.67
N ASP A 20 10.79 8.67 1.31
CA ASP A 20 9.83 9.27 2.21
C ASP A 20 8.43 9.17 1.61
N GLN A 21 8.33 9.36 0.30
CA GLN A 21 7.06 9.29 -0.40
C GLN A 21 7.23 8.61 -1.74
N CYS A 22 6.37 7.64 -2.05
CA CYS A 22 6.43 6.93 -3.30
C CYS A 22 5.02 6.75 -3.87
N THR A 23 4.94 6.46 -5.16
CA THR A 23 3.66 6.27 -5.81
C THR A 23 3.51 4.82 -6.27
N SER A 24 2.28 4.31 -6.29
CA SER A 24 2.02 2.95 -6.71
C SER A 24 1.96 2.88 -8.23
N ASN A 25 1.76 4.03 -8.88
CA ASN A 25 1.69 4.09 -10.32
C ASN A 25 0.37 3.49 -10.81
N CYS A 26 -0.43 3.00 -9.87
CA CYS A 26 -1.73 2.40 -10.20
C CYS A 26 -2.66 3.48 -10.73
N ASN A 27 -3.74 3.05 -11.40
CA ASN A 27 -4.70 3.97 -11.96
C ASN A 27 -6.09 3.36 -11.91
N ILE A 28 -6.47 2.83 -10.75
CA ILE A 28 -7.77 2.21 -10.57
C ILE A 28 -8.43 2.73 -9.30
N THR A 29 -9.76 2.84 -9.31
CA THR A 29 -10.50 3.32 -8.17
C THR A 29 -11.52 2.29 -7.72
N SER A 30 -11.23 1.60 -6.63
CA SER A 30 -12.13 0.58 -6.11
C SER A 30 -13.01 1.18 -5.02
N ILE A 31 -14.33 0.99 -5.15
CA ILE A 31 -15.27 1.50 -4.18
C ILE A 31 -15.40 0.53 -3.01
N CYS A 32 -15.21 1.04 -1.79
CA CYS A 32 -15.30 0.21 -0.61
C CYS A 32 -16.40 0.74 0.31
N GLU A 33 -17.53 1.11 -0.29
CA GLU A 33 -18.65 1.63 0.47
C GLU A 33 -19.49 0.47 1.02
N LYS A 34 -19.19 -0.75 0.58
CA LYS A 34 -19.90 -1.92 1.03
C LYS A 34 -19.34 -2.39 2.36
N ASN A 35 -18.60 -1.51 3.04
CA ASN A 35 -18.02 -1.84 4.33
C ASN A 35 -16.99 -0.79 4.71
N ASN A 36 -16.38 -0.95 5.88
CA ASN A 36 -15.38 -0.02 6.36
C ASN A 36 -14.04 -0.32 5.72
N GLU A 37 -14.06 -1.01 4.58
CA GLU A 37 -12.85 -1.37 3.86
C GLU A 37 -11.93 -0.15 3.78
N VAL A 38 -10.66 -0.40 3.49
CA VAL A 38 -9.68 0.68 3.37
C VAL A 38 -8.72 0.37 2.24
N CYS A 39 -7.90 1.36 1.87
CA CYS A 39 -6.93 1.20 0.81
C CYS A 39 -5.60 0.72 1.38
N ALA A 40 -5.10 -0.41 0.88
CA ALA A 40 -3.84 -0.97 1.34
C ALA A 40 -2.91 -1.19 0.15
N ALA A 41 -1.73 -0.57 0.20
CA ALA A 41 -0.76 -0.70 -0.87
C ALA A 41 0.54 -1.28 -0.32
N VAL A 42 0.98 -2.40 -0.88
CA VAL A 42 2.20 -3.05 -0.44
C VAL A 42 3.21 -3.07 -1.58
N TRP A 43 4.33 -2.37 -1.40
CA TRP A 43 5.36 -2.32 -2.42
C TRP A 43 6.53 -3.22 -2.02
N ARG A 44 6.86 -4.19 -2.87
CA ARG A 44 7.94 -5.11 -2.61
C ARG A 44 9.06 -4.90 -3.61
N ARG A 45 10.29 -5.26 -3.24
CA ARG A 45 11.43 -5.10 -4.11
C ARG A 45 12.37 -6.29 -3.95
N ASN A 46 12.41 -7.16 -4.97
CA ASN A 46 13.26 -8.33 -4.95
C ASN A 46 14.41 -8.17 -5.93
N ASP A 47 15.64 -8.41 -5.47
CA ASP A 47 16.80 -8.29 -6.30
C ASP A 47 16.70 -7.04 -7.17
N GLU A 48 16.27 -7.21 -8.42
CA GLU A 48 16.13 -6.09 -9.34
C GLU A 48 14.71 -6.05 -9.90
N ASN A 49 13.78 -6.70 -9.20
CA ASN A 49 12.39 -6.75 -9.63
C ASN A 49 11.49 -6.24 -8.52
N VAL A 50 11.10 -4.96 -8.60
CA VAL A 50 10.24 -4.37 -7.61
C VAL A 50 8.80 -4.37 -8.11
N THR A 51 7.88 -4.92 -7.30
CA THR A 51 6.49 -4.96 -7.66
C THR A 51 5.65 -4.25 -6.62
N LEU A 52 4.60 -3.56 -7.07
CA LEU A 52 3.73 -2.83 -6.18
C LEU A 52 2.28 -3.28 -6.38
N GLU A 53 1.59 -3.60 -5.29
CA GLU A 53 0.21 -4.03 -5.36
C GLU A 53 -0.67 -3.12 -4.53
N THR A 54 -1.87 -2.83 -5.03
CA THR A 54 -2.80 -1.96 -4.33
C THR A 54 -4.20 -2.55 -4.38
N ILE A 55 -4.83 -2.71 -3.21
CA ILE A 55 -6.17 -3.26 -3.13
C ILE A 55 -6.86 -2.75 -1.86
N CYS A 56 -8.07 -3.25 -1.60
CA CYS A 56 -8.82 -2.85 -0.42
C CYS A 56 -8.64 -3.89 0.67
N HIS A 57 -7.51 -3.80 1.40
CA HIS A 57 -7.23 -4.73 2.47
C HIS A 57 -7.43 -4.05 3.82
N ASP A 58 -7.76 -4.84 4.85
CA ASP A 58 -7.99 -4.31 6.18
C ASP A 58 -6.68 -4.32 6.96
N PRO A 59 -6.38 -3.21 7.63
CA PRO A 59 -5.18 -3.05 8.44
C PRO A 59 -5.31 -3.87 9.71
N GLN A 60 -6.20 -4.86 9.70
CA GLN A 60 -6.43 -5.70 10.86
C GLN A 60 -5.70 -7.04 10.66
N LYS A 61 -5.76 -7.58 9.44
CA LYS A 61 -5.11 -8.83 9.14
C LYS A 61 -3.65 -8.59 8.78
N ARG A 62 -2.84 -9.64 8.88
CA ARG A 62 -1.42 -9.54 8.58
C ARG A 62 -1.20 -9.86 7.10
N LEU A 63 -0.58 -8.92 6.38
CA LEU A 63 -0.31 -9.10 4.98
C LEU A 63 1.14 -9.52 4.79
N TYR A 64 1.36 -10.57 3.99
CA TYR A 64 2.70 -11.07 3.74
C TYR A 64 3.45 -11.26 5.05
N GLY A 65 2.70 -11.46 6.14
CA GLY A 65 3.29 -11.65 7.44
C GLY A 65 3.65 -10.30 8.06
N HIS A 66 2.99 -9.24 7.60
CA HIS A 66 3.23 -7.90 8.10
C HIS A 66 1.93 -7.28 8.58
N MET A 67 2.00 -6.53 9.69
CA MET A 67 0.83 -5.89 10.24
C MET A 67 1.04 -4.38 10.29
N LEU A 68 0.29 -3.64 9.45
CA LEU A 68 0.40 -2.19 9.40
C LEU A 68 -0.62 -1.58 10.33
N ASP A 69 -0.26 -0.47 10.97
CA ASP A 69 -1.15 0.22 11.89
C ASP A 69 -1.11 1.73 11.61
N ASP A 70 -1.86 2.16 10.60
CA ASP A 70 -1.90 3.57 10.25
C ASP A 70 -2.88 3.78 9.11
N SER A 71 -4.10 3.26 9.27
CA SER A 71 -5.13 3.39 8.26
C SER A 71 -5.95 4.66 8.50
N SER A 72 -5.79 5.23 9.70
CA SER A 72 -6.50 6.45 10.06
C SER A 72 -5.66 7.67 9.73
N SER A 73 -4.42 7.43 9.27
CA SER A 73 -3.51 8.51 8.93
C SER A 73 -3.87 9.05 7.55
N GLU A 74 -3.83 10.38 7.41
CA GLU A 74 -4.14 11.03 6.15
C GLU A 74 -3.06 10.71 5.13
N GLN A 75 -1.95 10.12 5.58
CA GLN A 75 -0.85 9.78 4.71
C GLN A 75 -0.46 8.32 4.93
N CYS A 76 -0.52 7.51 3.86
CA CYS A 76 -0.17 6.11 3.94
C CYS A 76 1.33 5.97 4.13
N VAL A 77 1.74 5.21 5.16
CA VAL A 77 3.14 5.00 5.45
C VAL A 77 3.50 3.54 5.21
N MET A 78 4.57 3.29 4.46
CA MET A 78 5.01 1.94 4.17
C MET A 78 6.00 1.47 5.23
N LYS A 79 5.65 0.40 5.93
CA LYS A 79 6.50 -0.15 6.96
C LYS A 79 7.42 -1.20 6.38
N GLU A 80 8.59 -1.40 6.99
CA GLU A 80 9.54 -2.38 6.53
C GLU A 80 9.52 -3.61 7.44
N LYS A 81 9.04 -4.73 6.91
CA LYS A 81 8.97 -5.96 7.68
C LYS A 81 10.04 -6.94 7.20
N LYS A 82 10.41 -7.89 8.06
CA LYS A 82 11.42 -8.88 7.72
C LYS A 82 11.04 -9.58 6.43
N ASP A 83 11.70 -9.21 5.33
CA ASP A 83 11.44 -9.81 4.03
C ASP A 83 12.71 -10.42 3.47
N ASP A 84 12.77 -11.75 3.41
CA ASP A 84 13.93 -12.45 2.88
C ASP A 84 13.75 -12.69 1.40
N GLY A 85 14.75 -12.30 0.60
CA GLY A 85 14.69 -12.49 -0.83
C GLY A 85 14.22 -11.22 -1.52
N GLY A 86 13.87 -10.20 -0.71
CA GLY A 86 13.40 -8.94 -1.25
C GLY A 86 12.64 -8.17 -0.17
N LEU A 87 12.75 -6.84 -0.21
CA LEU A 87 12.07 -5.99 0.75
C LEU A 87 10.62 -5.81 0.35
N MET A 88 9.70 -6.02 1.31
CA MET A 88 8.28 -5.89 1.05
C MET A 88 7.67 -4.93 2.05
N PHE A 89 7.13 -3.81 1.56
CA PHE A 89 6.51 -2.82 2.42
C PHE A 89 5.01 -2.81 2.19
N MET A 90 4.23 -2.67 3.27
CA MET A 90 2.79 -2.65 3.18
C MET A 90 2.25 -1.45 3.95
N CYS A 91 1.19 -0.84 3.43
CA CYS A 91 0.57 0.31 4.05
C CYS A 91 -0.93 0.25 3.89
N SER A 92 -1.68 0.91 4.78
CA SER A 92 -3.11 0.93 4.73
C SER A 92 -3.63 2.33 5.02
N CYS A 93 -4.88 2.60 4.63
CA CYS A 93 -5.48 3.90 4.85
C CYS A 93 -6.85 3.95 4.17
N THR A 94 -7.85 4.51 4.86
CA THR A 94 -9.18 4.61 4.32
C THR A 94 -9.28 5.83 3.42
N GLY A 95 -8.19 6.63 3.36
CA GLY A 95 -8.16 7.81 2.54
C GLY A 95 -8.47 7.45 1.09
N GLU A 96 -8.38 8.45 0.20
CA GLU A 96 -8.64 8.24 -1.21
C GLU A 96 -7.36 7.83 -1.92
N GLU A 97 -7.36 6.65 -2.52
CA GLU A 97 -6.20 6.16 -3.23
C GLU A 97 -4.93 6.45 -2.43
N CYS A 98 -5.09 6.68 -1.12
CA CYS A 98 -3.97 6.96 -0.25
C CYS A 98 -2.96 5.82 -0.33
N ASN A 99 -3.40 4.65 -0.79
CA ASN A 99 -2.53 3.50 -0.90
C ASN A 99 -1.52 3.73 -2.02
N ASP A 100 -1.96 4.37 -3.10
CA ASP A 100 -1.09 4.65 -4.23
C ASP A 100 0.15 5.39 -3.75
N VAL A 101 0.02 6.12 -2.64
CA VAL A 101 1.13 6.87 -2.09
C VAL A 101 1.78 6.10 -0.96
N LEU A 102 2.92 5.47 -1.24
CA LEU A 102 3.63 4.68 -0.25
C LEU A 102 4.79 5.50 0.31
N ILE A 103 4.74 5.79 1.62
CA ILE A 103 5.77 6.55 2.28
C ILE A 103 6.77 5.61 2.93
N PHE A 104 8.06 5.80 2.63
CA PHE A 104 9.10 4.96 3.20
C PHE A 104 10.01 5.80 4.08
N SER A 105 10.02 5.50 5.38
CA SER A 105 10.84 6.23 6.32
C SER A 105 11.57 5.26 7.24
N ALA A 106 12.87 5.45 7.42
CA ALA A 106 13.66 4.59 8.27
C ALA A 106 14.03 5.33 9.56
N ILE A 107 13.07 5.47 10.47
CA ILE A 107 13.29 6.15 11.73
C ILE A 107 13.03 5.19 12.88
N GLN A 1 -23.20 9.16 3.08
CA GLN A 1 -22.67 8.39 1.97
C GLN A 1 -21.20 8.73 1.76
N LEU A 2 -20.87 9.25 0.58
CA LEU A 2 -19.50 9.62 0.26
C LEU A 2 -18.55 8.54 0.75
N PRO A 3 -18.42 7.46 -0.02
CA PRO A 3 -17.56 6.34 0.29
C PRO A 3 -16.11 6.74 0.09
N ARG A 4 -15.22 5.74 0.01
CA ARG A 4 -13.80 5.99 -0.17
C ARG A 4 -13.30 5.22 -1.39
N LEU A 5 -12.43 5.86 -2.18
CA LEU A 5 -11.88 5.23 -3.36
C LEU A 5 -10.43 4.83 -3.11
N CYS A 6 -9.99 3.75 -3.74
CA CYS A 6 -8.63 3.27 -3.58
C CYS A 6 -8.16 2.62 -4.87
N LYS A 7 -6.85 2.54 -5.06
CA LYS A 7 -6.27 1.94 -6.25
C LYS A 7 -6.35 0.42 -6.14
N PHE A 8 -6.58 -0.25 -7.28
CA PHE A 8 -6.68 -1.69 -7.31
C PHE A 8 -5.87 -2.23 -8.49
N CYS A 9 -4.60 -2.54 -8.24
CA CYS A 9 -3.73 -3.06 -9.28
C CYS A 9 -2.95 -4.26 -8.74
N ASP A 10 -2.73 -5.27 -9.58
CA ASP A 10 -1.99 -6.44 -9.19
C ASP A 10 -0.51 -6.11 -9.01
N VAL A 11 0.26 -7.06 -8.51
CA VAL A 11 1.68 -6.86 -8.30
C VAL A 11 2.41 -6.86 -9.63
N LYS A 12 3.08 -5.75 -9.94
CA LYS A 12 3.82 -5.62 -11.18
C LYS A 12 5.17 -4.96 -10.93
N ALA A 13 6.13 -5.22 -11.81
CA ALA A 13 7.46 -4.66 -11.67
C ALA A 13 7.37 -3.14 -11.58
N THR A 14 7.55 -2.61 -10.36
CA THR A 14 7.49 -1.17 -10.15
C THR A 14 8.89 -0.59 -10.08
N THR A 15 9.04 0.68 -10.46
CA THR A 15 10.33 1.34 -10.44
C THR A 15 10.40 2.29 -9.25
N CYS A 16 9.44 2.17 -8.33
CA CYS A 16 9.40 3.02 -7.16
C CYS A 16 10.44 2.56 -6.15
N SER A 17 11.16 3.52 -5.55
CA SER A 17 12.18 3.21 -4.58
C SER A 17 11.70 3.59 -3.18
N ASN A 18 12.32 3.01 -2.16
CA ASN A 18 11.96 3.30 -0.78
C ASN A 18 12.26 4.75 -0.46
N GLN A 19 11.53 5.67 -1.09
CA GLN A 19 11.73 7.09 -0.86
C GLN A 19 10.64 7.63 0.06
N ASP A 20 10.91 8.76 0.72
CA ASP A 20 9.97 9.36 1.62
C ASP A 20 8.57 9.31 1.01
N GLN A 21 8.49 9.51 -0.30
CA GLN A 21 7.21 9.49 -0.99
C GLN A 21 7.34 8.72 -2.30
N CYS A 22 6.45 7.76 -2.51
CA CYS A 22 6.47 6.95 -3.72
C CYS A 22 5.04 6.76 -4.24
N THR A 23 4.92 6.31 -5.49
CA THR A 23 3.62 6.09 -6.09
C THR A 23 3.41 4.60 -6.34
N SER A 24 2.15 4.19 -6.46
CA SER A 24 1.82 2.80 -6.69
C SER A 24 1.95 2.49 -8.17
N ASN A 25 1.86 3.52 -9.01
CA ASN A 25 1.98 3.35 -10.45
C ASN A 25 0.73 2.68 -11.00
N CYS A 26 -0.19 2.30 -10.10
CA CYS A 26 -1.43 1.66 -10.49
C CYS A 26 -2.29 2.64 -11.28
N ASN A 27 -3.28 2.12 -12.00
CA ASN A 27 -4.17 2.94 -12.79
C ASN A 27 -5.58 2.39 -12.73
N ILE A 28 -6.02 1.98 -11.53
CA ILE A 28 -7.35 1.44 -11.33
C ILE A 28 -8.02 2.12 -10.14
N THR A 29 -9.35 2.26 -10.20
CA THR A 29 -10.09 2.89 -9.13
C THR A 29 -11.14 1.93 -8.60
N SER A 30 -10.88 1.34 -7.43
CA SER A 30 -11.81 0.41 -6.83
C SER A 30 -12.68 1.13 -5.81
N ILE A 31 -14.01 0.96 -5.94
CA ILE A 31 -14.94 1.59 -5.04
C ILE A 31 -15.12 0.74 -3.79
N CYS A 32 -15.13 1.38 -2.61
CA CYS A 32 -15.28 0.67 -1.36
C CYS A 32 -16.44 1.28 -0.57
N GLU A 33 -17.62 1.33 -1.19
CA GLU A 33 -18.80 1.88 -0.55
C GLU A 33 -19.26 0.96 0.57
N LYS A 34 -18.61 -0.20 0.69
CA LYS A 34 -18.95 -1.17 1.72
C LYS A 34 -18.38 -0.72 3.05
N ASN A 35 -17.54 0.32 3.03
CA ASN A 35 -16.93 0.84 4.24
C ASN A 35 -16.03 -0.22 4.85
N ASN A 36 -16.34 -1.49 4.62
CA ASN A 36 -15.56 -2.59 5.15
C ASN A 36 -14.33 -2.81 4.30
N GLU A 37 -13.93 -1.79 3.54
CA GLU A 37 -12.77 -1.88 2.68
C GLU A 37 -12.00 -0.57 2.72
N VAL A 38 -10.68 -0.66 2.98
CA VAL A 38 -9.83 0.51 3.04
C VAL A 38 -8.79 0.45 1.94
N CYS A 39 -8.07 1.56 1.72
CA CYS A 39 -7.05 1.62 0.70
C CYS A 39 -5.71 1.22 1.29
N ALA A 40 -5.07 0.22 0.69
CA ALA A 40 -3.78 -0.25 1.15
C ALA A 40 -2.90 -0.62 -0.04
N ALA A 41 -1.63 -0.21 0.01
CA ALA A 41 -0.70 -0.48 -1.06
C ALA A 41 0.60 -1.03 -0.49
N VAL A 42 1.07 -2.16 -1.03
CA VAL A 42 2.29 -2.78 -0.56
C VAL A 42 3.30 -2.84 -1.70
N TRP A 43 4.51 -2.32 -1.46
CA TRP A 43 5.56 -2.33 -2.46
C TRP A 43 6.69 -3.24 -2.03
N ARG A 44 6.95 -4.28 -2.81
CA ARG A 44 8.02 -5.22 -2.51
C ARG A 44 9.16 -5.04 -3.48
N ARG A 45 10.39 -5.35 -3.04
CA ARG A 45 11.56 -5.22 -3.88
C ARG A 45 12.51 -6.38 -3.62
N ASN A 46 12.59 -7.30 -4.58
CA ASN A 46 13.45 -8.47 -4.45
C ASN A 46 14.59 -8.37 -5.46
N ASP A 47 15.83 -8.58 -4.99
CA ASP A 47 17.00 -8.52 -5.84
C ASP A 47 16.86 -7.35 -6.80
N GLU A 48 16.45 -7.63 -8.04
CA GLU A 48 16.29 -6.60 -9.04
C GLU A 48 14.85 -6.58 -9.55
N ASN A 49 13.98 -7.32 -8.87
CA ASN A 49 12.58 -7.39 -9.26
C ASN A 49 11.71 -6.75 -8.18
N VAL A 50 11.33 -5.49 -8.39
CA VAL A 50 10.51 -4.76 -7.45
C VAL A 50 9.06 -4.76 -7.92
N THR A 51 8.17 -5.36 -7.12
CA THR A 51 6.76 -5.42 -7.46
C THR A 51 5.95 -4.61 -6.47
N LEU A 52 4.88 -3.97 -6.95
CA LEU A 52 4.02 -3.17 -6.10
C LEU A 52 2.57 -3.62 -6.26
N GLU A 53 1.86 -3.73 -5.13
CA GLU A 53 0.48 -4.16 -5.14
C GLU A 53 -0.39 -3.09 -4.50
N THR A 54 -1.54 -2.80 -5.12
CA THR A 54 -2.46 -1.80 -4.61
C THR A 54 -3.89 -2.29 -4.74
N ILE A 55 -4.63 -2.25 -3.63
CA ILE A 55 -6.01 -2.69 -3.61
C ILE A 55 -6.69 -2.21 -2.34
N CYS A 56 -8.01 -2.41 -2.25
CA CYS A 56 -8.77 -1.98 -1.09
C CYS A 56 -8.67 -3.04 0.01
N HIS A 57 -7.54 -3.04 0.72
CA HIS A 57 -7.32 -4.00 1.78
C HIS A 57 -7.62 -3.35 3.13
N ASP A 58 -7.98 -4.18 4.12
CA ASP A 58 -8.30 -3.69 5.44
C ASP A 58 -7.06 -3.78 6.33
N PRO A 59 -6.76 -2.70 7.06
CA PRO A 59 -5.63 -2.61 7.95
C PRO A 59 -5.91 -3.45 9.19
N GLN A 60 -6.82 -4.41 9.08
CA GLN A 60 -7.17 -5.28 10.19
C GLN A 60 -6.48 -6.63 10.03
N LYS A 61 -6.50 -7.16 8.81
CA LYS A 61 -5.88 -8.45 8.52
C LYS A 61 -4.40 -8.23 8.22
N ARG A 62 -3.59 -9.27 8.43
CA ARG A 62 -2.16 -9.21 8.18
C ARG A 62 -1.87 -9.64 6.76
N LEU A 63 -1.23 -8.77 5.99
CA LEU A 63 -0.90 -9.05 4.61
C LEU A 63 0.57 -9.44 4.50
N TYR A 64 0.85 -10.54 3.80
CA TYR A 64 2.21 -11.02 3.63
C TYR A 64 2.90 -11.10 4.98
N GLY A 65 2.10 -11.21 6.05
CA GLY A 65 2.64 -11.30 7.39
C GLY A 65 3.02 -9.92 7.90
N HIS A 66 2.40 -8.88 7.32
CA HIS A 66 2.66 -7.51 7.72
C HIS A 66 1.40 -6.88 8.28
N MET A 67 1.51 -6.27 9.46
CA MET A 67 0.38 -5.63 10.10
C MET A 67 0.43 -4.13 9.87
N LEU A 68 -0.42 -3.63 8.97
CA LEU A 68 -0.46 -2.22 8.65
C LEU A 68 -1.00 -1.44 9.85
N ASP A 69 -0.31 -0.36 10.22
CA ASP A 69 -0.71 0.45 11.35
C ASP A 69 -0.59 1.93 10.97
N ASP A 70 -1.45 2.39 10.07
CA ASP A 70 -1.44 3.78 9.63
C ASP A 70 -2.54 4.00 8.61
N SER A 71 -3.74 3.50 8.90
CA SER A 71 -4.87 3.66 7.99
C SER A 71 -5.72 4.84 8.44
N SER A 72 -5.73 5.11 9.75
CA SER A 72 -6.50 6.20 10.29
C SER A 72 -5.77 7.52 10.05
N SER A 73 -4.52 7.43 9.58
CA SER A 73 -3.73 8.61 9.32
C SER A 73 -4.05 9.15 7.93
N GLU A 74 -3.87 10.46 7.74
CA GLU A 74 -4.16 11.09 6.47
C GLU A 74 -3.14 10.63 5.43
N GLN A 75 -1.87 10.50 5.84
CA GLN A 75 -0.82 10.07 4.96
C GLN A 75 -0.46 8.62 5.23
N CYS A 76 -0.32 7.83 4.16
CA CYS A 76 0.02 6.42 4.30
C CYS A 76 1.53 6.25 4.27
N VAL A 77 2.07 5.55 5.26
CA VAL A 77 3.50 5.31 5.35
C VAL A 77 3.79 3.84 5.12
N MET A 78 4.87 3.55 4.39
CA MET A 78 5.25 2.18 4.10
C MET A 78 6.09 1.62 5.24
N LYS A 79 5.60 0.55 5.87
CA LYS A 79 6.32 -0.07 6.97
C LYS A 79 7.21 -1.18 6.45
N GLU A 80 8.29 -1.48 7.17
CA GLU A 80 9.21 -2.53 6.78
C GLU A 80 8.98 -3.77 7.63
N LYS A 81 8.52 -4.84 6.99
CA LYS A 81 8.26 -6.09 7.69
C LYS A 81 9.32 -7.12 7.32
N LYS A 82 9.50 -8.12 8.19
CA LYS A 82 10.47 -9.17 7.94
C LYS A 82 10.22 -9.80 6.57
N ASP A 83 11.06 -9.45 5.60
CA ASP A 83 10.92 -9.98 4.25
C ASP A 83 12.23 -10.65 3.84
N ASP A 84 12.20 -11.98 3.70
CA ASP A 84 13.38 -12.73 3.31
C ASP A 84 13.39 -12.90 1.80
N GLY A 85 14.52 -12.54 1.17
CA GLY A 85 14.66 -12.65 -0.27
C GLY A 85 14.38 -11.32 -0.94
N GLY A 86 13.85 -10.37 -0.17
CA GLY A 86 13.53 -9.06 -0.69
C GLY A 86 12.81 -8.23 0.36
N LEU A 87 12.64 -6.93 0.09
CA LEU A 87 11.97 -6.04 1.02
C LEU A 87 10.52 -5.87 0.61
N MET A 88 9.60 -5.94 1.59
CA MET A 88 8.19 -5.80 1.32
C MET A 88 7.58 -4.77 2.26
N PHE A 89 7.07 -3.68 1.69
CA PHE A 89 6.46 -2.63 2.48
C PHE A 89 4.98 -2.52 2.14
N MET A 90 4.13 -2.48 3.18
CA MET A 90 2.70 -2.39 2.99
C MET A 90 2.14 -1.28 3.86
N CYS A 91 1.16 -0.54 3.34
CA CYS A 91 0.54 0.55 4.06
C CYS A 91 -0.95 0.59 3.75
N SER A 92 -1.74 1.14 4.69
CA SER A 92 -3.17 1.25 4.52
C SER A 92 -3.63 2.67 4.81
N CYS A 93 -4.87 2.99 4.40
CA CYS A 93 -5.42 4.31 4.62
C CYS A 93 -6.80 4.40 3.99
N THR A 94 -7.75 4.99 4.72
CA THR A 94 -9.10 5.14 4.23
C THR A 94 -9.19 6.33 3.29
N GLY A 95 -8.06 7.02 3.09
CA GLY A 95 -8.02 8.17 2.22
C GLY A 95 -8.18 7.75 0.77
N GLU A 96 -8.35 8.73 -0.13
CA GLU A 96 -8.52 8.45 -1.54
C GLU A 96 -7.18 8.11 -2.17
N GLU A 97 -7.07 6.89 -2.71
CA GLU A 97 -5.84 6.45 -3.35
C GLU A 97 -4.65 6.78 -2.46
N CYS A 98 -4.93 7.11 -1.19
CA CYS A 98 -3.88 7.45 -0.24
C CYS A 98 -2.87 6.31 -0.17
N ASN A 99 -3.34 5.08 -0.36
CA ASN A 99 -2.48 3.92 -0.31
C ASN A 99 -1.56 3.90 -1.53
N ASP A 100 -2.05 4.43 -2.65
CA ASP A 100 -1.27 4.47 -3.88
C ASP A 100 0.07 5.13 -3.61
N VAL A 101 0.10 6.10 -2.69
CA VAL A 101 1.33 6.79 -2.34
C VAL A 101 2.02 6.08 -1.19
N LEU A 102 3.07 5.31 -1.50
CA LEU A 102 3.82 4.59 -0.48
C LEU A 102 4.96 5.44 0.03
N ILE A 103 4.85 5.91 1.28
CA ILE A 103 5.88 6.73 1.88
C ILE A 103 6.90 5.85 2.58
N PHE A 104 8.16 5.93 2.15
CA PHE A 104 9.22 5.13 2.74
C PHE A 104 10.11 6.02 3.60
N SER A 105 10.11 5.78 4.92
CA SER A 105 10.91 6.55 5.84
C SER A 105 11.63 5.62 6.80
N ALA A 106 12.87 5.98 7.16
CA ALA A 106 13.65 5.17 8.08
C ALA A 106 14.48 6.07 8.98
N ILE A 107 14.06 7.33 9.11
CA ILE A 107 14.76 8.29 9.94
C ILE A 107 14.77 7.81 11.38
N GLN A 1 -19.52 12.02 -6.56
CA GLN A 1 -19.53 12.09 -5.11
C GLN A 1 -19.48 10.68 -4.52
N LEU A 2 -18.42 9.95 -4.85
CA LEU A 2 -18.25 8.59 -4.36
C LEU A 2 -17.80 8.62 -2.91
N PRO A 3 -18.10 7.55 -2.16
CA PRO A 3 -17.75 7.41 -0.76
C PRO A 3 -16.26 7.15 -0.63
N ARG A 4 -15.90 6.00 -0.07
CA ARG A 4 -14.50 5.64 0.11
C ARG A 4 -13.98 4.94 -1.14
N LEU A 5 -12.87 5.42 -1.68
CA LEU A 5 -12.28 4.85 -2.87
C LEU A 5 -10.83 4.44 -2.59
N CYS A 6 -10.36 3.38 -3.24
CA CYS A 6 -9.00 2.91 -3.06
C CYS A 6 -8.50 2.29 -4.36
N LYS A 7 -7.18 2.32 -4.56
CA LYS A 7 -6.58 1.77 -5.75
C LYS A 7 -6.62 0.24 -5.69
N PHE A 8 -7.04 -0.38 -6.79
CA PHE A 8 -7.12 -1.83 -6.86
C PHE A 8 -6.36 -2.34 -8.09
N CYS A 9 -5.05 -2.55 -7.93
CA CYS A 9 -4.22 -3.03 -9.01
C CYS A 9 -3.37 -4.20 -8.54
N ASP A 10 -3.11 -5.15 -9.43
CA ASP A 10 -2.31 -6.32 -9.10
C ASP A 10 -0.86 -5.90 -8.89
N VAL A 11 -0.06 -6.81 -8.32
CA VAL A 11 1.33 -6.54 -8.06
C VAL A 11 2.13 -6.68 -9.35
N LYS A 12 2.75 -5.58 -9.79
CA LYS A 12 3.53 -5.59 -11.02
C LYS A 12 4.84 -4.84 -10.80
N ALA A 13 5.82 -5.07 -11.66
CA ALA A 13 7.11 -4.41 -11.56
C ALA A 13 6.92 -2.92 -11.39
N THR A 14 7.35 -2.39 -10.25
CA THR A 14 7.23 -0.97 -9.97
C THR A 14 8.60 -0.31 -9.95
N THR A 15 8.63 1.02 -10.02
CA THR A 15 9.88 1.76 -10.01
C THR A 15 9.90 2.70 -8.82
N CYS A 16 9.06 2.43 -7.82
CA CYS A 16 9.00 3.25 -6.63
C CYS A 16 10.10 2.85 -5.66
N SER A 17 10.80 3.85 -5.11
CA SER A 17 11.88 3.59 -4.17
C SER A 17 11.45 3.97 -2.77
N ASN A 18 12.10 3.39 -1.75
CA ASN A 18 11.78 3.69 -0.37
C ASN A 18 12.12 5.14 -0.05
N GLN A 19 11.39 6.07 -0.68
CA GLN A 19 11.62 7.49 -0.46
C GLN A 19 10.50 8.06 0.39
N ASP A 20 10.74 9.24 0.97
CA ASP A 20 9.75 9.89 1.80
C ASP A 20 8.36 9.64 1.25
N GLN A 21 8.12 10.06 0.00
CA GLN A 21 6.83 9.88 -0.64
C GLN A 21 7.00 9.08 -1.91
N CYS A 22 6.11 8.10 -2.13
CA CYS A 22 6.17 7.26 -3.30
C CYS A 22 4.76 7.06 -3.86
N THR A 23 4.67 6.68 -5.14
CA THR A 23 3.39 6.46 -5.77
C THR A 23 3.23 4.99 -6.12
N SER A 24 1.98 4.50 -6.13
CA SER A 24 1.71 3.12 -6.45
C SER A 24 1.69 2.93 -7.96
N ASN A 25 1.49 4.02 -8.71
CA ASN A 25 1.47 3.97 -10.15
C ASN A 25 0.17 3.33 -10.61
N CYS A 26 -0.72 3.02 -9.67
CA CYS A 26 -1.99 2.40 -9.99
C CYS A 26 -2.85 3.38 -10.77
N ASN A 27 -3.89 2.87 -11.43
CA ASN A 27 -4.79 3.71 -12.20
C ASN A 27 -6.21 3.15 -12.14
N ILE A 28 -6.54 2.51 -11.01
CA ILE A 28 -7.86 1.93 -10.83
C ILE A 28 -8.49 2.48 -9.55
N THR A 29 -9.81 2.66 -9.55
CA THR A 29 -10.51 3.17 -8.40
C THR A 29 -11.58 2.18 -7.96
N SER A 30 -11.29 1.42 -6.91
CA SER A 30 -12.23 0.45 -6.39
C SER A 30 -13.02 1.03 -5.24
N ILE A 31 -14.34 0.89 -5.27
CA ILE A 31 -15.22 1.41 -4.25
C ILE A 31 -15.23 0.46 -3.05
N CYS A 32 -15.14 1.01 -1.85
CA CYS A 32 -15.14 0.22 -0.63
C CYS A 32 -16.23 0.71 0.31
N GLU A 33 -17.40 1.01 -0.25
CA GLU A 33 -18.51 1.49 0.55
C GLU A 33 -19.38 0.32 0.99
N LYS A 34 -19.09 -0.87 0.45
CA LYS A 34 -19.85 -2.06 0.80
C LYS A 34 -19.36 -2.61 2.13
N ASN A 35 -18.65 -1.79 2.90
CA ASN A 35 -18.14 -2.19 4.19
C ASN A 35 -17.11 -1.18 4.68
N ASN A 36 -16.50 -1.46 5.82
CA ASN A 36 -15.50 -0.58 6.40
C ASN A 36 -14.16 -0.81 5.72
N GLU A 37 -14.18 -1.39 4.52
CA GLU A 37 -12.97 -1.66 3.77
C GLU A 37 -12.07 -0.44 3.79
N VAL A 38 -10.78 -0.64 3.47
CA VAL A 38 -9.82 0.43 3.46
C VAL A 38 -8.83 0.23 2.32
N CYS A 39 -8.05 1.26 2.02
CA CYS A 39 -7.06 1.18 0.95
C CYS A 39 -5.73 0.73 1.52
N ALA A 40 -5.18 -0.35 0.95
CA ALA A 40 -3.91 -0.89 1.40
C ALA A 40 -2.97 -1.06 0.22
N ALA A 41 -1.75 -0.55 0.35
CA ALA A 41 -0.77 -0.64 -0.71
C ALA A 41 0.55 -1.15 -0.15
N VAL A 42 1.03 -2.28 -0.68
CA VAL A 42 2.28 -2.86 -0.23
C VAL A 42 3.30 -2.85 -1.36
N TRP A 43 4.47 -2.24 -1.12
CA TRP A 43 5.51 -2.17 -2.12
C TRP A 43 6.61 -3.16 -1.79
N ARG A 44 6.85 -4.12 -2.68
CA ARG A 44 7.88 -5.12 -2.49
C ARG A 44 9.04 -4.86 -3.43
N ARG A 45 10.26 -5.19 -2.99
CA ARG A 45 11.44 -4.99 -3.79
C ARG A 45 12.40 -6.16 -3.60
N ASN A 46 12.51 -7.02 -4.62
CA ASN A 46 13.39 -8.16 -4.56
C ASN A 46 14.56 -7.98 -5.51
N ASP A 47 15.77 -8.24 -5.02
CA ASP A 47 16.97 -8.09 -5.83
C ASP A 47 16.86 -6.84 -6.69
N GLU A 48 16.48 -7.02 -7.96
CA GLU A 48 16.35 -5.90 -8.87
C GLU A 48 14.94 -5.88 -9.47
N ASN A 49 14.02 -6.62 -8.85
CA ASN A 49 12.66 -6.69 -9.32
C ASN A 49 11.70 -6.20 -8.23
N VAL A 50 11.30 -4.93 -8.32
CA VAL A 50 10.41 -4.33 -7.35
C VAL A 50 8.98 -4.39 -7.87
N THR A 51 8.05 -4.88 -7.04
CA THR A 51 6.66 -4.98 -7.42
C THR A 51 5.79 -4.24 -6.41
N LEU A 52 4.77 -3.53 -6.92
CA LEU A 52 3.88 -2.78 -6.07
C LEU A 52 2.45 -3.29 -6.24
N GLU A 53 1.76 -3.51 -5.12
CA GLU A 53 0.40 -4.00 -5.14
C GLU A 53 -0.52 -3.02 -4.43
N THR A 54 -1.71 -2.78 -4.99
CA THR A 54 -2.66 -1.88 -4.40
C THR A 54 -4.07 -2.47 -4.49
N ILE A 55 -4.76 -2.53 -3.35
CA ILE A 55 -6.09 -3.08 -3.29
C ILE A 55 -6.73 -2.77 -1.94
N CYS A 56 -8.04 -2.97 -1.82
CA CYS A 56 -8.75 -2.72 -0.58
C CYS A 56 -8.55 -3.89 0.37
N HIS A 57 -7.49 -3.83 1.18
CA HIS A 57 -7.20 -4.88 2.14
C HIS A 57 -7.58 -4.43 3.53
N ASP A 58 -8.03 -5.38 4.36
CA ASP A 58 -8.43 -5.08 5.72
C ASP A 58 -7.19 -4.89 6.58
N PRO A 59 -7.09 -3.74 7.25
CA PRO A 59 -5.98 -3.38 8.12
C PRO A 59 -6.07 -4.20 9.40
N GLN A 60 -6.85 -5.27 9.38
CA GLN A 60 -7.02 -6.12 10.54
C GLN A 60 -6.15 -7.36 10.39
N LYS A 61 -6.19 -7.99 9.21
CA LYS A 61 -5.42 -9.18 8.94
C LYS A 61 -4.01 -8.79 8.50
N ARG A 62 -3.06 -9.71 8.70
CA ARG A 62 -1.67 -9.47 8.34
C ARG A 62 -1.44 -9.92 6.90
N LEU A 63 -1.10 -8.98 6.02
CA LEU A 63 -0.84 -9.29 4.62
C LEU A 63 0.64 -9.62 4.43
N TYR A 64 0.91 -10.64 3.62
CA TYR A 64 2.27 -11.06 3.36
C TYR A 64 3.02 -11.24 4.67
N GLY A 65 2.28 -11.48 5.76
CA GLY A 65 2.87 -11.67 7.06
C GLY A 65 3.39 -10.35 7.61
N HIS A 66 2.83 -9.24 7.10
CA HIS A 66 3.24 -7.92 7.55
C HIS A 66 2.13 -7.29 8.36
N MET A 67 2.50 -6.36 9.26
CA MET A 67 1.53 -5.69 10.09
C MET A 67 1.19 -4.33 9.49
N LEU A 68 -0.11 -4.07 9.32
CA LEU A 68 -0.58 -2.82 8.76
C LEU A 68 -0.52 -1.72 9.82
N ASP A 69 -0.39 -0.47 9.37
CA ASP A 69 -0.32 0.66 10.27
C ASP A 69 -0.33 1.95 9.49
N ASP A 70 -0.86 3.02 10.09
CA ASP A 70 -0.93 4.31 9.43
C ASP A 70 -2.12 4.34 8.48
N SER A 71 -3.25 3.80 8.93
CA SER A 71 -4.46 3.77 8.12
C SER A 71 -5.42 4.87 8.57
N SER A 72 -4.99 5.66 9.56
CA SER A 72 -5.81 6.74 10.08
C SER A 72 -5.13 8.08 9.81
N SER A 73 -3.82 8.05 9.58
CA SER A 73 -3.07 9.26 9.30
C SER A 73 -3.31 9.71 7.87
N GLU A 74 -3.05 11.00 7.60
CA GLU A 74 -3.24 11.54 6.26
C GLU A 74 -2.22 10.94 5.31
N GLN A 75 -0.98 10.78 5.79
CA GLN A 75 0.08 10.22 4.97
C GLN A 75 0.33 8.78 5.37
N CYS A 76 -0.03 7.84 4.48
CA CYS A 76 0.15 6.43 4.74
C CYS A 76 1.64 6.09 4.70
N VAL A 77 2.12 5.44 5.76
CA VAL A 77 3.52 5.06 5.85
C VAL A 77 3.64 3.55 5.95
N MET A 78 4.52 2.96 5.14
CA MET A 78 4.72 1.52 5.15
C MET A 78 5.94 1.17 6.01
N LYS A 79 5.99 -0.07 6.48
CA LYS A 79 7.10 -0.53 7.30
C LYS A 79 7.74 -1.75 6.68
N GLU A 80 9.03 -1.97 6.96
CA GLU A 80 9.74 -3.11 6.42
C GLU A 80 9.43 -4.35 7.24
N LYS A 81 9.00 -5.41 6.57
CA LYS A 81 8.66 -6.66 7.23
C LYS A 81 9.61 -7.75 6.77
N LYS A 82 9.77 -8.79 7.60
CA LYS A 82 10.64 -9.90 7.26
C LYS A 82 10.22 -10.52 5.94
N ASP A 83 10.96 -10.22 4.88
CA ASP A 83 10.66 -10.74 3.56
C ASP A 83 11.88 -11.47 3.01
N ASP A 84 11.69 -12.71 2.59
CA ASP A 84 12.77 -13.51 2.04
C ASP A 84 12.80 -13.37 0.53
N GLY A 85 13.97 -13.04 -0.01
CA GLY A 85 14.13 -12.87 -1.44
C GLY A 85 14.05 -11.39 -1.81
N GLY A 86 13.63 -10.56 -0.86
CA GLY A 86 13.50 -9.14 -1.08
C GLY A 86 12.73 -8.48 0.06
N LEU A 87 12.57 -7.16 -0.01
CA LEU A 87 11.85 -6.43 1.00
C LEU A 87 10.42 -6.15 0.54
N MET A 88 9.46 -6.24 1.47
CA MET A 88 8.07 -6.01 1.15
C MET A 88 7.44 -5.13 2.21
N PHE A 89 6.99 -3.94 1.80
CA PHE A 89 6.36 -3.00 2.72
C PHE A 89 4.84 -2.99 2.50
N MET A 90 4.09 -2.76 3.57
CA MET A 90 2.64 -2.72 3.49
C MET A 90 2.11 -1.48 4.17
N CYS A 91 1.13 -0.82 3.55
CA CYS A 91 0.55 0.38 4.10
C CYS A 91 -0.95 0.40 3.83
N SER A 92 -1.71 1.08 4.69
CA SER A 92 -3.15 1.17 4.54
C SER A 92 -3.62 2.57 4.90
N CYS A 93 -4.87 2.88 4.54
CA CYS A 93 -5.44 4.19 4.83
C CYS A 93 -6.88 4.24 4.33
N THR A 94 -7.78 4.78 5.15
CA THR A 94 -9.17 4.90 4.77
C THR A 94 -9.36 6.02 3.75
N GLY A 95 -8.31 6.82 3.57
CA GLY A 95 -8.36 7.92 2.62
C GLY A 95 -8.66 7.41 1.23
N GLU A 96 -8.58 8.29 0.23
CA GLU A 96 -8.84 7.93 -1.14
C GLU A 96 -7.53 7.65 -1.86
N GLU A 97 -7.37 6.41 -2.35
CA GLU A 97 -6.16 6.04 -3.06
C GLU A 97 -4.94 6.41 -2.25
N CYS A 98 -5.16 6.88 -1.01
CA CYS A 98 -4.08 7.27 -0.13
C CYS A 98 -3.07 6.13 -0.01
N ASN A 99 -3.55 4.89 -0.22
CA ASN A 99 -2.68 3.73 -0.14
C ASN A 99 -1.72 3.72 -1.31
N ASP A 100 -2.20 4.08 -2.50
CA ASP A 100 -1.38 4.12 -3.68
C ASP A 100 -0.07 4.84 -3.39
N VAL A 101 -0.14 5.86 -2.55
CA VAL A 101 1.03 6.64 -2.18
C VAL A 101 1.70 6.01 -0.96
N LEU A 102 2.86 5.38 -1.19
CA LEU A 102 3.60 4.74 -0.11
C LEU A 102 4.73 5.65 0.35
N ILE A 103 4.57 6.28 1.52
CA ILE A 103 5.57 7.17 2.06
C ILE A 103 6.58 6.37 2.86
N PHE A 104 7.85 6.39 2.43
CA PHE A 104 8.89 5.67 3.11
C PHE A 104 9.71 6.63 3.96
N SER A 105 9.67 6.45 5.29
CA SER A 105 10.40 7.29 6.20
C SER A 105 11.10 6.45 7.25
N ALA A 106 12.43 6.60 7.37
CA ALA A 106 13.20 5.85 8.33
C ALA A 106 13.70 6.78 9.43
N ILE A 107 12.98 7.87 9.67
CA ILE A 107 13.35 8.84 10.68
C ILE A 107 12.92 8.32 12.06
N GLN A 1 -21.41 11.88 -2.54
CA GLN A 1 -21.38 10.81 -3.51
C GLN A 1 -19.94 10.37 -3.75
N LEU A 2 -19.02 10.83 -2.90
CA LEU A 2 -17.61 10.48 -3.03
C LEU A 2 -17.23 9.50 -1.93
N PRO A 3 -17.40 8.21 -2.20
CA PRO A 3 -17.09 7.13 -1.28
C PRO A 3 -15.58 6.99 -1.17
N ARG A 4 -15.12 5.84 -0.67
CA ARG A 4 -13.70 5.58 -0.51
C ARG A 4 -13.14 4.99 -1.79
N LEU A 5 -12.37 5.79 -2.53
CA LEU A 5 -11.76 5.34 -3.77
C LEU A 5 -10.27 5.14 -3.58
N CYS A 6 -9.76 3.98 -4.00
CA CYS A 6 -8.35 3.67 -3.87
C CYS A 6 -7.92 2.76 -5.01
N LYS A 7 -6.61 2.68 -5.27
CA LYS A 7 -6.09 1.85 -6.32
C LYS A 7 -6.21 0.39 -5.94
N PHE A 8 -6.71 -0.44 -6.87
CA PHE A 8 -6.88 -1.85 -6.63
C PHE A 8 -6.40 -2.65 -7.83
N CYS A 9 -5.11 -2.99 -7.84
CA CYS A 9 -4.53 -3.75 -8.94
C CYS A 9 -3.60 -4.81 -8.38
N ASP A 10 -3.27 -5.81 -9.21
CA ASP A 10 -2.39 -6.89 -8.79
C ASP A 10 -0.98 -6.36 -8.65
N VAL A 11 -0.10 -7.17 -8.04
CA VAL A 11 1.28 -6.79 -7.83
C VAL A 11 2.06 -6.94 -9.13
N LYS A 12 2.64 -5.83 -9.62
CA LYS A 12 3.41 -5.86 -10.84
C LYS A 12 4.70 -5.07 -10.66
N ALA A 13 5.67 -5.30 -11.54
CA ALA A 13 6.94 -4.61 -11.47
C ALA A 13 6.71 -3.11 -11.37
N THR A 14 7.07 -2.52 -10.22
CA THR A 14 6.91 -1.10 -10.00
C THR A 14 8.23 -0.38 -10.21
N THR A 15 8.18 0.95 -10.34
CA THR A 15 9.37 1.74 -10.54
C THR A 15 9.51 2.74 -9.39
N CYS A 16 8.77 2.53 -8.31
CA CYS A 16 8.82 3.41 -7.16
C CYS A 16 9.89 2.94 -6.20
N SER A 17 10.65 3.89 -5.64
CA SER A 17 11.72 3.56 -4.72
C SER A 17 11.30 3.96 -3.30
N ASN A 18 11.99 3.41 -2.30
CA ASN A 18 11.70 3.71 -0.91
C ASN A 18 12.03 5.17 -0.62
N GLN A 19 11.28 6.09 -1.25
CA GLN A 19 11.50 7.51 -1.06
C GLN A 19 10.43 8.07 -0.14
N ASP A 20 10.70 9.25 0.43
CA ASP A 20 9.75 9.90 1.33
C ASP A 20 8.33 9.65 0.84
N GLN A 21 8.03 10.11 -0.38
CA GLN A 21 6.72 9.93 -0.96
C GLN A 21 6.82 9.18 -2.27
N CYS A 22 5.97 8.15 -2.44
CA CYS A 22 5.97 7.36 -3.65
C CYS A 22 4.54 7.08 -4.09
N THR A 23 4.37 6.71 -5.35
CA THR A 23 3.04 6.43 -5.88
C THR A 23 2.94 4.95 -6.24
N SER A 24 1.71 4.45 -6.35
CA SER A 24 1.47 3.06 -6.68
C SER A 24 1.57 2.87 -8.18
N ASN A 25 1.39 3.95 -8.94
CA ASN A 25 1.46 3.90 -10.39
C ASN A 25 0.23 3.19 -10.94
N CYS A 26 -0.56 2.60 -10.05
CA CYS A 26 -1.77 1.89 -10.46
C CYS A 26 -2.79 2.89 -10.99
N ASN A 27 -3.79 2.39 -11.71
CA ASN A 27 -4.82 3.23 -12.28
C ASN A 27 -6.19 2.60 -12.06
N ILE A 28 -6.33 1.82 -10.99
CA ILE A 28 -7.58 1.15 -10.68
C ILE A 28 -8.37 1.99 -9.68
N THR A 29 -9.70 1.89 -9.73
CA THR A 29 -10.56 2.63 -8.85
C THR A 29 -11.47 1.68 -8.08
N SER A 30 -11.15 1.45 -6.80
CA SER A 30 -11.93 0.56 -5.97
C SER A 30 -12.71 1.37 -4.95
N ILE A 31 -14.00 1.07 -4.82
CA ILE A 31 -14.87 1.77 -3.88
C ILE A 31 -15.04 0.93 -2.63
N CYS A 32 -14.87 1.56 -1.46
CA CYS A 32 -15.01 0.87 -0.19
C CYS A 32 -15.47 1.85 0.88
N GLU A 33 -16.51 2.64 0.56
CA GLU A 33 -17.04 3.61 1.50
C GLU A 33 -18.00 2.93 2.47
N LYS A 34 -18.30 1.66 2.22
CA LYS A 34 -19.21 0.90 3.05
C LYS A 34 -18.51 0.50 4.35
N ASN A 35 -17.45 1.24 4.70
CA ASN A 35 -16.70 0.96 5.90
C ASN A 35 -16.50 -0.54 6.06
N ASN A 36 -16.62 -1.27 4.96
CA ASN A 36 -16.45 -2.71 4.96
C ASN A 36 -15.10 -3.08 4.37
N GLU A 37 -14.21 -2.08 4.24
CA GLU A 37 -12.89 -2.30 3.69
C GLU A 37 -12.12 -0.99 3.67
N VAL A 38 -10.82 -1.07 3.39
CA VAL A 38 -9.97 0.11 3.34
C VAL A 38 -8.93 -0.05 2.23
N CYS A 39 -8.21 1.02 1.94
CA CYS A 39 -7.19 1.00 0.90
C CYS A 39 -5.86 0.54 1.48
N ALA A 40 -5.29 -0.51 0.90
CA ALA A 40 -4.02 -1.05 1.37
C ALA A 40 -3.08 -1.23 0.19
N ALA A 41 -1.87 -0.67 0.30
CA ALA A 41 -0.88 -0.77 -0.75
C ALA A 41 0.43 -1.30 -0.18
N VAL A 42 0.90 -2.43 -0.72
CA VAL A 42 2.14 -3.02 -0.26
C VAL A 42 3.16 -3.02 -1.38
N TRP A 43 4.24 -2.25 -1.22
CA TRP A 43 5.28 -2.18 -2.22
C TRP A 43 6.50 -2.97 -1.76
N ARG A 44 6.92 -3.94 -2.58
CA ARG A 44 8.06 -4.77 -2.27
C ARG A 44 9.16 -4.55 -3.30
N ARG A 45 10.41 -4.80 -2.90
CA ARG A 45 11.54 -4.63 -3.80
C ARG A 45 12.55 -5.74 -3.56
N ASN A 46 12.65 -6.66 -4.54
CA ASN A 46 13.58 -7.77 -4.44
C ASN A 46 14.72 -7.58 -5.43
N ASP A 47 15.95 -7.72 -4.94
CA ASP A 47 17.13 -7.57 -5.79
C ASP A 47 16.94 -6.38 -6.72
N GLU A 48 16.53 -6.65 -7.95
CA GLU A 48 16.32 -5.60 -8.93
C GLU A 48 14.91 -5.70 -9.50
N ASN A 49 14.02 -6.38 -8.78
CA ASN A 49 12.65 -6.54 -9.22
C ASN A 49 11.70 -6.03 -8.14
N VAL A 50 11.23 -4.80 -8.29
CA VAL A 50 10.32 -4.20 -7.34
C VAL A 50 8.88 -4.36 -7.83
N THR A 51 8.00 -4.84 -6.96
CA THR A 51 6.61 -5.04 -7.30
C THR A 51 5.71 -4.33 -6.30
N LEU A 52 4.67 -3.67 -6.79
CA LEU A 52 3.74 -2.95 -5.93
C LEU A 52 2.34 -3.52 -6.09
N GLU A 53 1.67 -3.78 -4.97
CA GLU A 53 0.32 -4.32 -5.00
C GLU A 53 -0.65 -3.34 -4.35
N THR A 54 -1.84 -3.20 -4.94
CA THR A 54 -2.85 -2.30 -4.42
C THR A 54 -4.21 -2.98 -4.44
N ILE A 55 -4.89 -2.99 -3.29
CA ILE A 55 -6.20 -3.59 -3.18
C ILE A 55 -6.88 -3.14 -1.90
N CYS A 56 -8.18 -3.39 -1.79
CA CYS A 56 -8.93 -3.00 -0.61
C CYS A 56 -8.79 -4.08 0.46
N HIS A 57 -7.65 -4.11 1.13
CA HIS A 57 -7.39 -5.09 2.17
C HIS A 57 -7.60 -4.45 3.54
N ASP A 58 -7.95 -5.28 4.53
CA ASP A 58 -8.17 -4.80 5.88
C ASP A 58 -6.87 -4.87 6.68
N PRO A 59 -6.55 -3.78 7.39
CA PRO A 59 -5.36 -3.68 8.19
C PRO A 59 -5.50 -4.52 9.45
N GLN A 60 -6.40 -5.52 9.39
CA GLN A 60 -6.65 -6.39 10.52
C GLN A 60 -5.90 -7.71 10.32
N LYS A 61 -5.92 -8.23 9.09
CA LYS A 61 -5.24 -9.48 8.79
C LYS A 61 -3.78 -9.21 8.47
N ARG A 62 -2.95 -10.25 8.55
CA ARG A 62 -1.54 -10.12 8.28
C ARG A 62 -1.27 -10.39 6.80
N LEU A 63 -0.66 -9.42 6.13
CA LEU A 63 -0.35 -9.54 4.71
C LEU A 63 1.12 -9.89 4.53
N TYR A 64 1.39 -10.95 3.76
CA TYR A 64 2.76 -11.38 3.51
C TYR A 64 3.50 -11.51 4.84
N GLY A 65 2.76 -11.71 5.93
CA GLY A 65 3.34 -11.85 7.23
C GLY A 65 3.67 -10.48 7.82
N HIS A 66 3.00 -9.44 7.32
CA HIS A 66 3.21 -8.09 7.79
C HIS A 66 1.90 -7.48 8.25
N MET A 67 1.91 -6.87 9.44
CA MET A 67 0.72 -6.26 9.99
C MET A 67 0.79 -4.74 9.80
N LEU A 68 -0.27 -4.17 9.23
CA LEU A 68 -0.34 -2.74 8.99
C LEU A 68 -0.75 -2.02 10.27
N ASP A 69 -0.34 -0.75 10.41
CA ASP A 69 -0.67 0.03 11.58
C ASP A 69 -0.66 1.51 11.22
N ASP A 70 -1.56 1.92 10.34
CA ASP A 70 -1.65 3.30 9.91
C ASP A 70 -2.72 3.45 8.84
N SER A 71 -3.90 2.89 9.10
CA SER A 71 -5.00 2.96 8.16
C SER A 71 -5.84 4.20 8.43
N SER A 72 -5.99 4.55 9.72
CA SER A 72 -6.77 5.70 10.12
C SER A 72 -5.94 6.97 9.90
N SER A 73 -4.68 6.81 9.49
CA SER A 73 -3.81 7.93 9.25
C SER A 73 -4.16 8.59 7.93
N GLU A 74 -4.09 9.91 7.88
CA GLU A 74 -4.40 10.66 6.67
C GLU A 74 -3.33 10.42 5.62
N GLN A 75 -2.18 9.87 6.06
CA GLN A 75 -1.08 9.59 5.15
C GLN A 75 -0.55 8.20 5.41
N CYS A 76 -0.51 7.36 4.37
CA CYS A 76 -0.03 6.00 4.48
C CYS A 76 1.50 6.00 4.52
N VAL A 77 2.06 5.34 5.53
CA VAL A 77 3.50 5.26 5.69
C VAL A 77 3.98 3.84 5.40
N MET A 78 5.14 3.72 4.76
CA MET A 78 5.69 2.43 4.43
C MET A 78 6.08 1.70 5.71
N LYS A 79 6.18 0.36 5.62
CA LYS A 79 6.55 -0.45 6.76
C LYS A 79 7.47 -1.57 6.32
N GLU A 80 8.76 -1.46 6.66
CA GLU A 80 9.74 -2.47 6.30
C GLU A 80 9.61 -3.66 7.22
N LYS A 81 9.10 -4.79 6.70
CA LYS A 81 8.94 -5.99 7.49
C LYS A 81 9.95 -7.03 7.05
N LYS A 82 10.25 -7.99 7.94
CA LYS A 82 11.20 -9.04 7.64
C LYS A 82 10.82 -9.72 6.33
N ASP A 83 11.56 -9.40 5.26
CA ASP A 83 11.31 -9.97 3.96
C ASP A 83 12.57 -10.65 3.44
N ASP A 84 12.47 -11.95 3.16
CA ASP A 84 13.61 -12.71 2.66
C ASP A 84 13.60 -12.70 1.13
N GLY A 85 14.72 -12.33 0.53
CA GLY A 85 14.84 -12.29 -0.92
C GLY A 85 14.61 -10.87 -1.42
N GLY A 86 14.14 -9.99 -0.54
CA GLY A 86 13.88 -8.61 -0.90
C GLY A 86 13.12 -7.90 0.21
N LEU A 87 12.80 -6.63 0.00
CA LEU A 87 12.06 -5.85 0.97
C LEU A 87 10.61 -5.74 0.56
N MET A 88 9.70 -5.76 1.54
CA MET A 88 8.28 -5.66 1.26
C MET A 88 7.64 -4.69 2.25
N PHE A 89 7.09 -3.59 1.73
CA PHE A 89 6.45 -2.59 2.56
C PHE A 89 4.93 -2.63 2.34
N MET A 90 4.17 -2.62 3.43
CA MET A 90 2.72 -2.65 3.35
C MET A 90 2.13 -1.55 4.21
N CYS A 91 1.11 -0.86 3.67
CA CYS A 91 0.47 0.22 4.39
C CYS A 91 -1.03 0.19 4.11
N SER A 92 -1.83 0.65 5.08
CA SER A 92 -3.27 0.67 4.93
C SER A 92 -3.77 2.10 5.05
N CYS A 93 -4.99 2.36 4.55
CA CYS A 93 -5.59 3.68 4.61
C CYS A 93 -6.93 3.66 3.90
N THR A 94 -7.90 4.42 4.43
CA THR A 94 -9.22 4.49 3.84
C THR A 94 -9.36 5.77 3.04
N GLY A 95 -8.27 6.54 2.95
CA GLY A 95 -8.28 7.79 2.22
C GLY A 95 -8.37 7.52 0.73
N GLU A 96 -8.58 8.57 -0.06
CA GLU A 96 -8.68 8.44 -1.50
C GLU A 96 -7.34 8.03 -2.08
N GLU A 97 -7.31 6.87 -2.74
CA GLU A 97 -6.08 6.37 -3.34
C GLU A 97 -4.93 6.51 -2.35
N CYS A 98 -5.25 6.74 -1.08
CA CYS A 98 -4.24 6.89 -0.05
C CYS A 98 -3.24 5.75 -0.13
N ASN A 99 -3.71 4.57 -0.57
CA ASN A 99 -2.86 3.41 -0.68
C ASN A 99 -1.87 3.61 -1.83
N ASP A 100 -2.35 4.17 -2.94
CA ASP A 100 -1.51 4.42 -4.09
C ASP A 100 -0.35 5.32 -3.71
N VAL A 101 -0.38 5.85 -2.48
CA VAL A 101 0.66 6.73 -2.00
C VAL A 101 1.48 6.01 -0.93
N LEU A 102 2.65 5.51 -1.31
CA LEU A 102 3.52 4.81 -0.38
C LEU A 102 4.65 5.73 0.06
N ILE A 103 4.59 6.19 1.31
CA ILE A 103 5.60 7.07 1.85
C ILE A 103 6.68 6.25 2.55
N PHE A 104 7.93 6.38 2.07
CA PHE A 104 9.04 5.65 2.65
C PHE A 104 9.93 6.60 3.43
N SER A 105 10.01 6.40 4.75
CA SER A 105 10.83 7.24 5.60
C SER A 105 11.63 6.37 6.56
N ALA A 106 12.97 6.53 6.54
CA ALA A 106 13.84 5.76 7.41
C ALA A 106 13.64 6.18 8.85
N ILE A 107 12.41 6.60 9.18
CA ILE A 107 12.10 7.03 10.53
C ILE A 107 10.66 6.66 10.87
N GLN A 1 -19.39 6.74 -7.19
CA GLN A 1 -18.74 7.81 -6.46
C GLN A 1 -18.86 7.58 -4.96
N LEU A 2 -18.73 6.31 -4.55
CA LEU A 2 -18.82 5.96 -3.14
C LEU A 2 -17.96 6.91 -2.31
N PRO A 3 -18.26 7.00 -1.02
CA PRO A 3 -17.57 7.85 -0.07
C PRO A 3 -16.19 7.26 0.22
N ARG A 4 -15.93 6.06 -0.31
CA ARG A 4 -14.65 5.40 -0.11
C ARG A 4 -14.05 5.03 -1.45
N LEU A 5 -12.81 5.46 -1.69
CA LEU A 5 -12.12 5.17 -2.92
C LEU A 5 -10.68 4.76 -2.64
N CYS A 6 -10.22 3.71 -3.31
CA CYS A 6 -8.87 3.21 -3.13
C CYS A 6 -8.35 2.63 -4.43
N LYS A 7 -7.02 2.50 -4.54
CA LYS A 7 -6.41 1.96 -5.74
C LYS A 7 -6.44 0.44 -5.69
N PHE A 8 -7.05 -0.18 -6.72
CA PHE A 8 -7.15 -1.61 -6.79
C PHE A 8 -6.45 -2.12 -8.04
N CYS A 9 -5.11 -2.21 -7.98
CA CYS A 9 -4.33 -2.67 -9.11
C CYS A 9 -3.50 -3.88 -8.69
N ASP A 10 -3.23 -4.78 -9.64
CA ASP A 10 -2.44 -5.97 -9.37
C ASP A 10 -1.00 -5.58 -9.11
N VAL A 11 -0.22 -6.53 -8.58
CA VAL A 11 1.18 -6.28 -8.27
C VAL A 11 2.01 -6.36 -9.55
N LYS A 12 2.57 -5.23 -9.97
CA LYS A 12 3.38 -5.17 -11.17
C LYS A 12 4.73 -4.52 -10.86
N ALA A 13 5.70 -4.75 -11.74
CA ALA A 13 7.03 -4.19 -11.56
C ALA A 13 6.94 -2.69 -11.37
N THR A 14 7.27 -2.21 -10.16
CA THR A 14 7.23 -0.80 -9.86
C THR A 14 8.63 -0.24 -9.78
N THR A 15 8.81 1.01 -10.22
CA THR A 15 10.10 1.65 -10.19
C THR A 15 10.19 2.60 -9.00
N CYS A 16 9.34 2.38 -8.00
CA CYS A 16 9.32 3.21 -6.80
C CYS A 16 10.33 2.69 -5.80
N SER A 17 11.10 3.60 -5.20
CA SER A 17 12.10 3.22 -4.22
C SER A 17 11.65 3.63 -2.83
N ASN A 18 12.34 3.15 -1.80
CA ASN A 18 12.00 3.47 -0.43
C ASN A 18 12.29 4.94 -0.15
N GLN A 19 11.52 5.82 -0.82
CA GLN A 19 11.70 7.26 -0.64
C GLN A 19 10.62 7.79 0.27
N ASP A 20 10.90 8.91 0.94
CA ASP A 20 9.95 9.53 1.84
C ASP A 20 8.57 9.53 1.21
N GLN A 21 8.51 9.66 -0.12
CA GLN A 21 7.25 9.68 -0.82
C GLN A 21 7.39 8.90 -2.13
N CYS A 22 6.49 7.94 -2.36
CA CYS A 22 6.52 7.14 -3.56
C CYS A 22 5.10 6.95 -4.08
N THR A 23 4.96 6.47 -5.32
CA THR A 23 3.67 6.25 -5.92
C THR A 23 3.46 4.76 -6.16
N SER A 24 2.20 4.36 -6.32
CA SER A 24 1.86 2.96 -6.54
C SER A 24 2.06 2.62 -8.01
N ASN A 25 2.04 3.64 -8.87
CA ASN A 25 2.22 3.43 -10.29
C ASN A 25 0.97 2.79 -10.89
N CYS A 26 0.06 2.34 -10.02
CA CYS A 26 -1.16 1.71 -10.46
C CYS A 26 -2.15 2.77 -10.93
N ASN A 27 -3.17 2.35 -11.68
CA ASN A 27 -4.17 3.27 -12.18
C ASN A 27 -5.55 2.62 -12.09
N ILE A 28 -6.00 2.33 -10.86
CA ILE A 28 -7.29 1.73 -10.63
C ILE A 28 -8.03 2.48 -9.54
N THR A 29 -9.35 2.58 -9.67
CA THR A 29 -10.16 3.29 -8.69
C THR A 29 -11.26 2.35 -8.18
N SER A 30 -11.07 1.80 -6.98
CA SER A 30 -12.04 0.92 -6.38
C SER A 30 -12.81 1.64 -5.28
N ILE A 31 -14.14 1.52 -5.31
CA ILE A 31 -14.99 2.16 -4.32
C ILE A 31 -15.36 1.16 -3.24
N CYS A 32 -15.30 1.60 -1.98
CA CYS A 32 -15.62 0.75 -0.86
C CYS A 32 -16.71 1.40 0.00
N GLU A 33 -17.93 1.46 -0.54
CA GLU A 33 -19.05 2.06 0.17
C GLU A 33 -19.43 1.19 1.37
N LYS A 34 -18.80 0.02 1.47
CA LYS A 34 -19.07 -0.89 2.57
C LYS A 34 -18.41 -0.39 3.84
N ASN A 35 -17.56 0.62 3.71
CA ASN A 35 -16.86 1.19 4.86
C ASN A 35 -15.93 0.16 5.47
N ASN A 36 -16.29 -1.12 5.33
CA ASN A 36 -15.49 -2.20 5.85
C ASN A 36 -14.33 -2.51 4.91
N GLU A 37 -13.97 -1.53 4.07
CA GLU A 37 -12.89 -1.69 3.13
C GLU A 37 -12.05 -0.42 3.08
N VAL A 38 -10.74 -0.57 3.30
CA VAL A 38 -9.83 0.56 3.28
C VAL A 38 -8.83 0.40 2.14
N CYS A 39 -8.06 1.45 1.86
CA CYS A 39 -7.07 1.42 0.81
C CYS A 39 -5.75 0.92 1.36
N ALA A 40 -5.22 -0.15 0.76
CA ALA A 40 -3.96 -0.72 1.19
C ALA A 40 -3.02 -0.85 0.01
N ALA A 41 -1.78 -0.38 0.18
CA ALA A 41 -0.79 -0.44 -0.88
C ALA A 41 0.51 -1.03 -0.34
N VAL A 42 0.88 -2.21 -0.83
CA VAL A 42 2.08 -2.88 -0.40
C VAL A 42 3.11 -2.88 -1.53
N TRP A 43 4.26 -2.25 -1.29
CA TRP A 43 5.31 -2.20 -2.30
C TRP A 43 6.49 -3.07 -1.87
N ARG A 44 6.81 -4.06 -2.71
CA ARG A 44 7.90 -4.97 -2.42
C ARG A 44 9.05 -4.73 -3.40
N ARG A 45 10.27 -5.06 -2.98
CA ARG A 45 11.44 -4.88 -3.82
C ARG A 45 12.39 -6.04 -3.63
N ASN A 46 12.50 -6.90 -4.64
CA ASN A 46 13.37 -8.06 -4.58
C ASN A 46 14.54 -7.87 -5.55
N ASP A 47 15.76 -8.06 -5.04
CA ASP A 47 16.95 -7.92 -5.86
C ASP A 47 16.81 -6.69 -6.75
N GLU A 48 16.42 -6.89 -8.01
CA GLU A 48 16.26 -5.80 -8.94
C GLU A 48 14.86 -5.82 -9.54
N ASN A 49 13.93 -6.48 -8.84
CA ASN A 49 12.56 -6.57 -9.30
C ASN A 49 11.61 -6.09 -8.21
N VAL A 50 11.19 -4.82 -8.31
CA VAL A 50 10.29 -4.23 -7.35
C VAL A 50 8.86 -4.30 -7.87
N THR A 51 7.94 -4.77 -7.02
CA THR A 51 6.54 -4.88 -7.40
C THR A 51 5.67 -4.17 -6.38
N LEU A 52 4.64 -3.46 -6.85
CA LEU A 52 3.73 -2.75 -5.97
C LEU A 52 2.31 -3.22 -6.22
N GLU A 53 1.58 -3.49 -5.13
CA GLU A 53 0.20 -3.95 -5.23
C GLU A 53 -0.72 -2.98 -4.52
N THR A 54 -1.89 -2.72 -5.10
CA THR A 54 -2.85 -1.80 -4.52
C THR A 54 -4.25 -2.41 -4.59
N ILE A 55 -4.97 -2.39 -3.46
CA ILE A 55 -6.31 -2.94 -3.41
C ILE A 55 -6.98 -2.51 -2.11
N CYS A 56 -8.32 -2.57 -2.08
CA CYS A 56 -9.07 -2.18 -0.90
C CYS A 56 -8.96 -3.29 0.16
N HIS A 57 -7.85 -3.30 0.89
CA HIS A 57 -7.63 -4.28 1.92
C HIS A 57 -7.84 -3.67 3.29
N ASP A 58 -8.36 -4.46 4.23
CA ASP A 58 -8.61 -3.98 5.58
C ASP A 58 -7.30 -4.01 6.38
N PRO A 59 -7.01 -2.93 7.09
CA PRO A 59 -5.83 -2.78 7.91
C PRO A 59 -5.97 -3.63 9.16
N GLN A 60 -6.90 -4.60 9.12
CA GLN A 60 -7.12 -5.47 10.25
C GLN A 60 -6.44 -6.81 10.01
N LYS A 61 -6.47 -7.28 8.77
CA LYS A 61 -5.85 -8.54 8.41
C LYS A 61 -4.37 -8.33 8.13
N ARG A 62 -3.58 -9.42 8.21
CA ARG A 62 -2.16 -9.34 7.98
C ARG A 62 -1.87 -9.59 6.50
N LEU A 63 -1.15 -8.67 5.87
CA LEU A 63 -0.81 -8.78 4.46
C LEU A 63 0.62 -9.27 4.33
N TYR A 64 0.83 -10.28 3.48
CA TYR A 64 2.15 -10.84 3.25
C TYR A 64 2.80 -11.16 4.58
N GLY A 65 1.99 -11.35 5.62
CA GLY A 65 2.49 -11.67 6.95
C GLY A 65 2.96 -10.40 7.65
N HIS A 66 2.44 -9.25 7.21
CA HIS A 66 2.81 -7.97 7.79
C HIS A 66 1.56 -7.27 8.33
N MET A 67 1.76 -6.40 9.33
CA MET A 67 0.65 -5.68 9.93
C MET A 67 0.88 -4.18 9.77
N LEU A 68 -0.12 -3.48 9.23
CA LEU A 68 -0.03 -2.05 9.03
C LEU A 68 -0.02 -1.34 10.37
N ASP A 69 1.00 -0.50 10.60
CA ASP A 69 1.12 0.23 11.84
C ASP A 69 -0.23 0.80 12.25
N ASP A 70 -0.74 1.75 11.45
CA ASP A 70 -2.03 2.36 11.73
C ASP A 70 -2.50 3.13 10.50
N SER A 71 -3.26 2.45 9.64
CA SER A 71 -3.78 3.06 8.43
C SER A 71 -4.77 4.15 8.80
N SER A 72 -4.96 4.39 10.09
CA SER A 72 -5.88 5.40 10.58
C SER A 72 -5.28 6.78 10.35
N SER A 73 -4.04 6.83 9.87
CA SER A 73 -3.37 8.09 9.61
C SER A 73 -3.73 8.59 8.23
N GLU A 74 -3.77 9.93 8.07
CA GLU A 74 -4.10 10.53 6.79
C GLU A 74 -2.94 10.35 5.82
N GLN A 75 -1.82 9.83 6.31
CA GLN A 75 -0.64 9.62 5.49
C GLN A 75 -0.20 8.16 5.58
N CYS A 76 -0.16 7.47 4.43
CA CYS A 76 0.23 6.09 4.39
C CYS A 76 1.74 5.98 4.48
N VAL A 77 2.23 5.16 5.42
CA VAL A 77 3.66 4.98 5.61
C VAL A 77 4.04 3.55 5.24
N MET A 78 5.21 3.39 4.60
CA MET A 78 5.68 2.08 4.21
C MET A 78 6.56 1.49 5.29
N LYS A 79 6.17 0.32 5.81
CA LYS A 79 6.92 -0.34 6.86
C LYS A 79 7.65 -1.55 6.29
N GLU A 80 8.93 -1.69 6.64
CA GLU A 80 9.73 -2.80 6.17
C GLU A 80 9.56 -4.00 7.09
N LYS A 81 8.92 -5.06 6.57
CA LYS A 81 8.70 -6.26 7.36
C LYS A 81 9.66 -7.36 6.90
N LYS A 82 9.93 -8.32 7.78
CA LYS A 82 10.82 -9.42 7.46
C LYS A 82 10.38 -10.09 6.17
N ASP A 83 11.08 -9.78 5.07
CA ASP A 83 10.75 -10.35 3.78
C ASP A 83 11.99 -11.04 3.20
N ASP A 84 11.84 -12.31 2.82
CA ASP A 84 12.93 -13.08 2.26
C ASP A 84 12.90 -12.98 0.74
N GLY A 85 14.04 -12.64 0.14
CA GLY A 85 14.14 -12.51 -1.30
C GLY A 85 13.99 -11.06 -1.72
N GLY A 86 13.58 -10.21 -0.77
CA GLY A 86 13.40 -8.80 -1.03
C GLY A 86 12.56 -8.16 0.05
N LEU A 87 12.59 -6.82 0.12
CA LEU A 87 11.82 -6.09 1.12
C LEU A 87 10.40 -5.87 0.62
N MET A 88 9.44 -5.93 1.54
CA MET A 88 8.04 -5.74 1.19
C MET A 88 7.39 -4.81 2.19
N PHE A 89 6.91 -3.66 1.72
CA PHE A 89 6.26 -2.69 2.58
C PHE A 89 4.76 -2.67 2.29
N MET A 90 3.96 -2.69 3.36
CA MET A 90 2.50 -2.68 3.22
C MET A 90 1.90 -1.60 4.10
N CYS A 91 1.07 -0.74 3.51
CA CYS A 91 0.43 0.33 4.25
C CYS A 91 -0.98 0.55 3.72
N SER A 92 -1.89 1.00 4.59
CA SER A 92 -3.26 1.24 4.22
C SER A 92 -3.68 2.63 4.67
N CYS A 93 -4.90 3.04 4.29
CA CYS A 93 -5.42 4.33 4.67
C CYS A 93 -6.88 4.45 4.23
N THR A 94 -7.72 5.01 5.11
CA THR A 94 -9.12 5.18 4.81
C THR A 94 -9.33 6.39 3.92
N GLY A 95 -8.22 7.04 3.53
CA GLY A 95 -8.29 8.21 2.68
C GLY A 95 -8.69 7.82 1.27
N GLU A 96 -8.40 8.70 0.31
CA GLU A 96 -8.73 8.44 -1.08
C GLU A 96 -7.47 8.11 -1.87
N GLU A 97 -7.41 6.91 -2.45
CA GLU A 97 -6.26 6.49 -3.23
C GLU A 97 -4.98 6.86 -2.49
N CYS A 98 -5.09 7.10 -1.18
CA CYS A 98 -3.94 7.45 -0.38
C CYS A 98 -2.92 6.32 -0.40
N ASN A 99 -3.37 5.12 -0.75
CA ASN A 99 -2.50 3.97 -0.81
C ASN A 99 -1.53 4.10 -1.97
N ASP A 100 -1.95 4.81 -3.02
CA ASP A 100 -1.12 5.02 -4.19
C ASP A 100 0.17 5.71 -3.79
N VAL A 101 0.13 6.45 -2.68
CA VAL A 101 1.30 7.16 -2.18
C VAL A 101 1.94 6.38 -1.04
N LEU A 102 3.04 5.69 -1.33
CA LEU A 102 3.74 4.91 -0.33
C LEU A 102 4.94 5.69 0.19
N ILE A 103 4.81 6.25 1.40
CA ILE A 103 5.88 7.01 2.00
C ILE A 103 6.86 6.08 2.69
N PHE A 104 8.14 6.17 2.33
CA PHE A 104 9.17 5.34 2.91
C PHE A 104 10.10 6.18 3.78
N SER A 105 10.10 5.90 5.08
CA SER A 105 10.93 6.64 6.02
C SER A 105 11.62 5.67 6.96
N ALA A 106 12.97 5.67 6.93
CA ALA A 106 13.74 4.78 7.79
C ALA A 106 13.77 5.33 9.20
N ILE A 107 13.34 6.59 9.37
CA ILE A 107 13.31 7.22 10.68
C ILE A 107 12.08 6.75 11.45
N GLN A 1 -21.41 2.78 -5.30
CA GLN A 1 -22.06 3.94 -5.86
C GLN A 1 -21.14 5.15 -5.73
N LEU A 2 -20.52 5.31 -4.57
CA LEU A 2 -19.62 6.43 -4.33
C LEU A 2 -19.22 6.46 -2.86
N PRO A 3 -18.91 5.28 -2.30
CA PRO A 3 -18.49 5.11 -0.93
C PRO A 3 -17.09 5.65 -0.74
N ARG A 4 -16.13 4.76 -0.49
CA ARG A 4 -14.75 5.15 -0.30
C ARG A 4 -13.95 4.87 -1.56
N LEU A 5 -13.24 5.89 -2.06
CA LEU A 5 -12.44 5.76 -3.25
C LEU A 5 -11.02 5.37 -2.88
N CYS A 6 -10.52 4.28 -3.48
CA CYS A 6 -9.17 3.81 -3.21
C CYS A 6 -8.61 3.14 -4.45
N LYS A 7 -7.28 3.19 -4.60
CA LYS A 7 -6.63 2.58 -5.74
C LYS A 7 -6.73 1.07 -5.66
N PHE A 8 -6.79 0.41 -6.83
CA PHE A 8 -6.89 -1.04 -6.88
C PHE A 8 -6.16 -1.56 -8.11
N CYS A 9 -4.91 -1.96 -7.92
CA CYS A 9 -4.10 -2.48 -9.01
C CYS A 9 -3.33 -3.71 -8.55
N ASP A 10 -3.13 -4.68 -9.45
CA ASP A 10 -2.42 -5.89 -9.13
C ASP A 10 -0.94 -5.59 -8.93
N VAL A 11 -0.20 -6.54 -8.36
CA VAL A 11 1.21 -6.37 -8.12
C VAL A 11 1.99 -6.57 -9.42
N LYS A 12 2.67 -5.52 -9.88
CA LYS A 12 3.44 -5.60 -11.10
C LYS A 12 4.79 -4.92 -10.90
N ALA A 13 5.75 -5.23 -11.79
CA ALA A 13 7.08 -4.66 -11.70
C ALA A 13 6.97 -3.15 -11.54
N THR A 14 7.59 -2.62 -10.48
CA THR A 14 7.57 -1.19 -10.22
C THR A 14 8.99 -0.66 -10.12
N THR A 15 9.13 0.67 -10.19
CA THR A 15 10.44 1.30 -10.11
C THR A 15 10.49 2.23 -8.91
N CYS A 16 9.59 2.02 -7.95
CA CYS A 16 9.53 2.85 -6.76
C CYS A 16 10.59 2.39 -5.77
N SER A 17 11.29 3.34 -5.16
CA SER A 17 12.33 3.03 -4.20
C SER A 17 11.86 3.38 -2.79
N ASN A 18 12.48 2.77 -1.78
CA ASN A 18 12.11 3.03 -0.41
C ASN A 18 12.45 4.46 -0.03
N GLN A 19 11.75 5.42 -0.63
CA GLN A 19 11.97 6.82 -0.37
C GLN A 19 10.88 7.36 0.54
N ASP A 20 11.21 8.40 1.32
CA ASP A 20 10.25 9.00 2.22
C ASP A 20 8.89 9.11 1.55
N GLN A 21 8.89 9.25 0.22
CA GLN A 21 7.67 9.37 -0.54
C GLN A 21 7.78 8.60 -1.85
N CYS A 22 6.84 7.71 -2.11
CA CYS A 22 6.83 6.92 -3.32
C CYS A 22 5.43 6.82 -3.87
N THR A 23 5.31 6.46 -5.15
CA THR A 23 4.02 6.34 -5.79
C THR A 23 3.76 4.89 -6.17
N SER A 24 2.49 4.49 -6.17
CA SER A 24 2.11 3.13 -6.50
C SER A 24 2.04 2.97 -8.01
N ASN A 25 1.88 4.08 -8.72
CA ASN A 25 1.81 4.07 -10.17
C ASN A 25 0.46 3.51 -10.62
N CYS A 26 -0.44 3.29 -9.65
CA CYS A 26 -1.76 2.75 -9.93
C CYS A 26 -2.55 3.77 -10.74
N ASN A 27 -3.64 3.32 -11.37
CA ASN A 27 -4.48 4.20 -12.16
C ASN A 27 -5.92 3.69 -12.14
N ILE A 28 -6.31 3.04 -11.04
CA ILE A 28 -7.64 2.51 -10.90
C ILE A 28 -8.30 3.09 -9.66
N THR A 29 -9.63 3.23 -9.69
CA THR A 29 -10.37 3.77 -8.57
C THR A 29 -11.43 2.78 -8.11
N SER A 30 -11.14 2.07 -7.01
CA SER A 30 -12.07 1.10 -6.48
C SER A 30 -12.88 1.72 -5.34
N ILE A 31 -14.20 1.54 -5.38
CA ILE A 31 -15.07 2.08 -4.36
C ILE A 31 -15.27 1.05 -3.26
N CYS A 32 -14.81 1.36 -2.06
CA CYS A 32 -14.94 0.46 -0.92
C CYS A 32 -16.28 0.67 -0.24
N GLU A 33 -17.33 0.05 -0.79
CA GLU A 33 -18.66 0.19 -0.24
C GLU A 33 -18.75 -0.55 1.10
N LYS A 34 -17.65 -1.21 1.48
CA LYS A 34 -17.60 -1.93 2.73
C LYS A 34 -17.49 -0.96 3.89
N ASN A 35 -17.24 0.32 3.58
CA ASN A 35 -17.13 1.33 4.60
C ASN A 35 -15.89 1.07 5.45
N ASN A 36 -15.80 -0.13 6.03
CA ASN A 36 -14.67 -0.50 6.85
C ASN A 36 -13.48 -0.87 5.98
N GLU A 37 -13.49 -0.41 4.73
CA GLU A 37 -12.43 -0.69 3.80
C GLU A 37 -11.63 0.58 3.52
N VAL A 38 -10.30 0.51 3.68
CA VAL A 38 -9.44 1.64 3.44
C VAL A 38 -8.49 1.33 2.29
N CYS A 39 -7.79 2.36 1.80
CA CYS A 39 -6.84 2.19 0.71
C CYS A 39 -5.47 1.88 1.27
N ALA A 40 -4.88 0.76 0.83
CA ALA A 40 -3.56 0.35 1.28
C ALA A 40 -2.73 -0.13 0.10
N ALA A 41 -1.47 0.30 0.05
CA ALA A 41 -0.58 -0.08 -1.03
C ALA A 41 0.69 -0.68 -0.46
N VAL A 42 1.11 -1.83 -0.99
CA VAL A 42 2.31 -2.51 -0.54
C VAL A 42 3.34 -2.53 -1.66
N TRP A 43 4.57 -2.12 -1.35
CA TRP A 43 5.64 -2.10 -2.33
C TRP A 43 6.67 -3.16 -1.98
N ARG A 44 6.85 -4.13 -2.88
CA ARG A 44 7.82 -5.20 -2.66
C ARG A 44 9.01 -5.01 -3.59
N ARG A 45 10.19 -5.42 -3.13
CA ARG A 45 11.40 -5.30 -3.91
C ARG A 45 12.28 -6.53 -3.70
N ASN A 46 12.39 -7.37 -4.73
CA ASN A 46 13.19 -8.57 -4.65
C ASN A 46 14.43 -8.43 -5.54
N ASP A 47 15.62 -8.56 -4.93
CA ASP A 47 16.86 -8.44 -5.66
C ASP A 47 16.82 -7.20 -6.54
N GLU A 48 16.58 -7.41 -7.84
CA GLU A 48 16.52 -6.31 -8.79
C GLU A 48 15.11 -6.20 -9.36
N ASN A 49 14.17 -6.96 -8.79
CA ASN A 49 12.80 -6.93 -9.25
C ASN A 49 11.90 -6.39 -8.15
N VAL A 50 11.24 -5.26 -8.41
CA VAL A 50 10.35 -4.65 -7.44
C VAL A 50 8.93 -4.65 -7.98
N THR A 51 7.97 -4.96 -7.12
CA THR A 51 6.57 -4.99 -7.52
C THR A 51 5.77 -4.01 -6.67
N LEU A 52 4.66 -3.52 -7.22
CA LEU A 52 3.81 -2.57 -6.52
C LEU A 52 2.37 -3.05 -6.56
N GLU A 53 1.76 -3.24 -5.39
CA GLU A 53 0.39 -3.70 -5.30
C GLU A 53 -0.44 -2.69 -4.52
N THR A 54 -1.61 -2.34 -5.04
CA THR A 54 -2.49 -1.39 -4.40
C THR A 54 -3.93 -1.90 -4.42
N ILE A 55 -4.60 -1.85 -3.27
CA ILE A 55 -5.97 -2.30 -3.16
C ILE A 55 -6.56 -1.86 -1.84
N CYS A 56 -7.89 -1.93 -1.73
CA CYS A 56 -8.58 -1.53 -0.50
C CYS A 56 -8.51 -2.66 0.51
N HIS A 57 -7.46 -2.67 1.33
CA HIS A 57 -7.30 -3.70 2.34
C HIS A 57 -7.49 -3.11 3.72
N ASP A 58 -8.00 -3.92 4.65
CA ASP A 58 -8.23 -3.48 6.02
C ASP A 58 -6.95 -3.63 6.83
N PRO A 59 -6.59 -2.59 7.59
CA PRO A 59 -5.41 -2.55 8.42
C PRO A 59 -5.62 -3.45 9.64
N GLN A 60 -6.50 -4.45 9.50
CA GLN A 60 -6.79 -5.38 10.58
C GLN A 60 -6.03 -6.66 10.37
N LYS A 61 -6.24 -7.30 9.21
CA LYS A 61 -5.57 -8.55 8.89
C LYS A 61 -4.20 -8.27 8.28
N ARG A 62 -3.20 -9.05 8.70
CA ARG A 62 -1.85 -8.88 8.20
C ARG A 62 -1.66 -9.69 6.93
N LEU A 63 -1.33 -9.03 5.82
CA LEU A 63 -1.12 -9.69 4.55
C LEU A 63 0.38 -9.89 4.32
N TYR A 64 0.72 -10.94 3.58
CA TYR A 64 2.11 -11.24 3.28
C TYR A 64 2.93 -11.25 4.56
N GLY A 65 2.25 -11.44 5.70
CA GLY A 65 2.91 -11.47 6.99
C GLY A 65 3.32 -10.08 7.40
N HIS A 66 2.67 -9.06 6.83
CA HIS A 66 2.97 -7.68 7.13
C HIS A 66 1.72 -6.97 7.65
N MET A 67 1.88 -6.20 8.72
CA MET A 67 0.76 -5.47 9.32
C MET A 67 1.06 -3.98 9.31
N LEU A 68 0.13 -3.19 8.79
CA LEU A 68 0.29 -1.74 8.73
C LEU A 68 -0.62 -1.09 9.75
N ASP A 69 -0.09 -0.10 10.48
CA ASP A 69 -0.87 0.61 11.48
C ASP A 69 -0.71 2.11 11.29
N ASP A 70 -1.57 2.69 10.43
CA ASP A 70 -1.53 4.12 10.16
C ASP A 70 -2.55 4.45 9.09
N SER A 71 -3.75 3.86 9.18
CA SER A 71 -4.80 4.11 8.21
C SER A 71 -5.63 5.30 8.66
N SER A 72 -5.67 5.55 9.97
CA SER A 72 -6.42 6.65 10.51
C SER A 72 -5.69 7.96 10.25
N SER A 73 -4.49 7.87 9.66
CA SER A 73 -3.70 9.04 9.35
C SER A 73 -3.99 9.49 7.92
N GLU A 74 -3.80 10.79 7.66
CA GLU A 74 -4.04 11.34 6.34
C GLU A 74 -2.98 10.84 5.37
N GLN A 75 -1.73 10.76 5.84
CA GLN A 75 -0.63 10.30 5.01
C GLN A 75 -0.37 8.82 5.29
N CYS A 76 -0.16 8.05 4.22
CA CYS A 76 0.10 6.62 4.35
C CYS A 76 1.61 6.40 4.41
N VAL A 77 2.06 5.66 5.44
CA VAL A 77 3.46 5.36 5.62
C VAL A 77 3.70 3.87 5.46
N MET A 78 4.81 3.51 4.81
CA MET A 78 5.14 2.11 4.60
C MET A 78 6.08 1.63 5.69
N LYS A 79 6.07 0.32 5.95
CA LYS A 79 6.92 -0.26 6.97
C LYS A 79 7.64 -1.48 6.41
N GLU A 80 8.96 -1.53 6.56
CA GLU A 80 9.76 -2.63 6.08
C GLU A 80 9.44 -3.88 6.89
N LYS A 81 9.04 -4.95 6.19
CA LYS A 81 8.71 -6.21 6.85
C LYS A 81 9.70 -7.29 6.42
N LYS A 82 10.03 -8.20 7.34
CA LYS A 82 10.95 -9.27 7.05
C LYS A 82 10.41 -10.14 5.94
N ASP A 83 10.96 -9.98 4.74
CA ASP A 83 10.52 -10.76 3.58
C ASP A 83 11.71 -11.50 2.98
N ASP A 84 11.50 -12.77 2.65
CA ASP A 84 12.55 -13.59 2.07
C ASP A 84 12.49 -13.51 0.56
N GLY A 85 13.63 -13.21 -0.09
CA GLY A 85 13.69 -13.11 -1.53
C GLY A 85 13.58 -11.66 -1.96
N GLY A 86 13.22 -10.78 -1.02
CA GLY A 86 13.08 -9.37 -1.31
C GLY A 86 12.31 -8.67 -0.20
N LEU A 87 12.42 -7.35 -0.13
CA LEU A 87 11.73 -6.57 0.89
C LEU A 87 10.30 -6.27 0.43
N MET A 88 9.37 -6.25 1.38
CA MET A 88 7.98 -5.98 1.06
C MET A 88 7.43 -4.93 2.02
N PHE A 89 7.02 -3.78 1.49
CA PHE A 89 6.48 -2.71 2.30
C PHE A 89 4.97 -2.64 2.12
N MET A 90 4.24 -2.36 3.20
CA MET A 90 2.80 -2.27 3.15
C MET A 90 2.33 -1.00 3.84
N CYS A 91 1.33 -0.33 3.27
CA CYS A 91 0.80 0.89 3.83
C CYS A 91 -0.71 0.93 3.65
N SER A 92 -1.41 1.58 4.58
CA SER A 92 -2.85 1.69 4.52
C SER A 92 -3.28 3.11 4.84
N CYS A 93 -4.51 3.46 4.47
CA CYS A 93 -5.04 4.79 4.72
C CYS A 93 -6.43 4.92 4.11
N THR A 94 -7.35 5.54 4.84
CA THR A 94 -8.71 5.72 4.37
C THR A 94 -8.77 6.92 3.43
N GLY A 95 -7.66 7.64 3.30
CA GLY A 95 -7.60 8.80 2.43
C GLY A 95 -7.89 8.39 0.99
N GLU A 96 -8.21 9.38 0.15
CA GLU A 96 -8.52 9.14 -1.24
C GLU A 96 -7.26 8.65 -1.96
N GLU A 97 -7.30 7.43 -2.49
CA GLU A 97 -6.17 6.86 -3.20
C GLU A 97 -4.88 7.23 -2.48
N CYS A 98 -4.97 7.51 -1.17
CA CYS A 98 -3.81 7.87 -0.39
C CYS A 98 -2.87 6.68 -0.29
N ASN A 99 -3.29 5.53 -0.84
CA ASN A 99 -2.48 4.33 -0.81
C ASN A 99 -1.44 4.38 -1.92
N ASP A 100 -1.78 5.06 -3.02
CA ASP A 100 -0.87 5.18 -4.14
C ASP A 100 0.44 5.82 -3.71
N VAL A 101 0.42 6.46 -2.53
CA VAL A 101 1.60 7.11 -1.99
C VAL A 101 2.17 6.29 -0.86
N LEU A 102 3.27 5.57 -1.12
CA LEU A 102 3.91 4.74 -0.12
C LEU A 102 5.15 5.44 0.42
N ILE A 103 5.04 6.01 1.62
CA ILE A 103 6.14 6.71 2.24
C ILE A 103 7.08 5.70 2.90
N PHE A 104 8.38 5.77 2.55
CA PHE A 104 9.36 4.87 3.10
C PHE A 104 10.29 5.63 4.04
N SER A 105 10.24 5.30 5.33
CA SER A 105 11.07 5.96 6.32
C SER A 105 11.68 4.92 7.25
N ALA A 106 12.92 5.13 7.66
CA ALA A 106 13.61 4.22 8.55
C ALA A 106 12.67 3.77 9.66
N ILE A 107 11.63 4.57 9.91
CA ILE A 107 10.66 4.26 10.95
C ILE A 107 10.08 2.87 10.71
N GLN A 1 -14.43 10.22 -6.70
CA GLN A 1 -15.05 10.80 -5.53
C GLN A 1 -15.40 9.70 -4.54
N LEU A 2 -16.70 9.54 -4.26
CA LEU A 2 -17.16 8.52 -3.32
C LEU A 2 -16.55 8.77 -1.95
N PRO A 3 -17.08 8.10 -0.92
CA PRO A 3 -16.64 8.20 0.44
C PRO A 3 -15.30 7.50 0.60
N ARG A 4 -15.19 6.29 0.07
CA ARG A 4 -13.97 5.52 0.15
C ARG A 4 -13.54 5.07 -1.25
N LEU A 5 -12.38 5.55 -1.69
CA LEU A 5 -11.86 5.21 -3.01
C LEU A 5 -10.38 4.88 -2.91
N CYS A 6 -9.98 3.72 -3.43
CA CYS A 6 -8.59 3.31 -3.39
C CYS A 6 -8.22 2.66 -4.72
N LYS A 7 -6.92 2.65 -5.04
CA LYS A 7 -6.44 2.06 -6.28
C LYS A 7 -6.42 0.54 -6.15
N PHE A 8 -6.95 -0.14 -7.16
CA PHE A 8 -6.98 -1.59 -7.17
C PHE A 8 -6.19 -2.13 -8.35
N CYS A 9 -4.87 -2.20 -8.18
CA CYS A 9 -4.00 -2.70 -9.24
C CYS A 9 -3.24 -3.93 -8.74
N ASP A 10 -3.00 -4.88 -9.64
CA ASP A 10 -2.30 -6.10 -9.29
C ASP A 10 -0.83 -5.78 -9.04
N VAL A 11 -0.09 -6.74 -8.45
CA VAL A 11 1.32 -6.56 -8.17
C VAL A 11 2.13 -6.75 -9.44
N LYS A 12 2.73 -5.66 -9.93
CA LYS A 12 3.54 -5.72 -11.14
C LYS A 12 4.81 -4.90 -10.95
N ALA A 13 5.82 -5.17 -11.78
CA ALA A 13 7.09 -4.47 -11.69
C ALA A 13 6.85 -2.97 -11.59
N THR A 14 7.23 -2.38 -10.46
CA THR A 14 7.05 -0.96 -10.24
C THR A 14 8.41 -0.27 -10.24
N THR A 15 8.38 1.07 -10.34
CA THR A 15 9.61 1.85 -10.35
C THR A 15 9.63 2.79 -9.15
N CYS A 16 8.84 2.46 -8.12
CA CYS A 16 8.77 3.27 -6.92
C CYS A 16 9.89 2.87 -5.97
N SER A 17 10.53 3.86 -5.35
CA SER A 17 11.61 3.61 -4.41
C SER A 17 11.15 3.90 -3.00
N ASN A 18 11.76 3.21 -2.02
CA ASN A 18 11.41 3.40 -0.63
C ASN A 18 11.74 4.81 -0.18
N GLN A 19 11.03 5.80 -0.75
CA GLN A 19 11.26 7.19 -0.40
C GLN A 19 10.16 7.68 0.53
N ASP A 20 10.39 8.83 1.16
CA ASP A 20 9.42 9.41 2.07
C ASP A 20 8.03 9.33 1.47
N GLN A 21 7.94 9.46 0.14
CA GLN A 21 6.67 9.40 -0.56
C GLN A 21 6.84 8.65 -1.87
N CYS A 22 5.94 7.71 -2.13
CA CYS A 22 5.98 6.92 -3.34
C CYS A 22 4.57 6.76 -3.91
N THR A 23 4.48 6.35 -5.18
CA THR A 23 3.19 6.16 -5.82
C THR A 23 2.98 4.69 -6.13
N SER A 24 1.71 4.28 -6.23
CA SER A 24 1.37 2.89 -6.52
C SER A 24 1.47 2.65 -8.01
N ASN A 25 1.37 3.72 -8.81
CA ASN A 25 1.45 3.61 -10.25
C ASN A 25 0.18 2.96 -10.80
N CYS A 26 -0.76 2.67 -9.90
CA CYS A 26 -2.01 2.04 -10.29
C CYS A 26 -2.82 3.01 -11.15
N ASN A 27 -3.82 2.49 -11.87
CA ASN A 27 -4.66 3.31 -12.72
C ASN A 27 -6.09 2.82 -12.65
N ILE A 28 -6.48 2.27 -11.50
CA ILE A 28 -7.84 1.77 -11.30
C ILE A 28 -8.44 2.40 -10.06
N THR A 29 -9.77 2.61 -10.07
CA THR A 29 -10.45 3.20 -8.95
C THR A 29 -11.50 2.23 -8.41
N SER A 30 -11.17 1.57 -7.30
CA SER A 30 -12.08 0.63 -6.68
C SER A 30 -12.85 1.30 -5.56
N ILE A 31 -14.18 1.11 -5.54
CA ILE A 31 -15.03 1.70 -4.51
C ILE A 31 -15.10 0.77 -3.31
N CYS A 32 -14.97 1.33 -2.12
CA CYS A 32 -15.03 0.55 -0.89
C CYS A 32 -16.10 1.10 0.03
N GLU A 33 -17.17 1.64 -0.56
CA GLU A 33 -18.27 2.21 0.21
C GLU A 33 -19.26 1.11 0.58
N LYS A 34 -19.09 -0.08 0.01
CA LYS A 34 -19.96 -1.19 0.28
C LYS A 34 -19.59 -1.85 1.59
N ASN A 35 -18.72 -1.18 2.36
CA ASN A 35 -18.28 -1.69 3.65
C ASN A 35 -17.23 -0.76 4.25
N ASN A 36 -16.70 -1.13 5.41
CA ASN A 36 -15.69 -0.35 6.08
C ASN A 36 -14.32 -0.63 5.48
N GLU A 37 -14.32 -1.15 4.24
CA GLU A 37 -13.08 -1.46 3.56
C GLU A 37 -12.11 -0.29 3.68
N VAL A 38 -10.83 -0.55 3.39
CA VAL A 38 -9.82 0.48 3.46
C VAL A 38 -8.83 0.31 2.31
N CYS A 39 -7.98 1.32 2.10
CA CYS A 39 -6.99 1.28 1.03
C CYS A 39 -5.70 0.70 1.57
N ALA A 40 -5.20 -0.36 0.92
CA ALA A 40 -3.96 -1.00 1.32
C ALA A 40 -3.02 -1.08 0.14
N ALA A 41 -1.84 -0.46 0.27
CA ALA A 41 -0.85 -0.46 -0.79
C ALA A 41 0.48 -1.00 -0.25
N VAL A 42 0.97 -2.09 -0.86
CA VAL A 42 2.22 -2.69 -0.44
C VAL A 42 3.18 -2.73 -1.61
N TRP A 43 4.41 -2.24 -1.39
CA TRP A 43 5.43 -2.22 -2.43
C TRP A 43 6.55 -3.20 -2.08
N ARG A 44 6.75 -4.20 -2.93
CA ARG A 44 7.79 -5.19 -2.71
C ARG A 44 8.96 -4.93 -3.64
N ARG A 45 10.17 -5.25 -3.18
CA ARG A 45 11.37 -5.05 -3.98
C ARG A 45 12.33 -6.22 -3.78
N ASN A 46 12.46 -7.05 -4.82
CA ASN A 46 13.35 -8.20 -4.76
C ASN A 46 14.56 -7.98 -5.65
N ASP A 47 15.75 -8.22 -5.10
CA ASP A 47 16.98 -8.03 -5.84
C ASP A 47 16.92 -6.74 -6.64
N GLU A 48 16.60 -6.85 -7.94
CA GLU A 48 16.51 -5.69 -8.80
C GLU A 48 15.12 -5.60 -9.39
N ASN A 49 14.18 -6.37 -8.84
CA ASN A 49 12.81 -6.37 -9.32
C ASN A 49 11.86 -6.01 -8.17
N VAL A 50 11.11 -4.93 -8.35
CA VAL A 50 10.16 -4.49 -7.33
C VAL A 50 8.76 -4.47 -7.91
N THR A 51 7.78 -4.93 -7.13
CA THR A 51 6.40 -4.96 -7.57
C THR A 51 5.54 -4.09 -6.66
N LEU A 52 4.47 -3.53 -7.21
CA LEU A 52 3.58 -2.67 -6.45
C LEU A 52 2.16 -3.24 -6.50
N GLU A 53 1.59 -3.53 -5.32
CA GLU A 53 0.25 -4.07 -5.23
C GLU A 53 -0.65 -3.11 -4.47
N THR A 54 -1.76 -2.72 -5.08
CA THR A 54 -2.69 -1.81 -4.45
C THR A 54 -4.10 -2.38 -4.54
N ILE A 55 -4.79 -2.46 -3.40
CA ILE A 55 -6.15 -2.97 -3.35
C ILE A 55 -6.78 -2.61 -2.01
N CYS A 56 -8.06 -2.97 -1.85
CA CYS A 56 -8.78 -2.68 -0.62
C CYS A 56 -8.63 -3.85 0.34
N HIS A 57 -7.58 -3.82 1.16
CA HIS A 57 -7.34 -4.87 2.13
C HIS A 57 -7.52 -4.34 3.54
N ASP A 58 -8.08 -5.19 4.42
CA ASP A 58 -8.32 -4.80 5.79
C ASP A 58 -7.01 -4.84 6.58
N PRO A 59 -6.68 -3.74 7.26
CA PRO A 59 -5.48 -3.60 8.04
C PRO A 59 -5.61 -4.42 9.32
N GLN A 60 -6.50 -5.42 9.30
CA GLN A 60 -6.73 -6.27 10.46
C GLN A 60 -6.00 -7.58 10.27
N LYS A 61 -6.01 -8.12 9.05
CA LYS A 61 -5.34 -9.37 8.75
C LYS A 61 -3.87 -9.12 8.45
N ARG A 62 -3.03 -10.09 8.78
CA ARG A 62 -1.59 -9.97 8.54
C ARG A 62 -1.27 -10.37 7.10
N LEU A 63 -0.81 -9.41 6.30
CA LEU A 63 -0.48 -9.67 4.92
C LEU A 63 1.03 -9.80 4.77
N TYR A 64 1.48 -10.80 4.00
CA TYR A 64 2.89 -11.02 3.79
C TYR A 64 3.62 -11.06 5.13
N GLY A 65 2.87 -11.36 6.20
CA GLY A 65 3.46 -11.43 7.53
C GLY A 65 3.65 -10.04 8.09
N HIS A 66 2.97 -9.05 7.50
CA HIS A 66 3.08 -7.67 7.94
C HIS A 66 1.71 -7.14 8.32
N MET A 67 1.64 -6.44 9.46
CA MET A 67 0.38 -5.87 9.94
C MET A 67 0.48 -4.36 9.98
N LEU A 68 -0.28 -3.68 9.13
CA LEU A 68 -0.28 -2.23 9.07
C LEU A 68 -1.42 -1.68 9.94
N ASP A 69 -1.06 -0.92 10.96
CA ASP A 69 -2.04 -0.33 11.86
C ASP A 69 -1.85 1.17 11.92
N ASP A 70 -2.40 1.89 10.94
CA ASP A 70 -2.29 3.33 10.89
C ASP A 70 -2.98 3.86 9.65
N SER A 71 -4.27 3.57 9.51
CA SER A 71 -5.05 4.01 8.37
C SER A 71 -5.90 5.22 8.76
N SER A 72 -5.75 5.68 10.00
CA SER A 72 -6.51 6.81 10.49
C SER A 72 -5.76 8.09 10.20
N SER A 73 -4.54 7.96 9.66
CA SER A 73 -3.72 9.11 9.33
C SER A 73 -3.94 9.52 7.88
N GLU A 74 -3.69 10.79 7.57
CA GLU A 74 -3.86 11.29 6.22
C GLU A 74 -2.79 10.70 5.31
N GLN A 75 -1.57 10.60 5.81
CA GLN A 75 -0.46 10.05 5.05
C GLN A 75 -0.19 8.62 5.47
N CYS A 76 -0.45 7.67 4.59
CA CYS A 76 -0.24 6.26 4.88
C CYS A 76 1.24 5.94 4.77
N VAL A 77 1.81 5.35 5.84
CA VAL A 77 3.21 4.99 5.84
C VAL A 77 3.36 3.49 6.05
N MET A 78 4.14 2.84 5.18
CA MET A 78 4.35 1.41 5.26
C MET A 78 5.65 1.12 6.01
N LYS A 79 5.55 0.42 7.13
CA LYS A 79 6.72 0.09 7.93
C LYS A 79 7.42 -1.13 7.33
N GLU A 80 8.74 -1.03 7.16
CA GLU A 80 9.52 -2.12 6.60
C GLU A 80 9.53 -3.29 7.57
N LYS A 81 9.06 -4.45 7.10
CA LYS A 81 9.03 -5.65 7.93
C LYS A 81 10.08 -6.64 7.45
N LYS A 82 10.51 -7.53 8.35
CA LYS A 82 11.51 -8.52 8.02
C LYS A 82 11.09 -9.28 6.78
N ASP A 83 11.73 -8.97 5.64
CA ASP A 83 11.43 -9.62 4.39
C ASP A 83 12.69 -10.26 3.81
N ASP A 84 12.75 -11.59 3.81
CA ASP A 84 13.89 -12.31 3.30
C ASP A 84 13.68 -12.64 1.84
N GLY A 85 14.66 -12.32 1.00
CA GLY A 85 14.57 -12.58 -0.43
C GLY A 85 14.12 -11.33 -1.17
N GLY A 86 13.68 -10.32 -0.42
CA GLY A 86 13.23 -9.08 -1.01
C GLY A 86 12.53 -8.23 0.03
N LEU A 87 12.46 -6.91 -0.21
CA LEU A 87 11.83 -5.99 0.70
C LEU A 87 10.34 -5.88 0.38
N MET A 88 9.51 -5.97 1.42
CA MET A 88 8.07 -5.89 1.23
C MET A 88 7.46 -4.98 2.30
N PHE A 89 6.91 -3.84 1.86
CA PHE A 89 6.30 -2.89 2.77
C PHE A 89 4.86 -2.64 2.37
N MET A 90 3.94 -2.69 3.34
CA MET A 90 2.54 -2.47 3.07
C MET A 90 2.00 -1.39 4.02
N CYS A 91 0.98 -0.67 3.57
CA CYS A 91 0.37 0.39 4.36
C CYS A 91 -1.13 0.40 4.14
N SER A 92 -1.87 0.93 5.12
CA SER A 92 -3.32 1.00 5.03
C SER A 92 -3.79 2.40 5.40
N CYS A 93 -4.92 2.82 4.82
CA CYS A 93 -5.47 4.13 5.08
C CYS A 93 -6.91 4.19 4.59
N THR A 94 -7.82 4.64 5.46
CA THR A 94 -9.22 4.75 5.11
C THR A 94 -9.44 5.96 4.21
N GLY A 95 -8.35 6.64 3.86
CA GLY A 95 -8.43 7.81 3.01
C GLY A 95 -8.71 7.40 1.57
N GLU A 96 -8.67 8.36 0.65
CA GLU A 96 -8.91 8.09 -0.76
C GLU A 96 -7.58 7.92 -1.49
N GLU A 97 -7.39 6.73 -2.08
CA GLU A 97 -6.17 6.44 -2.81
C GLU A 97 -4.97 6.66 -1.91
N CYS A 98 -5.21 7.11 -0.67
CA CYS A 98 -4.15 7.35 0.28
C CYS A 98 -3.15 6.21 0.24
N ASN A 99 -3.64 4.99 -0.01
CA ASN A 99 -2.80 3.82 -0.07
C ASN A 99 -1.91 3.88 -1.31
N ASP A 100 -2.50 4.25 -2.45
CA ASP A 100 -1.76 4.35 -3.70
C ASP A 100 -0.42 5.02 -3.45
N VAL A 101 -0.38 5.96 -2.50
CA VAL A 101 0.84 6.66 -2.18
C VAL A 101 1.53 5.98 -0.99
N LEU A 102 2.58 5.20 -1.28
CA LEU A 102 3.31 4.49 -0.25
C LEU A 102 4.43 5.38 0.27
N ILE A 103 4.40 5.67 1.58
CA ILE A 103 5.41 6.50 2.20
C ILE A 103 6.47 5.62 2.87
N PHE A 104 7.74 5.90 2.58
CA PHE A 104 8.83 5.13 3.16
C PHE A 104 9.70 6.03 4.02
N SER A 105 9.73 5.79 5.32
CA SER A 105 10.53 6.58 6.24
C SER A 105 11.28 5.65 7.19
N ALA A 106 12.54 6.01 7.48
CA ALA A 106 13.36 5.21 8.38
C ALA A 106 14.10 6.13 9.34
N ILE A 107 13.53 7.30 9.62
CA ILE A 107 14.12 8.26 10.52
C ILE A 107 13.75 7.92 11.96
N GLN A 1 -20.56 6.49 -7.65
CA GLN A 1 -20.97 7.44 -6.62
C GLN A 1 -19.75 8.11 -6.04
N LEU A 2 -19.87 8.62 -4.80
CA LEU A 2 -18.78 9.28 -4.13
C LEU A 2 -18.44 8.56 -2.84
N PRO A 3 -18.43 7.23 -2.89
CA PRO A 3 -18.12 6.37 -1.76
C PRO A 3 -16.64 6.45 -1.44
N ARG A 4 -16.06 5.33 -1.00
CA ARG A 4 -14.66 5.28 -0.66
C ARG A 4 -13.87 4.64 -1.80
N LEU A 5 -12.95 5.40 -2.38
CA LEU A 5 -12.13 4.90 -3.47
C LEU A 5 -10.75 4.49 -2.95
N CYS A 6 -10.18 3.43 -3.53
CA CYS A 6 -8.88 2.95 -3.13
C CYS A 6 -8.16 2.35 -4.33
N LYS A 7 -6.83 2.24 -4.24
CA LYS A 7 -6.04 1.69 -5.32
C LYS A 7 -6.21 0.18 -5.35
N PHE A 8 -6.74 -0.34 -6.46
CA PHE A 8 -6.96 -1.76 -6.62
C PHE A 8 -6.26 -2.26 -7.87
N CYS A 9 -4.93 -2.25 -7.87
CA CYS A 9 -4.15 -2.69 -9.01
C CYS A 9 -3.36 -3.94 -8.64
N ASP A 10 -3.11 -4.81 -9.62
CA ASP A 10 -2.37 -6.03 -9.40
C ASP A 10 -0.90 -5.70 -9.14
N VAL A 11 -0.15 -6.67 -8.63
CA VAL A 11 1.26 -6.48 -8.35
C VAL A 11 2.05 -6.60 -9.64
N LYS A 12 2.70 -5.50 -10.05
CA LYS A 12 3.49 -5.49 -11.26
C LYS A 12 4.82 -4.80 -10.99
N ALA A 13 5.80 -5.04 -11.86
CA ALA A 13 7.12 -4.44 -11.72
C ALA A 13 6.98 -2.93 -11.62
N THR A 14 7.32 -2.37 -10.45
CA THR A 14 7.23 -0.95 -10.23
C THR A 14 8.61 -0.33 -10.30
N THR A 15 8.67 1.00 -10.46
CA THR A 15 9.93 1.71 -10.54
C THR A 15 10.07 2.65 -9.35
N CYS A 16 9.31 2.40 -8.29
CA CYS A 16 9.35 3.22 -7.10
C CYS A 16 10.52 2.78 -6.21
N SER A 17 11.18 3.75 -5.58
CA SER A 17 12.30 3.47 -4.71
C SER A 17 11.90 3.69 -3.25
N ASN A 18 12.50 2.90 -2.35
CA ASN A 18 12.20 3.02 -0.93
C ASN A 18 12.63 4.39 -0.43
N GLN A 19 11.89 5.43 -0.83
CA GLN A 19 12.19 6.78 -0.40
C GLN A 19 11.05 7.33 0.44
N ASP A 20 11.29 8.46 1.12
CA ASP A 20 10.29 9.07 1.96
C ASP A 20 8.92 8.90 1.32
N GLN A 21 8.74 9.46 0.12
CA GLN A 21 7.48 9.37 -0.58
C GLN A 21 7.67 8.63 -1.90
N CYS A 22 6.73 7.74 -2.23
CA CYS A 22 6.81 6.97 -3.45
C CYS A 22 5.42 6.88 -4.09
N THR A 23 5.37 6.49 -5.36
CA THR A 23 4.12 6.37 -6.07
C THR A 23 3.85 4.91 -6.42
N SER A 24 2.57 4.54 -6.50
CA SER A 24 2.19 3.17 -6.81
C SER A 24 2.23 2.96 -8.31
N ASN A 25 2.13 4.05 -9.07
CA ASN A 25 2.16 3.99 -10.52
C ASN A 25 0.85 3.39 -11.04
N CYS A 26 0.04 2.86 -10.12
CA CYS A 26 -1.23 2.27 -10.49
C CYS A 26 -2.25 3.36 -10.76
N ASN A 27 -3.35 3.01 -11.44
CA ASN A 27 -4.40 3.97 -11.76
C ASN A 27 -5.75 3.27 -11.77
N ILE A 28 -6.20 2.83 -10.60
CA ILE A 28 -7.48 2.15 -10.48
C ILE A 28 -8.28 2.76 -9.33
N THR A 29 -9.60 2.76 -9.46
CA THR A 29 -10.47 3.31 -8.43
C THR A 29 -11.45 2.25 -7.97
N SER A 30 -11.19 1.65 -6.80
CA SER A 30 -12.05 0.64 -6.24
C SER A 30 -12.90 1.21 -5.13
N ILE A 31 -14.20 0.94 -5.16
CA ILE A 31 -15.12 1.44 -4.15
C ILE A 31 -15.07 0.53 -2.93
N CYS A 32 -15.05 1.13 -1.73
CA CYS A 32 -15.01 0.38 -0.50
C CYS A 32 -15.75 1.14 0.59
N GLU A 33 -16.91 1.69 0.26
CA GLU A 33 -17.70 2.45 1.21
C GLU A 33 -18.77 1.55 1.82
N LYS A 34 -18.92 0.34 1.28
CA LYS A 34 -19.90 -0.61 1.77
C LYS A 34 -19.36 -1.29 3.02
N ASN A 35 -18.41 -0.65 3.71
CA ASN A 35 -17.83 -1.19 4.91
C ASN A 35 -16.70 -0.30 5.40
N ASN A 36 -16.04 -0.72 6.48
CA ASN A 36 -14.95 0.05 7.04
C ASN A 36 -13.68 -0.22 6.25
N GLU A 37 -13.82 -0.70 5.01
CA GLU A 37 -12.68 -0.99 4.17
C GLU A 37 -11.82 0.25 4.00
N VAL A 38 -10.58 0.06 3.55
CA VAL A 38 -9.66 1.16 3.35
C VAL A 38 -8.71 0.84 2.20
N CYS A 39 -7.97 1.84 1.74
CA CYS A 39 -7.02 1.66 0.65
C CYS A 39 -5.65 1.34 1.22
N ALA A 40 -5.08 0.21 0.78
CA ALA A 40 -3.77 -0.21 1.25
C ALA A 40 -2.96 -0.75 0.08
N ALA A 41 -1.69 -0.37 0.01
CA ALA A 41 -0.81 -0.81 -1.06
C ALA A 41 0.50 -1.31 -0.47
N VAL A 42 0.96 -2.48 -0.95
CA VAL A 42 2.19 -3.06 -0.47
C VAL A 42 3.22 -3.09 -1.60
N TRP A 43 4.34 -2.37 -1.41
CA TRP A 43 5.38 -2.32 -2.41
C TRP A 43 6.54 -3.20 -1.98
N ARG A 44 6.91 -4.17 -2.83
CA ARG A 44 8.01 -5.07 -2.53
C ARG A 44 9.13 -4.87 -3.54
N ARG A 45 10.36 -5.17 -3.13
CA ARG A 45 11.51 -5.02 -4.00
C ARG A 45 12.48 -6.18 -3.78
N ASN A 46 12.55 -7.08 -4.76
CA ASN A 46 13.44 -8.23 -4.67
C ASN A 46 14.57 -8.09 -5.68
N ASP A 47 15.82 -8.25 -5.21
CA ASP A 47 16.98 -8.14 -6.06
C ASP A 47 16.82 -6.95 -7.00
N GLU A 48 16.40 -7.21 -8.24
CA GLU A 48 16.21 -6.16 -9.22
C GLU A 48 14.79 -6.21 -9.75
N ASN A 49 13.89 -6.85 -9.01
CA ASN A 49 12.50 -6.95 -9.41
C ASN A 49 11.60 -6.38 -8.32
N VAL A 50 11.19 -5.13 -8.49
CA VAL A 50 10.32 -4.46 -7.54
C VAL A 50 8.89 -4.47 -8.04
N THR A 51 7.98 -5.00 -7.23
CA THR A 51 6.57 -5.06 -7.59
C THR A 51 5.73 -4.33 -6.56
N LEU A 52 4.69 -3.62 -7.03
CA LEU A 52 3.82 -2.88 -6.15
C LEU A 52 2.38 -3.35 -6.33
N GLU A 53 1.69 -3.59 -5.22
CA GLU A 53 0.31 -4.05 -5.27
C GLU A 53 -0.58 -3.08 -4.50
N THR A 54 -1.78 -2.81 -5.03
CA THR A 54 -2.71 -1.91 -4.39
C THR A 54 -4.10 -2.54 -4.37
N ILE A 55 -4.76 -2.47 -3.21
CA ILE A 55 -6.09 -3.03 -3.06
C ILE A 55 -6.66 -2.64 -1.69
N CYS A 56 -7.94 -2.91 -1.49
CA CYS A 56 -8.60 -2.59 -0.23
C CYS A 56 -8.35 -3.70 0.77
N HIS A 57 -7.28 -3.56 1.56
CA HIS A 57 -6.93 -4.56 2.56
C HIS A 57 -7.27 -4.04 3.95
N ASP A 58 -7.60 -4.94 4.87
CA ASP A 58 -7.95 -4.58 6.22
C ASP A 58 -6.69 -4.53 7.08
N PRO A 59 -6.53 -3.44 7.85
CA PRO A 59 -5.41 -3.22 8.73
C PRO A 59 -5.51 -4.15 9.93
N GLN A 60 -6.34 -5.19 9.81
CA GLN A 60 -6.52 -6.14 10.89
C GLN A 60 -5.70 -7.40 10.61
N LYS A 61 -5.82 -7.92 9.39
CA LYS A 61 -5.09 -9.12 9.01
C LYS A 61 -3.70 -8.75 8.53
N ARG A 62 -2.73 -9.64 8.74
CA ARG A 62 -1.36 -9.41 8.34
C ARG A 62 -1.14 -9.93 6.93
N LEU A 63 -0.79 -9.02 6.02
CA LEU A 63 -0.55 -9.38 4.63
C LEU A 63 0.92 -9.68 4.42
N TYR A 64 1.21 -10.74 3.67
CA TYR A 64 2.58 -11.13 3.39
C TYR A 64 3.35 -11.23 4.69
N GLY A 65 2.65 -11.54 5.78
CA GLY A 65 3.28 -11.67 7.08
C GLY A 65 3.70 -10.30 7.60
N HIS A 66 3.09 -9.24 7.06
CA HIS A 66 3.40 -7.89 7.47
C HIS A 66 2.24 -7.30 8.26
N MET A 67 2.54 -6.32 9.13
CA MET A 67 1.52 -5.69 9.94
C MET A 67 1.15 -4.34 9.34
N LEU A 68 -0.14 -4.14 9.07
CA LEU A 68 -0.60 -2.89 8.49
C LEU A 68 -1.14 -1.99 9.60
N ASP A 69 -0.55 -0.80 9.73
CA ASP A 69 -0.97 0.14 10.75
C ASP A 69 -1.14 1.52 10.13
N ASP A 70 -1.86 2.41 10.83
CA ASP A 70 -2.10 3.75 10.33
C ASP A 70 -3.22 3.72 9.30
N SER A 71 -4.32 3.03 9.63
CA SER A 71 -5.45 2.94 8.73
C SER A 71 -6.27 4.22 8.80
N SER A 72 -6.38 4.80 9.99
CA SER A 72 -7.12 6.03 10.18
C SER A 72 -6.25 7.22 9.83
N SER A 73 -4.98 6.96 9.51
CA SER A 73 -4.05 8.01 9.16
C SER A 73 -4.31 8.49 7.73
N GLU A 74 -4.35 9.80 7.54
CA GLU A 74 -4.60 10.38 6.23
C GLU A 74 -3.40 10.11 5.31
N GLN A 75 -2.19 10.22 5.87
CA GLN A 75 -0.98 10.00 5.10
C GLN A 75 -0.56 8.54 5.22
N CYS A 76 -0.75 7.77 4.15
CA CYS A 76 -0.40 6.36 4.14
C CYS A 76 1.11 6.22 4.15
N VAL A 77 1.64 5.44 5.09
CA VAL A 77 3.07 5.21 5.22
C VAL A 77 3.37 3.73 5.05
N MET A 78 4.44 3.43 4.30
CA MET A 78 4.84 2.06 4.07
C MET A 78 5.83 1.61 5.13
N LYS A 79 5.48 0.57 5.90
CA LYS A 79 6.33 0.06 6.94
C LYS A 79 7.21 -1.06 6.39
N GLU A 80 8.38 -1.26 6.99
CA GLU A 80 9.30 -2.30 6.56
C GLU A 80 9.06 -3.56 7.37
N LYS A 81 8.80 -4.67 6.67
CA LYS A 81 8.57 -5.95 7.32
C LYS A 81 9.67 -6.94 6.95
N LYS A 82 9.86 -7.95 7.79
CA LYS A 82 10.88 -8.95 7.54
C LYS A 82 10.55 -9.73 6.28
N ASP A 83 11.26 -9.43 5.19
CA ASP A 83 11.04 -10.10 3.92
C ASP A 83 12.34 -10.74 3.44
N ASP A 84 12.30 -12.06 3.21
CA ASP A 84 13.47 -12.79 2.75
C ASP A 84 13.48 -12.85 1.24
N GLY A 85 14.59 -12.44 0.63
CA GLY A 85 14.72 -12.46 -0.82
C GLY A 85 14.44 -11.06 -1.38
N GLY A 86 13.91 -10.18 -0.54
CA GLY A 86 13.60 -8.82 -0.95
C GLY A 86 12.84 -8.09 0.14
N LEU A 87 12.63 -6.79 -0.05
CA LEU A 87 11.92 -5.99 0.92
C LEU A 87 10.47 -5.79 0.47
N MET A 88 9.54 -5.90 1.40
CA MET A 88 8.12 -5.74 1.10
C MET A 88 7.46 -4.88 2.16
N PHE A 89 6.93 -3.72 1.74
CA PHE A 89 6.28 -2.81 2.66
C PHE A 89 4.78 -2.79 2.38
N MET A 90 3.97 -2.64 3.43
CA MET A 90 2.53 -2.61 3.28
C MET A 90 1.96 -1.41 4.04
N CYS A 91 1.06 -0.68 3.40
CA CYS A 91 0.44 0.48 4.01
C CYS A 91 -1.05 0.50 3.70
N SER A 92 -1.83 1.19 4.53
CA SER A 92 -3.26 1.28 4.35
C SER A 92 -3.73 2.71 4.62
N CYS A 93 -5.00 2.98 4.34
CA CYS A 93 -5.57 4.30 4.56
C CYS A 93 -6.99 4.35 4.00
N THR A 94 -7.93 4.83 4.80
CA THR A 94 -9.31 4.94 4.37
C THR A 94 -9.48 6.11 3.42
N GLY A 95 -8.40 6.85 3.20
CA GLY A 95 -8.42 8.01 2.31
C GLY A 95 -8.77 7.57 0.90
N GLU A 96 -8.44 8.40 -0.09
CA GLU A 96 -8.71 8.10 -1.47
C GLU A 96 -7.42 7.73 -2.19
N GLU A 97 -7.36 6.50 -2.72
CA GLU A 97 -6.19 6.04 -3.43
C GLU A 97 -4.93 6.48 -2.70
N CYS A 98 -5.06 6.75 -1.39
CA CYS A 98 -3.93 7.17 -0.58
C CYS A 98 -2.87 6.09 -0.58
N ASN A 99 -3.26 4.86 -0.87
CA ASN A 99 -2.34 3.73 -0.90
C ASN A 99 -1.38 3.88 -2.08
N ASP A 100 -1.84 4.57 -3.13
CA ASP A 100 -1.02 4.77 -4.31
C ASP A 100 0.30 5.41 -3.91
N VAL A 101 0.26 6.32 -2.94
CA VAL A 101 1.46 7.01 -2.49
C VAL A 101 2.07 6.24 -1.32
N LEU A 102 3.13 5.48 -1.59
CA LEU A 102 3.80 4.70 -0.57
C LEU A 102 4.93 5.52 0.04
N ILE A 103 4.85 5.79 1.34
CA ILE A 103 5.86 6.56 2.04
C ILE A 103 6.81 5.61 2.76
N PHE A 104 8.12 5.78 2.54
CA PHE A 104 9.12 4.95 3.17
C PHE A 104 10.00 5.79 4.09
N SER A 105 9.92 5.54 5.39
CA SER A 105 10.70 6.27 6.36
C SER A 105 11.31 5.31 7.38
N ALA A 106 12.63 5.34 7.52
CA ALA A 106 13.32 4.48 8.46
C ALA A 106 13.41 5.16 9.81
N ILE A 107 12.29 5.26 10.51
CA ILE A 107 12.25 5.88 11.82
C ILE A 107 10.92 5.57 12.50
N GLN A 1 -21.56 11.55 -1.86
CA GLN A 1 -20.87 11.50 -3.13
C GLN A 1 -19.73 10.50 -3.08
N LEU A 2 -18.62 10.81 -3.77
CA LEU A 2 -17.48 9.93 -3.80
C LEU A 2 -17.20 9.38 -2.40
N PRO A 3 -17.58 8.12 -2.17
CA PRO A 3 -17.40 7.44 -0.90
C PRO A 3 -15.92 7.12 -0.70
N ARG A 4 -15.62 5.83 -0.48
CA ARG A 4 -14.25 5.40 -0.28
C ARG A 4 -13.70 4.78 -1.56
N LEU A 5 -12.60 5.34 -2.07
CA LEU A 5 -11.99 4.84 -3.28
C LEU A 5 -10.57 4.37 -2.99
N CYS A 6 -10.14 3.32 -3.66
CA CYS A 6 -8.80 2.78 -3.48
C CYS A 6 -8.29 2.19 -4.78
N LYS A 7 -6.96 2.11 -4.94
CA LYS A 7 -6.37 1.57 -6.14
C LYS A 7 -6.34 0.04 -6.05
N PHE A 8 -7.02 -0.63 -6.98
CA PHE A 8 -7.07 -2.07 -7.01
C PHE A 8 -6.25 -2.60 -8.18
N CYS A 9 -4.92 -2.63 -8.02
CA CYS A 9 -4.04 -3.11 -9.06
C CYS A 9 -3.20 -4.27 -8.54
N ASP A 10 -2.93 -5.25 -9.40
CA ASP A 10 -2.14 -6.40 -9.02
C ASP A 10 -0.69 -6.00 -8.81
N VAL A 11 0.09 -6.88 -8.18
CA VAL A 11 1.49 -6.62 -7.93
C VAL A 11 2.31 -6.84 -9.20
N LYS A 12 2.88 -5.76 -9.73
CA LYS A 12 3.68 -5.84 -10.94
C LYS A 12 4.96 -5.02 -10.77
N ALA A 13 5.95 -5.29 -11.62
CA ALA A 13 7.21 -4.57 -11.56
C ALA A 13 6.95 -3.09 -11.39
N THR A 14 7.42 -2.53 -10.26
CA THR A 14 7.23 -1.12 -9.99
C THR A 14 8.58 -0.45 -9.77
N THR A 15 8.80 0.68 -10.44
CA THR A 15 10.05 1.41 -10.31
C THR A 15 9.98 2.34 -9.11
N CYS A 16 9.02 2.12 -8.23
CA CYS A 16 8.84 2.94 -7.04
C CYS A 16 10.09 2.85 -6.17
N SER A 17 10.50 3.98 -5.58
CA SER A 17 11.66 4.01 -4.72
C SER A 17 11.23 4.18 -3.28
N ASN A 18 11.90 3.48 -2.36
CA ASN A 18 11.59 3.57 -0.95
C ASN A 18 11.93 4.96 -0.42
N GLN A 19 11.47 5.99 -1.15
CA GLN A 19 11.72 7.37 -0.75
C GLN A 19 10.62 7.84 0.17
N ASP A 20 10.85 8.98 0.84
CA ASP A 20 9.86 9.54 1.74
C ASP A 20 8.47 9.43 1.14
N GLN A 21 8.37 9.69 -0.16
CA GLN A 21 7.09 9.62 -0.85
C GLN A 21 7.25 8.81 -2.13
N CYS A 22 6.30 7.90 -2.38
CA CYS A 22 6.34 7.07 -3.56
C CYS A 22 4.93 6.94 -4.15
N THR A 23 4.82 6.37 -5.34
CA THR A 23 3.54 6.20 -6.00
C THR A 23 3.21 4.71 -6.12
N SER A 24 1.93 4.39 -6.23
CA SER A 24 1.49 3.01 -6.35
C SER A 24 1.64 2.55 -7.80
N ASN A 25 1.65 3.51 -8.74
CA ASN A 25 1.79 3.20 -10.13
C ASN A 25 0.51 2.55 -10.65
N CYS A 26 -0.44 2.30 -9.74
CA CYS A 26 -1.70 1.70 -10.11
C CYS A 26 -2.50 2.65 -10.99
N ASN A 27 -3.51 2.12 -11.68
CA ASN A 27 -4.34 2.93 -12.55
C ASN A 27 -5.78 2.44 -12.50
N ILE A 28 -6.16 1.85 -11.37
CA ILE A 28 -7.51 1.34 -11.20
C ILE A 28 -8.16 2.00 -9.99
N THR A 29 -9.48 2.20 -10.06
CA THR A 29 -10.22 2.83 -8.97
C THR A 29 -11.33 1.90 -8.50
N SER A 30 -11.10 1.24 -7.36
CA SER A 30 -12.09 0.33 -6.80
C SER A 30 -12.94 1.05 -5.77
N ILE A 31 -14.26 0.93 -5.90
CA ILE A 31 -15.19 1.57 -4.99
C ILE A 31 -15.31 0.74 -3.72
N CYS A 32 -15.29 1.39 -2.56
CA CYS A 32 -15.40 0.71 -1.29
C CYS A 32 -16.36 1.48 -0.38
N GLU A 33 -17.51 1.88 -0.92
CA GLU A 33 -18.49 2.62 -0.15
C GLU A 33 -19.12 1.71 0.90
N LYS A 34 -18.80 0.41 0.83
CA LYS A 34 -19.33 -0.56 1.77
C LYS A 34 -18.59 -0.45 3.10
N ASN A 35 -17.53 0.37 3.14
CA ASN A 35 -16.76 0.56 4.34
C ASN A 35 -16.23 -0.78 4.83
N ASN A 36 -16.63 -1.86 4.16
CA ASN A 36 -16.20 -3.20 4.53
C ASN A 36 -14.82 -3.47 3.97
N GLU A 37 -14.08 -2.39 3.65
CA GLU A 37 -12.74 -2.52 3.11
C GLU A 37 -12.07 -1.16 3.06
N VAL A 38 -10.76 -1.13 3.28
CA VAL A 38 -10.00 0.10 3.26
C VAL A 38 -8.97 0.07 2.14
N CYS A 39 -8.36 1.22 1.84
CA CYS A 39 -7.36 1.31 0.79
C CYS A 39 -5.98 1.03 1.37
N ALA A 40 -5.29 0.04 0.80
CA ALA A 40 -3.96 -0.33 1.25
C ALA A 40 -3.09 -0.69 0.06
N ALA A 41 -1.82 -0.27 0.10
CA ALA A 41 -0.89 -0.56 -0.98
C ALA A 41 0.40 -1.11 -0.41
N VAL A 42 0.82 -2.28 -0.89
CA VAL A 42 2.04 -2.91 -0.43
C VAL A 42 3.07 -2.93 -1.56
N TRP A 43 4.22 -2.28 -1.32
CA TRP A 43 5.28 -2.23 -2.32
C TRP A 43 6.42 -3.14 -1.90
N ARG A 44 6.71 -4.16 -2.71
CA ARG A 44 7.78 -5.08 -2.43
C ARG A 44 8.96 -4.82 -3.34
N ARG A 45 10.17 -5.14 -2.88
CA ARG A 45 11.37 -4.93 -3.67
C ARG A 45 12.35 -6.06 -3.42
N ASN A 46 12.51 -6.94 -4.41
CA ASN A 46 13.42 -8.07 -4.30
C ASN A 46 14.60 -7.88 -5.23
N ASP A 47 15.82 -8.04 -4.70
CA ASP A 47 17.03 -7.89 -5.49
C ASP A 47 16.89 -6.68 -6.41
N GLU A 48 16.55 -6.92 -7.67
CA GLU A 48 16.39 -5.85 -8.64
C GLU A 48 15.00 -5.91 -9.24
N ASN A 49 14.09 -6.65 -8.60
CA ASN A 49 12.73 -6.77 -9.08
C ASN A 49 11.76 -6.25 -8.03
N VAL A 50 11.32 -4.99 -8.20
CA VAL A 50 10.40 -4.39 -7.26
C VAL A 50 8.99 -4.44 -7.83
N THR A 51 8.01 -4.83 -7.00
CA THR A 51 6.63 -4.91 -7.43
C THR A 51 5.74 -4.17 -6.44
N LEU A 52 4.77 -3.42 -6.97
CA LEU A 52 3.85 -2.66 -6.15
C LEU A 52 2.45 -3.23 -6.27
N GLU A 53 1.78 -3.41 -5.13
CA GLU A 53 0.43 -3.96 -5.11
C GLU A 53 -0.51 -2.98 -4.43
N THR A 54 -1.68 -2.77 -5.02
CA THR A 54 -2.67 -1.87 -4.46
C THR A 54 -4.06 -2.49 -4.56
N ILE A 55 -4.80 -2.45 -3.45
CA ILE A 55 -6.14 -3.01 -3.42
C ILE A 55 -6.84 -2.57 -2.14
N CYS A 56 -8.14 -2.84 -2.05
CA CYS A 56 -8.92 -2.48 -0.89
C CYS A 56 -8.74 -3.53 0.20
N HIS A 57 -7.61 -3.46 0.91
CA HIS A 57 -7.32 -4.41 1.97
C HIS A 57 -7.59 -3.76 3.32
N ASP A 58 -7.99 -4.58 4.30
CA ASP A 58 -8.27 -4.08 5.64
C ASP A 58 -7.00 -4.10 6.47
N PRO A 59 -6.72 -2.99 7.17
CA PRO A 59 -5.55 -2.83 8.02
C PRO A 59 -5.72 -3.66 9.28
N GLN A 60 -6.61 -4.66 9.22
CA GLN A 60 -6.86 -5.52 10.35
C GLN A 60 -6.11 -6.84 10.19
N LYS A 61 -6.21 -7.44 9.00
CA LYS A 61 -5.55 -8.69 8.71
C LYS A 61 -4.12 -8.42 8.27
N ARG A 62 -3.25 -9.41 8.45
CA ARG A 62 -1.85 -9.29 8.06
C ARG A 62 -1.67 -9.75 6.62
N LEU A 63 -1.01 -8.92 5.80
CA LEU A 63 -0.78 -9.26 4.41
C LEU A 63 0.66 -9.74 4.23
N TYR A 64 0.81 -10.89 3.58
CA TYR A 64 2.14 -11.46 3.35
C TYR A 64 2.91 -11.51 4.66
N GLY A 65 2.19 -11.57 5.78
CA GLY A 65 2.82 -11.62 7.08
C GLY A 65 3.25 -10.22 7.52
N HIS A 66 2.65 -9.20 6.90
CA HIS A 66 2.97 -7.82 7.22
C HIS A 66 1.80 -7.17 7.92
N MET A 67 2.08 -6.33 8.91
CA MET A 67 1.04 -5.64 9.66
C MET A 67 1.23 -4.14 9.54
N LEU A 68 0.16 -3.44 9.14
CA LEU A 68 0.20 -2.00 8.99
C LEU A 68 -0.89 -1.35 9.84
N ASP A 69 -0.66 -0.10 10.25
CA ASP A 69 -1.61 0.62 11.07
C ASP A 69 -1.64 2.08 10.67
N ASP A 70 -1.41 2.35 9.39
CA ASP A 70 -1.40 3.72 8.88
C ASP A 70 -2.69 3.98 8.10
N SER A 71 -3.68 3.11 8.27
CA SER A 71 -4.95 3.25 7.60
C SER A 71 -5.73 4.41 8.21
N SER A 72 -5.64 4.55 9.54
CA SER A 72 -6.33 5.60 10.25
C SER A 72 -5.58 6.92 10.08
N SER A 73 -4.35 6.85 9.58
CA SER A 73 -3.55 8.03 9.37
C SER A 73 -4.00 8.75 8.11
N GLU A 74 -3.63 10.02 7.98
CA GLU A 74 -4.00 10.81 6.82
C GLU A 74 -3.03 10.55 5.67
N GLN A 75 -1.97 9.79 5.95
CA GLN A 75 -0.98 9.46 4.94
C GLN A 75 -0.55 8.01 5.10
N CYS A 76 -0.36 7.32 3.96
CA CYS A 76 0.05 5.93 3.98
C CYS A 76 1.56 5.84 4.15
N VAL A 77 2.00 5.05 5.13
CA VAL A 77 3.42 4.89 5.39
C VAL A 77 3.85 3.47 5.04
N MET A 78 5.04 3.32 4.46
CA MET A 78 5.55 2.02 4.08
C MET A 78 6.33 1.41 5.24
N LYS A 79 5.87 0.25 5.72
CA LYS A 79 6.52 -0.43 6.82
C LYS A 79 7.35 -1.59 6.30
N GLU A 80 8.65 -1.59 6.61
CA GLU A 80 9.54 -2.64 6.17
C GLU A 80 9.32 -3.89 7.00
N LYS A 81 8.83 -4.96 6.36
CA LYS A 81 8.57 -6.21 7.05
C LYS A 81 9.67 -7.21 6.72
N LYS A 82 9.85 -8.20 7.60
CA LYS A 82 10.86 -9.22 7.40
C LYS A 82 10.49 -10.10 6.22
N ASP A 83 11.10 -9.87 5.07
CA ASP A 83 10.83 -10.64 3.88
C ASP A 83 12.13 -11.20 3.31
N ASP A 84 12.10 -12.47 2.89
CA ASP A 84 13.28 -13.12 2.34
C ASP A 84 13.28 -12.96 0.82
N GLY A 85 14.41 -12.49 0.27
CA GLY A 85 14.53 -12.30 -1.16
C GLY A 85 14.27 -10.85 -1.52
N GLY A 86 13.76 -10.08 -0.56
CA GLY A 86 13.47 -8.67 -0.78
C GLY A 86 12.69 -8.10 0.39
N LEU A 87 12.40 -6.80 0.34
CA LEU A 87 11.65 -6.14 1.39
C LEU A 87 10.23 -5.87 0.92
N MET A 88 9.25 -6.18 1.78
CA MET A 88 7.86 -5.98 1.45
C MET A 88 7.27 -4.89 2.34
N PHE A 89 6.83 -3.79 1.74
CA PHE A 89 6.25 -2.69 2.47
C PHE A 89 4.76 -2.63 2.23
N MET A 90 3.98 -2.52 3.30
CA MET A 90 2.53 -2.46 3.19
C MET A 90 2.01 -1.25 3.96
N CYS A 91 1.02 -0.56 3.38
CA CYS A 91 0.43 0.61 4.01
C CYS A 91 -1.05 0.64 3.73
N SER A 92 -1.84 1.10 4.72
CA SER A 92 -3.27 1.19 4.58
C SER A 92 -3.72 2.64 4.73
N CYS A 93 -4.95 2.93 4.28
CA CYS A 93 -5.50 4.27 4.37
C CYS A 93 -7.01 4.23 4.25
N THR A 94 -7.71 4.87 5.19
CA THR A 94 -9.16 4.90 5.17
C THR A 94 -9.65 6.05 4.31
N GLY A 95 -8.71 6.76 3.68
CA GLY A 95 -9.06 7.88 2.82
C GLY A 95 -9.30 7.40 1.40
N GLU A 96 -8.96 8.25 0.42
CA GLU A 96 -9.13 7.92 -0.97
C GLU A 96 -7.78 7.64 -1.61
N GLU A 97 -7.59 6.41 -2.11
CA GLU A 97 -6.34 6.03 -2.74
C GLU A 97 -5.16 6.62 -1.97
N CYS A 98 -5.38 6.90 -0.68
CA CYS A 98 -4.33 7.46 0.16
C CYS A 98 -3.16 6.49 0.24
N ASN A 99 -3.42 5.22 -0.06
CA ASN A 99 -2.39 4.20 -0.02
C ASN A 99 -1.56 4.24 -1.30
N ASP A 100 -2.18 4.69 -2.40
CA ASP A 100 -1.51 4.78 -3.68
C ASP A 100 -0.11 5.35 -3.48
N VAL A 101 0.01 6.36 -2.63
CA VAL A 101 1.29 6.99 -2.37
C VAL A 101 1.95 6.32 -1.17
N LEU A 102 2.97 5.50 -1.43
CA LEU A 102 3.68 4.80 -0.37
C LEU A 102 4.82 5.67 0.14
N ILE A 103 4.80 5.98 1.44
CA ILE A 103 5.82 6.80 2.06
C ILE A 103 6.86 5.91 2.73
N PHE A 104 8.14 6.16 2.44
CA PHE A 104 9.21 5.38 3.02
C PHE A 104 10.10 6.28 3.86
N SER A 105 10.12 6.03 5.18
CA SER A 105 10.93 6.82 6.09
C SER A 105 11.66 5.89 7.06
N ALA A 106 12.97 6.06 7.18
CA ALA A 106 13.76 5.25 8.07
C ALA A 106 13.47 5.61 9.52
N ILE A 107 13.51 6.91 9.83
CA ILE A 107 13.24 7.40 11.17
C ILE A 107 11.83 7.01 11.57
N GLN A 1 -20.79 6.28 -3.33
CA GLN A 1 -21.08 7.65 -3.72
C GLN A 1 -19.85 8.53 -3.51
N LEU A 2 -18.96 8.09 -2.62
CA LEU A 2 -17.75 8.84 -2.33
C LEU A 2 -17.11 8.30 -1.07
N PRO A 3 -17.05 6.97 -0.95
CA PRO A 3 -16.47 6.28 0.19
C PRO A 3 -14.95 6.41 0.15
N ARG A 4 -14.26 5.30 -0.10
CA ARG A 4 -12.81 5.30 -0.17
C ARG A 4 -12.36 4.98 -1.59
N LEU A 5 -11.62 5.90 -2.21
CA LEU A 5 -11.13 5.71 -3.55
C LEU A 5 -9.61 5.59 -3.54
N CYS A 6 -9.10 4.45 -4.00
CA CYS A 6 -7.67 4.21 -4.04
C CYS A 6 -7.34 3.24 -5.17
N LYS A 7 -6.06 3.19 -5.57
CA LYS A 7 -5.63 2.31 -6.63
C LYS A 7 -5.82 0.86 -6.22
N PHE A 8 -6.49 0.09 -7.08
CA PHE A 8 -6.75 -1.31 -6.80
C PHE A 8 -6.29 -2.17 -7.98
N CYS A 9 -4.98 -2.41 -8.06
CA CYS A 9 -4.41 -3.20 -9.13
C CYS A 9 -3.58 -4.33 -8.54
N ASP A 10 -3.32 -5.36 -9.34
CA ASP A 10 -2.54 -6.50 -8.89
C ASP A 10 -1.09 -6.09 -8.71
N VAL A 11 -0.30 -6.93 -8.04
CA VAL A 11 1.10 -6.66 -7.80
C VAL A 11 1.91 -6.95 -9.06
N LYS A 12 2.48 -5.91 -9.66
CA LYS A 12 3.28 -6.06 -10.86
C LYS A 12 4.59 -5.31 -10.72
N ALA A 13 5.58 -5.66 -11.54
CA ALA A 13 6.88 -5.02 -11.50
C ALA A 13 6.71 -3.51 -11.50
N THR A 14 6.98 -2.87 -10.36
CA THR A 14 6.85 -1.44 -10.24
C THR A 14 8.23 -0.79 -10.29
N THR A 15 8.26 0.53 -10.51
CA THR A 15 9.52 1.26 -10.57
C THR A 15 9.60 2.24 -9.41
N CYS A 16 8.78 2.03 -8.38
CA CYS A 16 8.77 2.90 -7.22
C CYS A 16 9.97 2.60 -6.34
N SER A 17 10.61 3.66 -5.82
CA SER A 17 11.77 3.49 -4.96
C SER A 17 11.38 3.81 -3.52
N ASN A 18 12.03 3.12 -2.57
CA ASN A 18 11.76 3.33 -1.16
C ASN A 18 12.19 4.73 -0.75
N GLN A 19 11.52 5.75 -1.29
CA GLN A 19 11.83 7.12 -0.98
C GLN A 19 10.80 7.70 -0.02
N ASP A 20 11.15 8.80 0.64
CA ASP A 20 10.25 9.43 1.59
C ASP A 20 8.84 9.47 1.01
N GLN A 21 8.73 9.60 -0.31
CA GLN A 21 7.45 9.65 -0.98
C GLN A 21 7.51 8.88 -2.29
N CYS A 22 6.51 8.04 -2.54
CA CYS A 22 6.46 7.25 -3.75
C CYS A 22 5.04 7.25 -4.30
N THR A 23 4.87 6.72 -5.52
CA THR A 23 3.56 6.66 -6.15
C THR A 23 3.11 5.22 -6.26
N SER A 24 1.80 5.01 -6.45
CA SER A 24 1.23 3.69 -6.57
C SER A 24 1.71 3.03 -7.86
N ASN A 25 2.10 3.86 -8.83
CA ASN A 25 2.57 3.36 -10.11
C ASN A 25 1.42 2.76 -10.90
N CYS A 26 0.27 2.60 -10.24
CA CYS A 26 -0.90 2.04 -10.88
C CYS A 26 -1.88 3.15 -11.23
N ASN A 27 -2.84 2.86 -12.11
CA ASN A 27 -3.83 3.83 -12.51
C ASN A 27 -5.22 3.21 -12.47
N ILE A 28 -5.66 2.80 -11.28
CA ILE A 28 -6.96 2.19 -11.10
C ILE A 28 -7.74 2.93 -10.02
N THR A 29 -9.07 2.92 -10.12
CA THR A 29 -9.91 3.60 -9.15
C THR A 29 -10.90 2.61 -8.56
N SER A 30 -10.71 2.26 -7.28
CA SER A 30 -11.59 1.33 -6.61
C SER A 30 -12.42 2.08 -5.55
N ILE A 31 -13.73 1.82 -5.54
CA ILE A 31 -14.62 2.46 -4.60
C ILE A 31 -14.97 1.49 -3.47
N CYS A 32 -14.68 1.88 -2.24
CA CYS A 32 -14.96 1.05 -1.08
C CYS A 32 -16.20 1.56 -0.37
N GLU A 33 -17.33 1.59 -1.08
CA GLU A 33 -18.58 2.05 -0.50
C GLU A 33 -19.07 1.05 0.53
N LYS A 34 -18.37 -0.07 0.67
CA LYS A 34 -18.74 -1.10 1.62
C LYS A 34 -18.37 -0.66 3.02
N ASN A 35 -17.64 0.45 3.13
CA ASN A 35 -17.22 0.97 4.42
C ASN A 35 -16.24 0.02 5.07
N ASN A 36 -16.52 -1.29 4.99
CA ASN A 36 -15.67 -2.30 5.57
C ASN A 36 -14.47 -2.55 4.66
N GLU A 37 -14.17 -1.59 3.79
CA GLU A 37 -13.05 -1.72 2.87
C GLU A 37 -12.20 -0.46 2.91
N VAL A 38 -10.90 -0.63 3.18
CA VAL A 38 -9.98 0.49 3.24
C VAL A 38 -8.94 0.37 2.14
N CYS A 39 -8.15 1.43 1.95
CA CYS A 39 -7.12 1.44 0.93
C CYS A 39 -5.81 0.90 1.51
N ALA A 40 -5.26 -0.13 0.87
CA ALA A 40 -4.02 -0.72 1.33
C ALA A 40 -3.10 -0.97 0.14
N ALA A 41 -1.86 -0.47 0.23
CA ALA A 41 -0.89 -0.64 -0.83
C ALA A 41 0.42 -1.13 -0.26
N VAL A 42 0.91 -2.27 -0.76
CA VAL A 42 2.15 -2.85 -0.29
C VAL A 42 3.17 -2.86 -1.42
N TRP A 43 4.31 -2.21 -1.22
CA TRP A 43 5.36 -2.17 -2.23
C TRP A 43 6.52 -3.05 -1.81
N ARG A 44 6.82 -4.06 -2.61
CA ARG A 44 7.90 -4.97 -2.32
C ARG A 44 9.01 -4.80 -3.36
N ARG A 45 10.26 -5.07 -2.96
CA ARG A 45 11.40 -4.94 -3.84
C ARG A 45 12.38 -6.07 -3.59
N ASN A 46 12.47 -7.01 -4.53
CA ASN A 46 13.37 -8.14 -4.40
C ASN A 46 14.54 -7.99 -5.38
N ASP A 47 15.75 -7.94 -4.84
CA ASP A 47 16.94 -7.80 -5.66
C ASP A 47 16.75 -6.66 -6.66
N GLU A 48 16.43 -7.01 -7.91
CA GLU A 48 16.22 -6.01 -8.94
C GLU A 48 14.78 -6.07 -9.43
N ASN A 49 13.92 -6.78 -8.69
CA ASN A 49 12.53 -6.91 -9.05
C ASN A 49 11.65 -6.32 -7.96
N VAL A 50 10.92 -5.24 -8.28
CA VAL A 50 10.06 -4.59 -7.33
C VAL A 50 8.61 -4.70 -7.79
N THR A 51 7.74 -5.21 -6.91
CA THR A 51 6.34 -5.37 -7.23
C THR A 51 5.50 -4.45 -6.35
N LEU A 52 4.51 -3.79 -6.96
CA LEU A 52 3.64 -2.89 -6.23
C LEU A 52 2.20 -3.41 -6.28
N GLU A 53 1.65 -3.72 -5.11
CA GLU A 53 0.28 -4.22 -5.03
C GLU A 53 -0.63 -3.15 -4.45
N THR A 54 -1.69 -2.82 -5.17
CA THR A 54 -2.65 -1.82 -4.71
C THR A 54 -4.05 -2.39 -4.71
N ILE A 55 -4.72 -2.29 -3.56
CA ILE A 55 -6.08 -2.80 -3.43
C ILE A 55 -6.72 -2.24 -2.17
N CYS A 56 -8.04 -2.32 -2.07
CA CYS A 56 -8.77 -1.82 -0.92
C CYS A 56 -8.91 -2.92 0.12
N HIS A 57 -7.85 -3.11 0.93
CA HIS A 57 -7.86 -4.14 1.95
C HIS A 57 -7.95 -3.48 3.33
N ASP A 58 -8.69 -4.13 4.25
CA ASP A 58 -8.85 -3.62 5.59
C ASP A 58 -7.57 -3.85 6.39
N PRO A 59 -7.12 -2.82 7.12
CA PRO A 59 -5.93 -2.87 7.94
C PRO A 59 -6.20 -3.72 9.18
N GLN A 60 -6.90 -4.84 9.00
CA GLN A 60 -7.22 -5.72 10.10
C GLN A 60 -6.26 -6.90 10.11
N LYS A 61 -6.25 -7.67 9.03
CA LYS A 61 -5.38 -8.83 8.93
C LYS A 61 -4.01 -8.40 8.42
N ARG A 62 -3.00 -9.24 8.65
CA ARG A 62 -1.65 -8.94 8.23
C ARG A 62 -1.42 -9.49 6.82
N LEU A 63 -0.94 -8.62 5.92
CA LEU A 63 -0.68 -9.03 4.55
C LEU A 63 0.75 -9.50 4.41
N TYR A 64 0.96 -10.60 3.69
CA TYR A 64 2.30 -11.14 3.48
C TYR A 64 3.00 -11.29 4.82
N GLY A 65 2.22 -11.47 5.89
CA GLY A 65 2.78 -11.62 7.22
C GLY A 65 3.12 -10.26 7.81
N HIS A 66 2.63 -9.19 7.18
CA HIS A 66 2.89 -7.84 7.63
C HIS A 66 1.60 -7.21 8.14
N MET A 67 1.71 -6.35 9.15
CA MET A 67 0.56 -5.67 9.71
C MET A 67 0.73 -4.17 9.61
N LEU A 68 -0.28 -3.50 9.06
CA LEU A 68 -0.24 -2.05 8.90
C LEU A 68 -0.27 -1.38 10.26
N ASP A 69 0.27 -0.17 10.35
CA ASP A 69 0.30 0.57 11.60
C ASP A 69 -1.11 1.00 11.98
N ASP A 70 -1.84 1.59 11.03
CA ASP A 70 -3.19 2.04 11.27
C ASP A 70 -3.64 2.96 10.14
N SER A 71 -4.57 2.50 9.32
CA SER A 71 -5.08 3.27 8.20
C SER A 71 -5.82 4.50 8.73
N SER A 72 -5.82 4.68 10.06
CA SER A 72 -6.47 5.81 10.67
C SER A 72 -5.65 7.06 10.47
N SER A 73 -4.48 6.92 9.85
CA SER A 73 -3.60 8.04 9.60
C SER A 73 -4.11 8.84 8.41
N GLU A 74 -3.66 10.08 8.28
CA GLU A 74 -4.08 10.94 7.20
C GLU A 74 -3.21 10.69 5.97
N GLN A 75 -2.15 9.90 6.15
CA GLN A 75 -1.25 9.58 5.06
C GLN A 75 -0.77 8.14 5.18
N CYS A 76 -0.58 7.47 4.04
CA CYS A 76 -0.13 6.09 4.03
C CYS A 76 1.39 6.05 4.01
N VAL A 77 1.98 5.29 4.94
CA VAL A 77 3.43 5.18 5.02
C VAL A 77 3.83 3.72 4.82
N MET A 78 4.93 3.50 4.10
CA MET A 78 5.42 2.16 3.85
C MET A 78 6.24 1.67 5.03
N LYS A 79 5.80 0.57 5.64
CA LYS A 79 6.49 0.01 6.79
C LYS A 79 7.35 -1.16 6.34
N GLU A 80 8.63 -1.17 6.75
CA GLU A 80 9.55 -2.23 6.39
C GLU A 80 9.32 -3.43 7.30
N LYS A 81 9.00 -4.58 6.70
CA LYS A 81 8.76 -5.80 7.45
C LYS A 81 9.82 -6.83 7.10
N LYS A 82 10.07 -7.77 8.02
CA LYS A 82 11.05 -8.82 7.80
C LYS A 82 10.72 -9.57 6.51
N ASP A 83 11.48 -9.26 5.45
CA ASP A 83 11.28 -9.91 4.17
C ASP A 83 12.57 -10.54 3.70
N ASP A 84 12.57 -11.87 3.53
CA ASP A 84 13.75 -12.59 3.09
C ASP A 84 13.73 -12.72 1.57
N GLY A 85 14.83 -12.33 0.93
CA GLY A 85 14.93 -12.41 -0.51
C GLY A 85 14.58 -11.07 -1.14
N GLY A 86 14.05 -10.15 -0.34
CA GLY A 86 13.68 -8.83 -0.82
C GLY A 86 12.98 -8.04 0.28
N LEU A 87 12.56 -6.81 -0.04
CA LEU A 87 11.88 -5.97 0.92
C LEU A 87 10.41 -5.86 0.56
N MET A 88 9.54 -5.87 1.58
CA MET A 88 8.11 -5.78 1.36
C MET A 88 7.50 -4.80 2.35
N PHE A 89 6.92 -3.71 1.83
CA PHE A 89 6.31 -2.70 2.67
C PHE A 89 4.80 -2.70 2.45
N MET A 90 4.03 -2.52 3.53
CA MET A 90 2.59 -2.50 3.44
C MET A 90 2.06 -1.28 4.18
N CYS A 91 1.09 -0.59 3.56
CA CYS A 91 0.50 0.60 4.14
C CYS A 91 -0.99 0.64 3.82
N SER A 92 -1.79 1.23 4.72
CA SER A 92 -3.22 1.33 4.53
C SER A 92 -3.67 2.76 4.79
N CYS A 93 -4.96 3.03 4.56
CA CYS A 93 -5.52 4.35 4.77
C CYS A 93 -6.95 4.39 4.27
N THR A 94 -7.84 5.02 5.04
CA THR A 94 -9.23 5.12 4.66
C THR A 94 -9.44 6.35 3.78
N GLY A 95 -8.35 7.05 3.47
CA GLY A 95 -8.42 8.24 2.65
C GLY A 95 -8.56 7.85 1.18
N GLU A 96 -8.28 8.81 0.28
CA GLU A 96 -8.38 8.56 -1.15
C GLU A 96 -6.98 8.47 -1.75
N GLU A 97 -6.71 7.36 -2.45
CA GLU A 97 -5.41 7.17 -3.08
C GLU A 97 -4.31 7.30 -2.03
N CYS A 98 -4.69 7.58 -0.78
CA CYS A 98 -3.74 7.72 0.29
C CYS A 98 -2.71 6.61 0.22
N ASN A 99 -3.15 5.39 -0.13
CA ASN A 99 -2.27 4.26 -0.24
C ASN A 99 -1.43 4.36 -1.50
N ASP A 100 -2.03 4.86 -2.57
CA ASP A 100 -1.34 5.02 -3.84
C ASP A 100 0.08 5.53 -3.59
N VAL A 101 0.20 6.54 -2.72
CA VAL A 101 1.49 7.12 -2.40
C VAL A 101 2.12 6.36 -1.24
N LEU A 102 3.18 5.59 -1.53
CA LEU A 102 3.86 4.82 -0.50
C LEU A 102 5.06 5.60 0.01
N ILE A 103 4.97 6.10 1.25
CA ILE A 103 6.04 6.87 1.85
C ILE A 103 7.04 5.91 2.50
N PHE A 104 8.32 6.06 2.14
CA PHE A 104 9.37 5.22 2.69
C PHE A 104 10.31 6.06 3.53
N SER A 105 10.35 5.79 4.84
CA SER A 105 11.22 6.51 5.75
C SER A 105 11.92 5.53 6.68
N ALA A 106 13.24 5.68 6.79
CA ALA A 106 14.03 4.80 7.65
C ALA A 106 13.74 5.12 9.11
N ILE A 107 13.41 6.38 9.40
CA ILE A 107 13.11 6.81 10.76
C ILE A 107 11.99 5.94 11.33
#